data_3GT0
# 
_entry.id   3GT0 
# 
_audit_conform.dict_name       mmcif_pdbx.dic 
_audit_conform.dict_version    5.397 
_audit_conform.dict_location   http://mmcif.pdb.org/dictionaries/ascii/mmcif_pdbx.dic 
# 
loop_
_database_2.database_id 
_database_2.database_code 
_database_2.pdbx_database_accession 
_database_2.pdbx_DOI 
PDB   3GT0         pdb_00003gt0 10.2210/pdb3gt0/pdb 
RCSB  RCSB052269   ?            ?                   
WWPDB D_1000052269 ?            ?                   
# 
loop_
_pdbx_audit_revision_history.ordinal 
_pdbx_audit_revision_history.data_content_type 
_pdbx_audit_revision_history.major_revision 
_pdbx_audit_revision_history.minor_revision 
_pdbx_audit_revision_history.revision_date 
1 'Structure model' 1 0 2009-04-21 
2 'Structure model' 1 1 2011-07-13 
3 'Structure model' 1 2 2017-11-01 
4 'Structure model' 1 3 2018-01-24 
5 'Structure model' 1 4 2024-10-16 
# 
_pdbx_audit_revision_details.ordinal             1 
_pdbx_audit_revision_details.revision_ordinal    1 
_pdbx_audit_revision_details.data_content_type   'Structure model' 
_pdbx_audit_revision_details.provider            repository 
_pdbx_audit_revision_details.type                'Initial release' 
_pdbx_audit_revision_details.description         ? 
_pdbx_audit_revision_details.details             ? 
# 
loop_
_pdbx_audit_revision_group.ordinal 
_pdbx_audit_revision_group.revision_ordinal 
_pdbx_audit_revision_group.data_content_type 
_pdbx_audit_revision_group.group 
1  2 'Structure model' Advisory                    
2  2 'Structure model' 'Refinement description'    
3  2 'Structure model' 'Version format compliance' 
4  3 'Structure model' 'Refinement description'    
5  4 'Structure model' 'Database references'       
6  4 'Structure model' 'Structure summary'         
7  5 'Structure model' 'Data collection'           
8  5 'Structure model' 'Database references'       
9  5 'Structure model' 'Derived calculations'      
10 5 'Structure model' 'Structure summary'         
# 
loop_
_pdbx_audit_revision_category.ordinal 
_pdbx_audit_revision_category.revision_ordinal 
_pdbx_audit_revision_category.data_content_type 
_pdbx_audit_revision_category.category 
1 3 'Structure model' software                  
2 4 'Structure model' audit_author              
3 4 'Structure model' citation_author           
4 5 'Structure model' chem_comp_atom            
5 5 'Structure model' chem_comp_bond            
6 5 'Structure model' database_2                
7 5 'Structure model' pdbx_entry_details        
8 5 'Structure model' pdbx_modification_feature 
9 5 'Structure model' struct_conn               
# 
loop_
_pdbx_audit_revision_item.ordinal 
_pdbx_audit_revision_item.revision_ordinal 
_pdbx_audit_revision_item.data_content_type 
_pdbx_audit_revision_item.item 
1 3 'Structure model' '_software.name'                      
2 4 'Structure model' '_audit_author.name'                  
3 4 'Structure model' '_citation_author.name'               
4 5 'Structure model' '_database_2.pdbx_DOI'                
5 5 'Structure model' '_database_2.pdbx_database_accession' 
6 5 'Structure model' '_struct_conn.pdbx_leaving_atom_flag' 
# 
_pdbx_database_status.entry_id                        3GT0 
_pdbx_database_status.deposit_site                    RCSB 
_pdbx_database_status.process_site                    RCSB 
_pdbx_database_status.recvd_initial_deposition_date   2009-03-27 
_pdbx_database_status.status_code                     REL 
_pdbx_database_status.status_code_sf                  REL 
_pdbx_database_status.status_code_mr                  ? 
_pdbx_database_status.SG_entry                        Y 
_pdbx_database_status.pdb_format_compatible           Y 
_pdbx_database_status.status_code_cs                  ? 
_pdbx_database_status.methods_development_category    ? 
_pdbx_database_status.status_code_nmr_data            ? 
# 
_pdbx_database_related.db_name        TargetDB 
_pdbx_database_related.db_id          BcR38B 
_pdbx_database_related.details        . 
_pdbx_database_related.content_type   unspecified 
# 
loop_
_audit_author.name 
_audit_author.pdbx_ordinal 
'Kuzin, A.P.'                                     1  
'Abashidze, M.'                                   2  
'Seetharaman, J.'                                 3  
'Shastry, R.'                                     4  
'Fang, Y.'                                        5  
'Cunningham, K.'                                  6  
'Ma, L.-C.'                                       7  
'Xiao, R.'                                        8  
'Liu, J.'                                         9  
'Baran, M.C.'                                     10 
'Acton, T.B.'                                     11 
'Rost, B.'                                        12 
'Montelione, G.T.'                                13 
'Tong, L.'                                        14 
'Hunt, J.F.'                                      15 
'Northeast Structural Genomics Consortium (NESG)' 16 
# 
_citation.id                        primary 
_citation.title                     'Northeast Structural Genomics Consortium Target BcR38B' 
_citation.journal_abbrev            'To be published' 
_citation.journal_volume            ? 
_citation.page_first                ? 
_citation.page_last                 ? 
_citation.year                      ? 
_citation.journal_id_ASTM           ? 
_citation.country                   ? 
_citation.journal_id_ISSN           ? 
_citation.journal_id_CSD            0353 
_citation.book_publisher            ? 
_citation.pdbx_database_id_PubMed   ? 
_citation.pdbx_database_id_DOI      ? 
# 
loop_
_citation_author.citation_id 
_citation_author.name 
_citation_author.ordinal 
_citation_author.identifier_ORCID 
primary 'Kuzin, A.P.'      1  ? 
primary 'Abashidze, M.'    2  ? 
primary 'Seetharaman, J.'  3  ? 
primary 'Shastry, R.'      4  ? 
primary 'Fang, Y.'         5  ? 
primary 'Cunningham, K.'   6  ? 
primary 'Ma, L.-C.'        7  ? 
primary 'Xiao, R.'         8  ? 
primary 'Liu, J.'          9  ? 
primary 'Baran, M.C.'      10 ? 
primary 'Acton, T.B.'      11 ? 
primary 'Rost, B.'         12 ? 
primary 'Montelione, G.T.' 13 ? 
primary 'Tong, L.'         14 ? 
primary 'Hunt, J.F.'       15 ? 
# 
loop_
_entity.id 
_entity.type 
_entity.src_method 
_entity.pdbx_description 
_entity.formula_weight 
_entity.pdbx_number_of_molecules 
_entity.pdbx_ec 
_entity.pdbx_mutation 
_entity.pdbx_fragment 
_entity.details 
1 polymer man 'Pyrroline-5-carboxylate reductase' 26952.840 1  1.5.1.2 ? 'UNP residues 1-247' ? 
2 water   nat water                               18.015    38 ?       ? ?                    ? 
# 
_entity_poly.entity_id                      1 
_entity_poly.type                           'polypeptide(L)' 
_entity_poly.nstd_linkage                   no 
_entity_poly.nstd_monomer                   yes 
_entity_poly.pdbx_seq_one_letter_code       
;(MSE)DKQIGFIGCGN(MSE)G(MSE)A(MSE)IGG(MSE)INKNIVSSNQIICSDLNTANLKNASEKYGLTTTTDNNEV
AKNADILILSIKPDLYASIINEIKEIIKNDAIIVTIAAGKSIESTENAFNKKVKVVRV(MSE)PNTPALVGEG(MSE)SA
LCPNE(MSE)VTEKDLEDVLNIFNSFGQTEIVSEKL(MSE)DVVTSVSGSSPAYVY(MSE)IIEA(MSE)ADAAVLDG
(MSE)PRNQAYKFAAQAVLGSAK(MSE)VLETGIHPGELKD(MSE)VCSPGGTTIEAVATLEEKG
;
_entity_poly.pdbx_seq_one_letter_code_can   
;MDKQIGFIGCGNMGMAMIGGMINKNIVSSNQIICSDLNTANLKNASEKYGLTTTTDNNEVAKNADILILSIKPDLYASII
NEIKEIIKNDAIIVTIAAGKSIESTENAFNKKVKVVRVMPNTPALVGEGMSALCPNEMVTEKDLEDVLNIFNSFGQTEIV
SEKLMDVVTSVSGSSPAYVYMIIEAMADAAVLDGMPRNQAYKFAAQAVLGSAKMVLETGIHPGELKDMVCSPGGTTIEAV
ATLEEKG
;
_entity_poly.pdbx_strand_id                 A 
_entity_poly.pdbx_target_identifier         BcR38B 
# 
_pdbx_entity_nonpoly.entity_id   2 
_pdbx_entity_nonpoly.name        water 
_pdbx_entity_nonpoly.comp_id     HOH 
# 
loop_
_entity_poly_seq.entity_id 
_entity_poly_seq.num 
_entity_poly_seq.mon_id 
_entity_poly_seq.hetero 
1 1   MSE n 
1 2   ASP n 
1 3   LYS n 
1 4   GLN n 
1 5   ILE n 
1 6   GLY n 
1 7   PHE n 
1 8   ILE n 
1 9   GLY n 
1 10  CYS n 
1 11  GLY n 
1 12  ASN n 
1 13  MSE n 
1 14  GLY n 
1 15  MSE n 
1 16  ALA n 
1 17  MSE n 
1 18  ILE n 
1 19  GLY n 
1 20  GLY n 
1 21  MSE n 
1 22  ILE n 
1 23  ASN n 
1 24  LYS n 
1 25  ASN n 
1 26  ILE n 
1 27  VAL n 
1 28  SER n 
1 29  SER n 
1 30  ASN n 
1 31  GLN n 
1 32  ILE n 
1 33  ILE n 
1 34  CYS n 
1 35  SER n 
1 36  ASP n 
1 37  LEU n 
1 38  ASN n 
1 39  THR n 
1 40  ALA n 
1 41  ASN n 
1 42  LEU n 
1 43  LYS n 
1 44  ASN n 
1 45  ALA n 
1 46  SER n 
1 47  GLU n 
1 48  LYS n 
1 49  TYR n 
1 50  GLY n 
1 51  LEU n 
1 52  THR n 
1 53  THR n 
1 54  THR n 
1 55  THR n 
1 56  ASP n 
1 57  ASN n 
1 58  ASN n 
1 59  GLU n 
1 60  VAL n 
1 61  ALA n 
1 62  LYS n 
1 63  ASN n 
1 64  ALA n 
1 65  ASP n 
1 66  ILE n 
1 67  LEU n 
1 68  ILE n 
1 69  LEU n 
1 70  SER n 
1 71  ILE n 
1 72  LYS n 
1 73  PRO n 
1 74  ASP n 
1 75  LEU n 
1 76  TYR n 
1 77  ALA n 
1 78  SER n 
1 79  ILE n 
1 80  ILE n 
1 81  ASN n 
1 82  GLU n 
1 83  ILE n 
1 84  LYS n 
1 85  GLU n 
1 86  ILE n 
1 87  ILE n 
1 88  LYS n 
1 89  ASN n 
1 90  ASP n 
1 91  ALA n 
1 92  ILE n 
1 93  ILE n 
1 94  VAL n 
1 95  THR n 
1 96  ILE n 
1 97  ALA n 
1 98  ALA n 
1 99  GLY n 
1 100 LYS n 
1 101 SER n 
1 102 ILE n 
1 103 GLU n 
1 104 SER n 
1 105 THR n 
1 106 GLU n 
1 107 ASN n 
1 108 ALA n 
1 109 PHE n 
1 110 ASN n 
1 111 LYS n 
1 112 LYS n 
1 113 VAL n 
1 114 LYS n 
1 115 VAL n 
1 116 VAL n 
1 117 ARG n 
1 118 VAL n 
1 119 MSE n 
1 120 PRO n 
1 121 ASN n 
1 122 THR n 
1 123 PRO n 
1 124 ALA n 
1 125 LEU n 
1 126 VAL n 
1 127 GLY n 
1 128 GLU n 
1 129 GLY n 
1 130 MSE n 
1 131 SER n 
1 132 ALA n 
1 133 LEU n 
1 134 CYS n 
1 135 PRO n 
1 136 ASN n 
1 137 GLU n 
1 138 MSE n 
1 139 VAL n 
1 140 THR n 
1 141 GLU n 
1 142 LYS n 
1 143 ASP n 
1 144 LEU n 
1 145 GLU n 
1 146 ASP n 
1 147 VAL n 
1 148 LEU n 
1 149 ASN n 
1 150 ILE n 
1 151 PHE n 
1 152 ASN n 
1 153 SER n 
1 154 PHE n 
1 155 GLY n 
1 156 GLN n 
1 157 THR n 
1 158 GLU n 
1 159 ILE n 
1 160 VAL n 
1 161 SER n 
1 162 GLU n 
1 163 LYS n 
1 164 LEU n 
1 165 MSE n 
1 166 ASP n 
1 167 VAL n 
1 168 VAL n 
1 169 THR n 
1 170 SER n 
1 171 VAL n 
1 172 SER n 
1 173 GLY n 
1 174 SER n 
1 175 SER n 
1 176 PRO n 
1 177 ALA n 
1 178 TYR n 
1 179 VAL n 
1 180 TYR n 
1 181 MSE n 
1 182 ILE n 
1 183 ILE n 
1 184 GLU n 
1 185 ALA n 
1 186 MSE n 
1 187 ALA n 
1 188 ASP n 
1 189 ALA n 
1 190 ALA n 
1 191 VAL n 
1 192 LEU n 
1 193 ASP n 
1 194 GLY n 
1 195 MSE n 
1 196 PRO n 
1 197 ARG n 
1 198 ASN n 
1 199 GLN n 
1 200 ALA n 
1 201 TYR n 
1 202 LYS n 
1 203 PHE n 
1 204 ALA n 
1 205 ALA n 
1 206 GLN n 
1 207 ALA n 
1 208 VAL n 
1 209 LEU n 
1 210 GLY n 
1 211 SER n 
1 212 ALA n 
1 213 LYS n 
1 214 MSE n 
1 215 VAL n 
1 216 LEU n 
1 217 GLU n 
1 218 THR n 
1 219 GLY n 
1 220 ILE n 
1 221 HIS n 
1 222 PRO n 
1 223 GLY n 
1 224 GLU n 
1 225 LEU n 
1 226 LYS n 
1 227 ASP n 
1 228 MSE n 
1 229 VAL n 
1 230 CYS n 
1 231 SER n 
1 232 PRO n 
1 233 GLY n 
1 234 GLY n 
1 235 THR n 
1 236 THR n 
1 237 ILE n 
1 238 GLU n 
1 239 ALA n 
1 240 VAL n 
1 241 ALA n 
1 242 THR n 
1 243 LEU n 
1 244 GLU n 
1 245 GLU n 
1 246 LYS n 
1 247 GLY n 
# 
_entity_src_gen.entity_id                          1 
_entity_src_gen.pdbx_src_id                        1 
_entity_src_gen.pdbx_alt_source_flag               sample 
_entity_src_gen.pdbx_seq_type                      ? 
_entity_src_gen.pdbx_beg_seq_num                   ? 
_entity_src_gen.pdbx_end_seq_num                   ? 
_entity_src_gen.gene_src_common_name               ? 
_entity_src_gen.gene_src_genus                     ? 
_entity_src_gen.pdbx_gene_src_gene                 BC_2977 
_entity_src_gen.gene_src_species                   ? 
_entity_src_gen.gene_src_strain                    'DSM 31' 
_entity_src_gen.gene_src_tissue                    ? 
_entity_src_gen.gene_src_tissue_fraction           ? 
_entity_src_gen.gene_src_details                   ? 
_entity_src_gen.pdbx_gene_src_fragment             ? 
_entity_src_gen.pdbx_gene_src_scientific_name      'Bacillus cereus ATCC 14579' 
_entity_src_gen.pdbx_gene_src_ncbi_taxonomy_id     226900 
_entity_src_gen.pdbx_gene_src_variant              ? 
_entity_src_gen.pdbx_gene_src_cell_line            ? 
_entity_src_gen.pdbx_gene_src_atcc                 14579 
_entity_src_gen.pdbx_gene_src_organ                ? 
_entity_src_gen.pdbx_gene_src_organelle            ? 
_entity_src_gen.pdbx_gene_src_cell                 ? 
_entity_src_gen.pdbx_gene_src_cellular_location    ? 
_entity_src_gen.host_org_common_name               ? 
_entity_src_gen.pdbx_host_org_scientific_name      'Escherichia coli' 
_entity_src_gen.pdbx_host_org_ncbi_taxonomy_id     562 
_entity_src_gen.host_org_genus                     ? 
_entity_src_gen.pdbx_host_org_gene                 ? 
_entity_src_gen.pdbx_host_org_organ                ? 
_entity_src_gen.host_org_species                   ? 
_entity_src_gen.pdbx_host_org_tissue               ? 
_entity_src_gen.pdbx_host_org_tissue_fraction      ? 
_entity_src_gen.pdbx_host_org_strain               'BL21(DE3)+Magic' 
_entity_src_gen.pdbx_host_org_variant              ? 
_entity_src_gen.pdbx_host_org_cell_line            ? 
_entity_src_gen.pdbx_host_org_atcc                 ? 
_entity_src_gen.pdbx_host_org_culture_collection   ? 
_entity_src_gen.pdbx_host_org_cell                 ? 
_entity_src_gen.pdbx_host_org_organelle            ? 
_entity_src_gen.pdbx_host_org_cellular_location    ? 
_entity_src_gen.pdbx_host_org_vector_type          pET21-23C 
_entity_src_gen.pdbx_host_org_vector               ? 
_entity_src_gen.host_org_details                   ? 
_entity_src_gen.expression_system_id               ? 
_entity_src_gen.plasmid_name                       BL21 
_entity_src_gen.plasmid_details                    ? 
_entity_src_gen.pdbx_description                   ? 
# 
loop_
_chem_comp.id 
_chem_comp.type 
_chem_comp.mon_nstd_flag 
_chem_comp.name 
_chem_comp.pdbx_synonyms 
_chem_comp.formula 
_chem_comp.formula_weight 
ALA 'L-peptide linking' y ALANINE          ? 'C3 H7 N O2'     89.093  
ARG 'L-peptide linking' y ARGININE         ? 'C6 H15 N4 O2 1' 175.209 
ASN 'L-peptide linking' y ASPARAGINE       ? 'C4 H8 N2 O3'    132.118 
ASP 'L-peptide linking' y 'ASPARTIC ACID'  ? 'C4 H7 N O4'     133.103 
CYS 'L-peptide linking' y CYSTEINE         ? 'C3 H7 N O2 S'   121.158 
GLN 'L-peptide linking' y GLUTAMINE        ? 'C5 H10 N2 O3'   146.144 
GLU 'L-peptide linking' y 'GLUTAMIC ACID'  ? 'C5 H9 N O4'     147.129 
GLY 'peptide linking'   y GLYCINE          ? 'C2 H5 N O2'     75.067  
HIS 'L-peptide linking' y HISTIDINE        ? 'C6 H10 N3 O2 1' 156.162 
HOH non-polymer         . WATER            ? 'H2 O'           18.015  
ILE 'L-peptide linking' y ISOLEUCINE       ? 'C6 H13 N O2'    131.173 
LEU 'L-peptide linking' y LEUCINE          ? 'C6 H13 N O2'    131.173 
LYS 'L-peptide linking' y LYSINE           ? 'C6 H15 N2 O2 1' 147.195 
MSE 'L-peptide linking' n SELENOMETHIONINE ? 'C5 H11 N O2 Se' 196.106 
PHE 'L-peptide linking' y PHENYLALANINE    ? 'C9 H11 N O2'    165.189 
PRO 'L-peptide linking' y PROLINE          ? 'C5 H9 N O2'     115.130 
SER 'L-peptide linking' y SERINE           ? 'C3 H7 N O3'     105.093 
THR 'L-peptide linking' y THREONINE        ? 'C4 H9 N O3'     119.119 
TYR 'L-peptide linking' y TYROSINE         ? 'C9 H11 N O3'    181.189 
VAL 'L-peptide linking' y VALINE           ? 'C5 H11 N O2'    117.146 
# 
loop_
_pdbx_poly_seq_scheme.asym_id 
_pdbx_poly_seq_scheme.entity_id 
_pdbx_poly_seq_scheme.seq_id 
_pdbx_poly_seq_scheme.mon_id 
_pdbx_poly_seq_scheme.ndb_seq_num 
_pdbx_poly_seq_scheme.pdb_seq_num 
_pdbx_poly_seq_scheme.auth_seq_num 
_pdbx_poly_seq_scheme.pdb_mon_id 
_pdbx_poly_seq_scheme.auth_mon_id 
_pdbx_poly_seq_scheme.pdb_strand_id 
_pdbx_poly_seq_scheme.pdb_ins_code 
_pdbx_poly_seq_scheme.hetero 
A 1 1   MSE 1   1   1   MSE MSE A . n 
A 1 2   ASP 2   2   2   ASP ASP A . n 
A 1 3   LYS 3   3   3   LYS LYS A . n 
A 1 4   GLN 4   4   4   GLN GLN A . n 
A 1 5   ILE 5   5   5   ILE ILE A . n 
A 1 6   GLY 6   6   6   GLY GLY A . n 
A 1 7   PHE 7   7   7   PHE PHE A . n 
A 1 8   ILE 8   8   8   ILE ILE A . n 
A 1 9   GLY 9   9   9   GLY GLY A . n 
A 1 10  CYS 10  10  10  CYS CYS A . n 
A 1 11  GLY 11  11  11  GLY GLY A . n 
A 1 12  ASN 12  12  12  ASN ASN A . n 
A 1 13  MSE 13  13  13  MSE MSE A . n 
A 1 14  GLY 14  14  14  GLY GLY A . n 
A 1 15  MSE 15  15  15  MSE MSE A . n 
A 1 16  ALA 16  16  16  ALA ALA A . n 
A 1 17  MSE 17  17  17  MSE MSE A . n 
A 1 18  ILE 18  18  18  ILE ILE A . n 
A 1 19  GLY 19  19  19  GLY GLY A . n 
A 1 20  GLY 20  20  20  GLY GLY A . n 
A 1 21  MSE 21  21  21  MSE MSE A . n 
A 1 22  ILE 22  22  22  ILE ILE A . n 
A 1 23  ASN 23  23  23  ASN ASN A . n 
A 1 24  LYS 24  24  24  LYS LYS A . n 
A 1 25  ASN 25  25  25  ASN ASN A . n 
A 1 26  ILE 26  26  26  ILE ILE A . n 
A 1 27  VAL 27  27  27  VAL VAL A . n 
A 1 28  SER 28  28  28  SER SER A . n 
A 1 29  SER 29  29  29  SER SER A . n 
A 1 30  ASN 30  30  30  ASN ASN A . n 
A 1 31  GLN 31  31  31  GLN GLN A . n 
A 1 32  ILE 32  32  32  ILE ILE A . n 
A 1 33  ILE 33  33  33  ILE ILE A . n 
A 1 34  CYS 34  34  34  CYS CYS A . n 
A 1 35  SER 35  35  35  SER SER A . n 
A 1 36  ASP 36  36  36  ASP ASP A . n 
A 1 37  LEU 37  37  37  LEU LEU A . n 
A 1 38  ASN 38  38  38  ASN ASN A . n 
A 1 39  THR 39  39  39  THR THR A . n 
A 1 40  ALA 40  40  40  ALA ALA A . n 
A 1 41  ASN 41  41  41  ASN ASN A . n 
A 1 42  LEU 42  42  42  LEU LEU A . n 
A 1 43  LYS 43  43  43  LYS LYS A . n 
A 1 44  ASN 44  44  44  ASN ASN A . n 
A 1 45  ALA 45  45  45  ALA ALA A . n 
A 1 46  SER 46  46  46  SER SER A . n 
A 1 47  GLU 47  47  47  GLU GLU A . n 
A 1 48  LYS 48  48  48  LYS LYS A . n 
A 1 49  TYR 49  49  49  TYR TYR A . n 
A 1 50  GLY 50  50  50  GLY GLY A . n 
A 1 51  LEU 51  51  51  LEU LEU A . n 
A 1 52  THR 52  52  52  THR THR A . n 
A 1 53  THR 53  53  53  THR THR A . n 
A 1 54  THR 54  54  54  THR THR A . n 
A 1 55  THR 55  55  55  THR THR A . n 
A 1 56  ASP 56  56  56  ASP ASP A . n 
A 1 57  ASN 57  57  57  ASN ASN A . n 
A 1 58  ASN 58  58  58  ASN ASN A . n 
A 1 59  GLU 59  59  59  GLU GLU A . n 
A 1 60  VAL 60  60  60  VAL VAL A . n 
A 1 61  ALA 61  61  61  ALA ALA A . n 
A 1 62  LYS 62  62  62  LYS LYS A . n 
A 1 63  ASN 63  63  63  ASN ASN A . n 
A 1 64  ALA 64  64  64  ALA ALA A . n 
A 1 65  ASP 65  65  65  ASP ASP A . n 
A 1 66  ILE 66  66  66  ILE ILE A . n 
A 1 67  LEU 67  67  67  LEU LEU A . n 
A 1 68  ILE 68  68  68  ILE ILE A . n 
A 1 69  LEU 69  69  69  LEU LEU A . n 
A 1 70  SER 70  70  70  SER SER A . n 
A 1 71  ILE 71  71  71  ILE ILE A . n 
A 1 72  LYS 72  72  72  LYS LYS A . n 
A 1 73  PRO 73  73  73  PRO PRO A . n 
A 1 74  ASP 74  74  74  ASP ASP A . n 
A 1 75  LEU 75  75  75  LEU LEU A . n 
A 1 76  TYR 76  76  76  TYR TYR A . n 
A 1 77  ALA 77  77  77  ALA ALA A . n 
A 1 78  SER 78  78  78  SER SER A . n 
A 1 79  ILE 79  79  79  ILE ILE A . n 
A 1 80  ILE 80  80  80  ILE ILE A . n 
A 1 81  ASN 81  81  ?   ?   ?   A . n 
A 1 82  GLU 82  82  ?   ?   ?   A . n 
A 1 83  ILE 83  83  ?   ?   ?   A . n 
A 1 84  LYS 84  84  84  LYS LYS A . n 
A 1 85  GLU 85  85  85  GLU GLU A . n 
A 1 86  ILE 86  86  86  ILE ILE A . n 
A 1 87  ILE 87  87  87  ILE ILE A . n 
A 1 88  LYS 88  88  88  LYS LYS A . n 
A 1 89  ASN 89  89  89  ASN ASN A . n 
A 1 90  ASP 90  90  90  ASP ASP A . n 
A 1 91  ALA 91  91  91  ALA ALA A . n 
A 1 92  ILE 92  92  92  ILE ILE A . n 
A 1 93  ILE 93  93  93  ILE ILE A . n 
A 1 94  VAL 94  94  94  VAL VAL A . n 
A 1 95  THR 95  95  95  THR THR A . n 
A 1 96  ILE 96  96  96  ILE ILE A . n 
A 1 97  ALA 97  97  97  ALA ALA A . n 
A 1 98  ALA 98  98  98  ALA ALA A . n 
A 1 99  GLY 99  99  99  GLY GLY A . n 
A 1 100 LYS 100 100 100 LYS LYS A . n 
A 1 101 SER 101 101 101 SER SER A . n 
A 1 102 ILE 102 102 102 ILE ILE A . n 
A 1 103 GLU 103 103 103 GLU GLU A . n 
A 1 104 SER 104 104 104 SER SER A . n 
A 1 105 THR 105 105 105 THR THR A . n 
A 1 106 GLU 106 106 106 GLU GLU A . n 
A 1 107 ASN 107 107 107 ASN ASN A . n 
A 1 108 ALA 108 108 108 ALA ALA A . n 
A 1 109 PHE 109 109 109 PHE PHE A . n 
A 1 110 ASN 110 110 110 ASN ASN A . n 
A 1 111 LYS 111 111 111 LYS LYS A . n 
A 1 112 LYS 112 112 112 LYS LYS A . n 
A 1 113 VAL 113 113 113 VAL VAL A . n 
A 1 114 LYS 114 114 114 LYS LYS A . n 
A 1 115 VAL 115 115 115 VAL VAL A . n 
A 1 116 VAL 116 116 116 VAL VAL A . n 
A 1 117 ARG 117 117 117 ARG ARG A . n 
A 1 118 VAL 118 118 118 VAL VAL A . n 
A 1 119 MSE 119 119 119 MSE MSE A . n 
A 1 120 PRO 120 120 120 PRO PRO A . n 
A 1 121 ASN 121 121 121 ASN ASN A . n 
A 1 122 THR 122 122 122 THR THR A . n 
A 1 123 PRO 123 123 123 PRO PRO A . n 
A 1 124 ALA 124 124 124 ALA ALA A . n 
A 1 125 LEU 125 125 125 LEU LEU A . n 
A 1 126 VAL 126 126 126 VAL VAL A . n 
A 1 127 GLY 127 127 127 GLY GLY A . n 
A 1 128 GLU 128 128 128 GLU GLU A . n 
A 1 129 GLY 129 129 129 GLY GLY A . n 
A 1 130 MSE 130 130 130 MSE MSE A . n 
A 1 131 SER 131 131 131 SER SER A . n 
A 1 132 ALA 132 132 132 ALA ALA A . n 
A 1 133 LEU 133 133 133 LEU LEU A . n 
A 1 134 CYS 134 134 134 CYS CYS A . n 
A 1 135 PRO 135 135 135 PRO PRO A . n 
A 1 136 ASN 136 136 136 ASN ASN A . n 
A 1 137 GLU 137 137 137 GLU GLU A . n 
A 1 138 MSE 138 138 138 MSE MSE A . n 
A 1 139 VAL 139 139 139 VAL VAL A . n 
A 1 140 THR 140 140 140 THR THR A . n 
A 1 141 GLU 141 141 141 GLU GLU A . n 
A 1 142 LYS 142 142 142 LYS LYS A . n 
A 1 143 ASP 143 143 143 ASP ASP A . n 
A 1 144 LEU 144 144 144 LEU LEU A . n 
A 1 145 GLU 145 145 145 GLU GLU A . n 
A 1 146 ASP 146 146 146 ASP ASP A . n 
A 1 147 VAL 147 147 147 VAL VAL A . n 
A 1 148 LEU 148 148 148 LEU LEU A . n 
A 1 149 ASN 149 149 149 ASN ASN A . n 
A 1 150 ILE 150 150 150 ILE ILE A . n 
A 1 151 PHE 151 151 151 PHE PHE A . n 
A 1 152 ASN 152 152 152 ASN ASN A . n 
A 1 153 SER 153 153 153 SER SER A . n 
A 1 154 PHE 154 154 154 PHE PHE A . n 
A 1 155 GLY 155 155 155 GLY GLY A . n 
A 1 156 GLN 156 156 156 GLN GLN A . n 
A 1 157 THR 157 157 157 THR THR A . n 
A 1 158 GLU 158 158 158 GLU GLU A . n 
A 1 159 ILE 159 159 159 ILE ILE A . n 
A 1 160 VAL 160 160 160 VAL VAL A . n 
A 1 161 SER 161 161 161 SER SER A . n 
A 1 162 GLU 162 162 162 GLU GLU A . n 
A 1 163 LYS 163 163 163 LYS LYS A . n 
A 1 164 LEU 164 164 164 LEU LEU A . n 
A 1 165 MSE 165 165 165 MSE MSE A . n 
A 1 166 ASP 166 166 166 ASP ASP A . n 
A 1 167 VAL 167 167 167 VAL VAL A . n 
A 1 168 VAL 168 168 168 VAL VAL A . n 
A 1 169 THR 169 169 169 THR THR A . n 
A 1 170 SER 170 170 170 SER SER A . n 
A 1 171 VAL 171 171 171 VAL VAL A . n 
A 1 172 SER 172 172 172 SER SER A . n 
A 1 173 GLY 173 173 173 GLY GLY A . n 
A 1 174 SER 174 174 174 SER SER A . n 
A 1 175 SER 175 175 175 SER SER A . n 
A 1 176 PRO 176 176 176 PRO PRO A . n 
A 1 177 ALA 177 177 177 ALA ALA A . n 
A 1 178 TYR 178 178 178 TYR TYR A . n 
A 1 179 VAL 179 179 179 VAL VAL A . n 
A 1 180 TYR 180 180 180 TYR TYR A . n 
A 1 181 MSE 181 181 181 MSE MSE A . n 
A 1 182 ILE 182 182 182 ILE ILE A . n 
A 1 183 ILE 183 183 183 ILE ILE A . n 
A 1 184 GLU 184 184 184 GLU GLU A . n 
A 1 185 ALA 185 185 185 ALA ALA A . n 
A 1 186 MSE 186 186 186 MSE MSE A . n 
A 1 187 ALA 187 187 187 ALA ALA A . n 
A 1 188 ASP 188 188 188 ASP ASP A . n 
A 1 189 ALA 189 189 189 ALA ALA A . n 
A 1 190 ALA 190 190 190 ALA ALA A . n 
A 1 191 VAL 191 191 191 VAL VAL A . n 
A 1 192 LEU 192 192 192 LEU LEU A . n 
A 1 193 ASP 193 193 193 ASP ASP A . n 
A 1 194 GLY 194 194 194 GLY GLY A . n 
A 1 195 MSE 195 195 195 MSE MSE A . n 
A 1 196 PRO 196 196 196 PRO PRO A . n 
A 1 197 ARG 197 197 197 ARG ARG A . n 
A 1 198 ASN 198 198 198 ASN ASN A . n 
A 1 199 GLN 199 199 199 GLN GLN A . n 
A 1 200 ALA 200 200 200 ALA ALA A . n 
A 1 201 TYR 201 201 201 TYR TYR A . n 
A 1 202 LYS 202 202 202 LYS LYS A . n 
A 1 203 PHE 203 203 203 PHE PHE A . n 
A 1 204 ALA 204 204 204 ALA ALA A . n 
A 1 205 ALA 205 205 205 ALA ALA A . n 
A 1 206 GLN 206 206 206 GLN GLN A . n 
A 1 207 ALA 207 207 207 ALA ALA A . n 
A 1 208 VAL 208 208 208 VAL VAL A . n 
A 1 209 LEU 209 209 209 LEU LEU A . n 
A 1 210 GLY 210 210 210 GLY GLY A . n 
A 1 211 SER 211 211 211 SER SER A . n 
A 1 212 ALA 212 212 212 ALA ALA A . n 
A 1 213 LYS 213 213 213 LYS LYS A . n 
A 1 214 MSE 214 214 214 MSE MSE A . n 
A 1 215 VAL 215 215 215 VAL VAL A . n 
A 1 216 LEU 216 216 216 LEU LEU A . n 
A 1 217 GLU 217 217 217 GLU GLU A . n 
A 1 218 THR 218 218 218 THR THR A . n 
A 1 219 GLY 219 219 219 GLY GLY A . n 
A 1 220 ILE 220 220 220 ILE ILE A . n 
A 1 221 HIS 221 221 ?   ?   ?   A . n 
A 1 222 PRO 222 222 ?   ?   ?   A . n 
A 1 223 GLY 223 223 ?   ?   ?   A . n 
A 1 224 GLU 224 224 ?   ?   ?   A . n 
A 1 225 LEU 225 225 ?   ?   ?   A . n 
A 1 226 LYS 226 226 ?   ?   ?   A . n 
A 1 227 ASP 227 227 ?   ?   ?   A . n 
A 1 228 MSE 228 228 ?   ?   ?   A . n 
A 1 229 VAL 229 229 ?   ?   ?   A . n 
A 1 230 CYS 230 230 ?   ?   ?   A . n 
A 1 231 SER 231 231 ?   ?   ?   A . n 
A 1 232 PRO 232 232 ?   ?   ?   A . n 
A 1 233 GLY 233 233 ?   ?   ?   A . n 
A 1 234 GLY 234 234 ?   ?   ?   A . n 
A 1 235 THR 235 235 ?   ?   ?   A . n 
A 1 236 THR 236 236 ?   ?   ?   A . n 
A 1 237 ILE 237 237 ?   ?   ?   A . n 
A 1 238 GLU 238 238 ?   ?   ?   A . n 
A 1 239 ALA 239 239 ?   ?   ?   A . n 
A 1 240 VAL 240 240 ?   ?   ?   A . n 
A 1 241 ALA 241 241 ?   ?   ?   A . n 
A 1 242 THR 242 242 ?   ?   ?   A . n 
A 1 243 LEU 243 243 ?   ?   ?   A . n 
A 1 244 GLU 244 244 ?   ?   ?   A . n 
A 1 245 GLU 245 245 ?   ?   ?   A . n 
A 1 246 LYS 246 246 ?   ?   ?   A . n 
A 1 247 GLY 247 247 ?   ?   ?   A . n 
# 
loop_
_pdbx_nonpoly_scheme.asym_id 
_pdbx_nonpoly_scheme.entity_id 
_pdbx_nonpoly_scheme.mon_id 
_pdbx_nonpoly_scheme.ndb_seq_num 
_pdbx_nonpoly_scheme.pdb_seq_num 
_pdbx_nonpoly_scheme.auth_seq_num 
_pdbx_nonpoly_scheme.pdb_mon_id 
_pdbx_nonpoly_scheme.auth_mon_id 
_pdbx_nonpoly_scheme.pdb_strand_id 
_pdbx_nonpoly_scheme.pdb_ins_code 
B 2 HOH 1  301 301 HOH HOH A . 
B 2 HOH 2  302 302 HOH HOH A . 
B 2 HOH 3  303 303 HOH HOH A . 
B 2 HOH 4  304 304 HOH HOH A . 
B 2 HOH 5  305 305 HOH HOH A . 
B 2 HOH 6  306 306 HOH HOH A . 
B 2 HOH 7  307 307 HOH HOH A . 
B 2 HOH 8  308 308 HOH HOH A . 
B 2 HOH 9  309 309 HOH HOH A . 
B 2 HOH 10 310 310 HOH HOH A . 
B 2 HOH 11 311 311 HOH HOH A . 
B 2 HOH 12 312 312 HOH HOH A . 
B 2 HOH 13 313 313 HOH HOH A . 
B 2 HOH 14 314 314 HOH HOH A . 
B 2 HOH 15 315 315 HOH HOH A . 
B 2 HOH 16 316 316 HOH HOH A . 
B 2 HOH 17 317 317 HOH HOH A . 
B 2 HOH 18 318 318 HOH HOH A . 
B 2 HOH 19 319 319 HOH HOH A . 
B 2 HOH 20 320 320 HOH HOH A . 
B 2 HOH 21 321 321 HOH HOH A . 
B 2 HOH 22 322 322 HOH HOH A . 
B 2 HOH 23 323 323 HOH HOH A . 
B 2 HOH 24 324 324 HOH HOH A . 
B 2 HOH 25 325 325 HOH HOH A . 
B 2 HOH 26 326 326 HOH HOH A . 
B 2 HOH 27 327 327 HOH HOH A . 
B 2 HOH 28 328 328 HOH HOH A . 
B 2 HOH 29 329 329 HOH HOH A . 
B 2 HOH 30 330 330 HOH HOH A . 
B 2 HOH 31 331 331 HOH HOH A . 
B 2 HOH 32 332 332 HOH HOH A . 
B 2 HOH 33 333 333 HOH HOH A . 
B 2 HOH 34 334 334 HOH HOH A . 
B 2 HOH 35 335 335 HOH HOH A . 
B 2 HOH 36 336 336 HOH HOH A . 
B 2 HOH 37 337 337 HOH HOH A . 
B 2 HOH 38 338 338 HOH HOH A . 
# 
loop_
_software.name 
_software.version 
_software.date 
_software.type 
_software.contact_author 
_software.contact_author_email 
_software.classification 
_software.location 
_software.language 
_software.citation_id 
_software.pdbx_ordinal 
REFMAC      5.2.0019 ?                 program 'Murshudov, G.N.' ccp4@dl.ac.uk            refinement        
http://www.ccp4.ac.uk/main.html  Fortran_77 ? 1 
PDB_EXTRACT 3.00     'March. 27, 2007' package PDB               sw-help@rcsb.rutgers.edu 'data extraction' 
http://pdb.rutgers.edu/software/ C++        ? 2 
ADSC        Quantum  ?                 ?       ?                 ?                        'data collection' ? ?          ? 3 
HKL-2000    .        ?                 ?       ?                 ?                        'data reduction'  ? ?          ? 4 
HKL-2000    .        ?                 ?       ?                 ?                        'data scaling'    ? ?          ? 5 
SnB         .        ?                 ?       ?                 ?                        phasing           ? ?          ? 6 
# 
_cell.entry_id           3GT0 
_cell.length_a           52.980 
_cell.length_b           68.450 
_cell.length_c           149.950 
_cell.angle_alpha        90.00 
_cell.angle_beta         90.00 
_cell.angle_gamma        90.00 
_cell.Z_PDB              8 
_cell.pdbx_unique_axis   ? 
_cell.length_a_esd       ? 
_cell.length_b_esd       ? 
_cell.length_c_esd       ? 
_cell.angle_alpha_esd    ? 
_cell.angle_beta_esd     ? 
_cell.angle_gamma_esd    ? 
# 
_symmetry.entry_id                         3GT0 
_symmetry.space_group_name_H-M             'I 2 2 2' 
_symmetry.pdbx_full_space_group_name_H-M   ? 
_symmetry.cell_setting                     ? 
_symmetry.Int_Tables_number                23 
_symmetry.space_group_name_Hall            ? 
# 
_exptl.entry_id          3GT0 
_exptl.method            'X-RAY DIFFRACTION' 
_exptl.crystals_number   1 
# 
_exptl_crystal.id                    1 
_exptl_crystal.density_meas          ? 
_exptl_crystal.density_Matthews      2.52 
_exptl_crystal.density_percent_sol   51.23 
_exptl_crystal.description           ? 
_exptl_crystal.F_000                 ? 
_exptl_crystal.preparation           ? 
# 
_exptl_crystal_grow.crystal_id      1 
_exptl_crystal_grow.method          'VAPOR DIFFUSION, HANGING DROP' 
_exptl_crystal_grow.temp            293 
_exptl_crystal_grow.temp_details    ? 
_exptl_crystal_grow.pH              5.0 
_exptl_crystal_grow.pdbx_pH_range   ? 
_exptl_crystal_grow.pdbx_details    
;Protein solution: 100mM NaCl, 5mM DTT, 0.02% NaN3, 10mM Tris-HCl pH 7.5. Reservoir solution: 100 mM CaCl2, 100 mM Na Acetate pH 5.0, 18% PEG 3350, VAPOR DIFFUSION, HANGING DROP, temperature 293K
;
# 
_diffrn.id                     1 
_diffrn.ambient_temp           100 
_diffrn.ambient_temp_details   ? 
_diffrn.crystal_id             1 
# 
_diffrn_detector.diffrn_id              1 
_diffrn_detector.detector               CCD 
_diffrn_detector.type                   'ADSC QUANTUM 4' 
_diffrn_detector.pdbx_collection_date   2009-03-05 
_diffrn_detector.details                mirrors 
# 
_diffrn_radiation.diffrn_id                        1 
_diffrn_radiation.wavelength_id                    1 
_diffrn_radiation.pdbx_monochromatic_or_laue_m_l   M 
_diffrn_radiation.monochromator                    'Si(111) CHANNEL' 
_diffrn_radiation.pdbx_diffrn_protocol             MAD 
_diffrn_radiation.pdbx_scattering_type             x-ray 
# 
loop_
_diffrn_radiation_wavelength.id 
_diffrn_radiation_wavelength.wavelength 
_diffrn_radiation_wavelength.wt 
1 0.97910 1.0 
2 0.97934 1.0 
# 
_diffrn_source.diffrn_id                   1 
_diffrn_source.source                      SYNCHROTRON 
_diffrn_source.type                        'NSLS BEAMLINE X4A' 
_diffrn_source.pdbx_synchrotron_site       NSLS 
_diffrn_source.pdbx_synchrotron_beamline   X4A 
_diffrn_source.pdbx_wavelength             ? 
_diffrn_source.pdbx_wavelength_list        '0.97910, 0.97934' 
# 
_reflns.entry_id                     3GT0 
_reflns.observed_criterion_sigma_I   -3.0 
_reflns.observed_criterion_sigma_F   ? 
_reflns.d_resolution_low             50.0 
_reflns.d_resolution_high            2.00 
_reflns.number_obs                   35350 
_reflns.number_all                   ? 
_reflns.percent_possible_obs         99.2 
_reflns.pdbx_Rmerge_I_obs            0.062 
_reflns.pdbx_Rsym_value              ? 
_reflns.pdbx_netI_over_sigmaI        16.6 
_reflns.B_iso_Wilson_estimate        ? 
_reflns.pdbx_redundancy              6.9 
_reflns.R_free_details               ? 
_reflns.limit_h_max                  ? 
_reflns.limit_h_min                  ? 
_reflns.limit_k_max                  ? 
_reflns.limit_k_min                  ? 
_reflns.limit_l_max                  ? 
_reflns.limit_l_min                  ? 
_reflns.observed_criterion_F_max     ? 
_reflns.observed_criterion_F_min     ? 
_reflns.pdbx_chi_squared             ? 
_reflns.pdbx_scaling_rejects         ? 
_reflns.pdbx_ordinal                 1 
_reflns.pdbx_diffrn_id               1 
# 
_reflns_shell.d_res_high             2.00 
_reflns_shell.d_res_low              2.07 
_reflns_shell.percent_possible_all   96.2 
_reflns_shell.Rmerge_I_obs           0.44 
_reflns_shell.pdbx_Rsym_value        ? 
_reflns_shell.meanI_over_sigI_obs    5.4 
_reflns_shell.pdbx_redundancy        4.3 
_reflns_shell.percent_possible_obs   ? 
_reflns_shell.number_unique_all      ? 
_reflns_shell.number_measured_all    ? 
_reflns_shell.number_measured_obs    ? 
_reflns_shell.number_unique_obs      ? 
_reflns_shell.pdbx_chi_squared       ? 
_reflns_shell.pdbx_ordinal           1 
_reflns_shell.pdbx_diffrn_id         1 
# 
_refine.pdbx_refine_id                           'X-RAY DIFFRACTION' 
_refine.entry_id                                 3GT0 
_refine.ls_number_reflns_obs                     17876 
_refine.ls_number_reflns_all                     ? 
_refine.pdbx_ls_sigma_I                          ? 
_refine.pdbx_ls_sigma_F                          ? 
_refine.pdbx_data_cutoff_high_absF               ? 
_refine.pdbx_data_cutoff_low_absF                ? 
_refine.pdbx_data_cutoff_high_rms_absF           ? 
_refine.ls_d_res_low                             18.29 
_refine.ls_d_res_high                            2.00 
_refine.ls_percent_reflns_obs                    100.00 
_refine.ls_R_factor_obs                          0.23226 
_refine.ls_R_factor_all                          ? 
_refine.ls_R_factor_R_work                       0.23069 
_refine.ls_R_factor_R_free                       0.26186 
_refine.ls_R_factor_R_free_error                 ? 
_refine.ls_R_factor_R_free_error_details         ? 
_refine.ls_percent_reflns_R_free                 5.2 
_refine.ls_number_reflns_R_free                  924 
_refine.ls_number_parameters                     ? 
_refine.ls_number_restraints                     ? 
_refine.occupancy_min                            ? 
_refine.occupancy_max                            ? 
_refine.correlation_coeff_Fo_to_Fc               0.926 
_refine.correlation_coeff_Fo_to_Fc_free          0.905 
_refine.B_iso_mean                               38.161 
_refine.aniso_B[1][1]                            -0.02 
_refine.aniso_B[2][2]                            -0.08 
_refine.aniso_B[3][3]                            0.11 
_refine.aniso_B[1][2]                            0.00 
_refine.aniso_B[1][3]                            0.00 
_refine.aniso_B[2][3]                            0.00 
_refine.solvent_model_details                    'BABINET MODEL WITH MASK' 
_refine.solvent_model_param_ksol                 ? 
_refine.solvent_model_param_bsol                 ? 
_refine.pdbx_solvent_vdw_probe_radii             1.20 
_refine.pdbx_solvent_ion_probe_radii             0.80 
_refine.pdbx_solvent_shrinkage_radii             0.80 
_refine.pdbx_ls_cross_valid_method               THROUGHOUT 
_refine.details                                  'The Friedel pairs were used in phasing' 
_refine.pdbx_starting_model                      ? 
_refine.pdbx_method_to_determine_struct          MAD 
_refine.pdbx_isotropic_thermal_model             ? 
_refine.pdbx_stereochemistry_target_values       'MAXIMUM LIKELIHOOD' 
_refine.pdbx_stereochem_target_val_spec_case     ? 
_refine.pdbx_R_Free_selection_details            RANDOM 
_refine.pdbx_overall_ESU_R                       0.188 
_refine.pdbx_overall_ESU_R_Free                  0.166 
_refine.overall_SU_ML                            0.116 
_refine.pdbx_overall_phase_error                 ? 
_refine.overall_SU_B                             8.969 
_refine.ls_redundancy_reflns_obs                 ? 
_refine.B_iso_min                                ? 
_refine.B_iso_max                                ? 
_refine.overall_SU_R_Cruickshank_DPI             ? 
_refine.overall_SU_R_free                        ? 
_refine.ls_wR_factor_R_free                      ? 
_refine.ls_wR_factor_R_work                      ? 
_refine.overall_FOM_free_R_set                   ? 
_refine.overall_FOM_work_R_set                   ? 
_refine.pdbx_TLS_residual_ADP_flag               'LIKELY RESIDUAL' 
_refine.pdbx_diffrn_id                           1 
_refine.pdbx_overall_SU_R_free_Cruickshank_DPI   ? 
_refine.pdbx_overall_SU_R_Blow_DPI               ? 
_refine.pdbx_overall_SU_R_free_Blow_DPI          ? 
# 
_refine_hist.pdbx_refine_id                   'X-RAY DIFFRACTION' 
_refine_hist.cycle_id                         LAST 
_refine_hist.pdbx_number_atoms_protein        1611 
_refine_hist.pdbx_number_atoms_nucleic_acid   0 
_refine_hist.pdbx_number_atoms_ligand         0 
_refine_hist.number_atoms_solvent             38 
_refine_hist.number_atoms_total               1649 
_refine_hist.d_res_high                       2.00 
_refine_hist.d_res_low                        18.29 
# 
loop_
_refine_ls_restr.type 
_refine_ls_restr.dev_ideal 
_refine_ls_restr.dev_ideal_target 
_refine_ls_restr.weight 
_refine_ls_restr.number 
_refine_ls_restr.pdbx_refine_id 
_refine_ls_restr.pdbx_restraint_function 
r_bond_refined_d             0.010  0.022  ? 1626 'X-RAY DIFFRACTION' ? 
r_bond_other_d               ?      ?      ? ?    'X-RAY DIFFRACTION' ? 
r_angle_refined_deg          1.214  1.979  ? 2195 'X-RAY DIFFRACTION' ? 
r_angle_other_deg            ?      ?      ? ?    'X-RAY DIFFRACTION' ? 
r_dihedral_angle_1_deg       4.745  5.000  ? 215  'X-RAY DIFFRACTION' ? 
r_dihedral_angle_2_deg       40.167 27.627 ? 59   'X-RAY DIFFRACTION' ? 
r_dihedral_angle_3_deg       15.515 15.000 ? 307  'X-RAY DIFFRACTION' ? 
r_dihedral_angle_4_deg       4.562  15.000 ? 2    'X-RAY DIFFRACTION' ? 
r_chiral_restr               0.083  0.200  ? 269  'X-RAY DIFFRACTION' ? 
r_gen_planes_refined         0.004  0.020  ? 1161 'X-RAY DIFFRACTION' ? 
r_gen_planes_other           ?      ?      ? ?    'X-RAY DIFFRACTION' ? 
r_nbd_refined                0.211  0.200  ? 701  'X-RAY DIFFRACTION' ? 
r_nbd_other                  ?      ?      ? ?    'X-RAY DIFFRACTION' ? 
r_nbtor_refined              0.296  0.200  ? 1185 'X-RAY DIFFRACTION' ? 
r_nbtor_other                ?      ?      ? ?    'X-RAY DIFFRACTION' ? 
r_xyhbond_nbd_refined        0.104  0.200  ? 60   'X-RAY DIFFRACTION' ? 
r_xyhbond_nbd_other          ?      ?      ? ?    'X-RAY DIFFRACTION' ? 
r_metal_ion_refined          ?      ?      ? ?    'X-RAY DIFFRACTION' ? 
r_metal_ion_other            ?      ?      ? ?    'X-RAY DIFFRACTION' ? 
r_symmetry_vdw_refined       0.197  0.200  ? 79   'X-RAY DIFFRACTION' ? 
r_symmetry_vdw_other         ?      ?      ? ?    'X-RAY DIFFRACTION' ? 
r_symmetry_hbond_refined     0.033  0.200  ? 6    'X-RAY DIFFRACTION' ? 
r_symmetry_hbond_other       ?      ?      ? ?    'X-RAY DIFFRACTION' ? 
r_symmetry_metal_ion_refined ?      ?      ? ?    'X-RAY DIFFRACTION' ? 
r_symmetry_metal_ion_other   ?      ?      ? ?    'X-RAY DIFFRACTION' ? 
r_mcbond_it                  1.032  1.500  ? 1108 'X-RAY DIFFRACTION' ? 
r_mcbond_other               ?      ?      ? ?    'X-RAY DIFFRACTION' ? 
r_mcangle_it                 1.391  2.000  ? 1736 'X-RAY DIFFRACTION' ? 
r_scbond_it                  2.820  3.000  ? 575  'X-RAY DIFFRACTION' ? 
r_scangle_it                 4.166  4.500  ? 459  'X-RAY DIFFRACTION' ? 
r_rigid_bond_restr           ?      ?      ? ?    'X-RAY DIFFRACTION' ? 
r_sphericity_free            ?      ?      ? ?    'X-RAY DIFFRACTION' ? 
r_sphericity_bonded          ?      ?      ? ?    'X-RAY DIFFRACTION' ? 
# 
_refine_ls_shell.pdbx_refine_id                   'X-RAY DIFFRACTION' 
_refine_ls_shell.pdbx_total_number_of_bins_used   20 
_refine_ls_shell.d_res_high                       2.000 
_refine_ls_shell.d_res_low                        2.052 
_refine_ls_shell.number_reflns_R_work             994 
_refine_ls_shell.R_factor_R_work                  0.216 
_refine_ls_shell.percent_reflns_obs               100.00 
_refine_ls_shell.R_factor_R_free                  0.241 
_refine_ls_shell.R_factor_R_free_error            ? 
_refine_ls_shell.percent_reflns_R_free            ? 
_refine_ls_shell.number_reflns_R_free             56 
_refine_ls_shell.number_reflns_all                ? 
_refine_ls_shell.R_factor_all                     ? 
_refine_ls_shell.redundancy_reflns_obs            ? 
_refine_ls_shell.number_reflns_obs                ? 
# 
_struct.entry_id                  3GT0 
_struct.title                     
'Crystal structure of pyrroline 5-carboxylate reductase from Bacillus cereus. Northeast Structural Genomics Consortium Target BcR38B' 
_struct.pdbx_model_details        ? 
_struct.pdbx_CASP_flag            N 
_struct.pdbx_model_type_details   ? 
# 
_struct_keywords.entry_id        3GT0 
_struct_keywords.text            
'Structural Genomics, PSI-2, Protein Structure Initiative, Northeast Structural Genomics Consortium, NESG, BcR38B, Oxidoreductase' 
_struct_keywords.pdbx_keywords   OXIDOREDUCTASE 
# 
loop_
_struct_asym.id 
_struct_asym.pdbx_blank_PDB_chainid_flag 
_struct_asym.pdbx_modified 
_struct_asym.entity_id 
_struct_asym.details 
A N N 1 ? 
B N N 2 ? 
# 
_struct_ref.id                         1 
_struct_ref.db_name                    UNP 
_struct_ref.db_code                    Q81C08_BACCR 
_struct_ref.pdbx_db_accession          Q81C08 
_struct_ref.entity_id                  1 
_struct_ref.pdbx_seq_one_letter_code   
;MDKQIGFIGCGNMGMAMIGGMINKNIVSSNQIICSDLNTANLKNASEKYGLTTTTDNNEVAKNADILILSIKPDLYASII
NEIKEIIKNDAIIVTIAAGKSIESTENAFNKKVKVVRVMPNTPALVGEGMSALCPNEMVTEKDLEDVLNIFNSFGQTEIV
SEKLMDVVTSVSGSSPAYVYMIIEAMADAAVLDGMPRNQAYKFAAQAVLGSAKMVLETGIHPGELKDMVCSPGGTTIEAV
ATLEEKG
;
_struct_ref.pdbx_align_begin           1 
_struct_ref.pdbx_db_isoform            ? 
# 
_struct_ref_seq.align_id                      1 
_struct_ref_seq.ref_id                        1 
_struct_ref_seq.pdbx_PDB_id_code              3GT0 
_struct_ref_seq.pdbx_strand_id                A 
_struct_ref_seq.seq_align_beg                 1 
_struct_ref_seq.pdbx_seq_align_beg_ins_code   ? 
_struct_ref_seq.seq_align_end                 247 
_struct_ref_seq.pdbx_seq_align_end_ins_code   ? 
_struct_ref_seq.pdbx_db_accession             Q81C08 
_struct_ref_seq.db_align_beg                  1 
_struct_ref_seq.pdbx_db_align_beg_ins_code    ? 
_struct_ref_seq.db_align_end                  247 
_struct_ref_seq.pdbx_db_align_end_ins_code    ? 
_struct_ref_seq.pdbx_auth_seq_align_beg       1 
_struct_ref_seq.pdbx_auth_seq_align_end       247 
# 
loop_
_pdbx_struct_assembly.id 
_pdbx_struct_assembly.details 
_pdbx_struct_assembly.method_details 
_pdbx_struct_assembly.oligomeric_details 
_pdbx_struct_assembly.oligomeric_count 
1 author_and_software_defined_assembly PISA dimeric    2 
2 software_defined_assembly            PISA tetrameric 4 
# 
loop_
_pdbx_struct_assembly_prop.biol_id 
_pdbx_struct_assembly_prop.type 
_pdbx_struct_assembly_prop.value 
_pdbx_struct_assembly_prop.details 
1 'ABSA (A^2)' 4840   ? 
1 MORE         -55.6  ? 
1 'SSA (A^2)'  19300  ? 
2 'ABSA (A^2)' 11490  ? 
2 MORE         -130.7 ? 
2 'SSA (A^2)'  36810  ? 
# 
loop_
_pdbx_struct_assembly_gen.assembly_id 
_pdbx_struct_assembly_gen.oper_expression 
_pdbx_struct_assembly_gen.asym_id_list 
1 1,2     A,B 
2 1,2,3,4 A,B 
# 
loop_
_pdbx_struct_oper_list.id 
_pdbx_struct_oper_list.type 
_pdbx_struct_oper_list.name 
_pdbx_struct_oper_list.symmetry_operation 
_pdbx_struct_oper_list.matrix[1][1] 
_pdbx_struct_oper_list.matrix[1][2] 
_pdbx_struct_oper_list.matrix[1][3] 
_pdbx_struct_oper_list.vector[1] 
_pdbx_struct_oper_list.matrix[2][1] 
_pdbx_struct_oper_list.matrix[2][2] 
_pdbx_struct_oper_list.matrix[2][3] 
_pdbx_struct_oper_list.vector[2] 
_pdbx_struct_oper_list.matrix[3][1] 
_pdbx_struct_oper_list.matrix[3][2] 
_pdbx_struct_oper_list.matrix[3][3] 
_pdbx_struct_oper_list.vector[3] 
1 'identity operation'         1_555 x,y,z       1.0000000000  0.0000000000  0.0000000000  0.0000000000   0.0000000000  1.0000000000  0.0000000000  0.0000000000  0.0000000000  0.0000000000  1.0000000000  0.0000000000   
2 'crystal symmetry operation' 2_655 -x+1,-y,z   -0.1438681113 -0.9894701621 -0.0158355592 25.2926732966  -0.9894701621 0.1435752067  0.0183018686  21.9035352086 -0.0158355592 0.0183018686  -0.9997070954 -1.2017492880  
3 'crystal symmetry operation' 3_656 -x+1,y,-z+1 -0.0834481325 0.7831786001  0.6161718019  -23.8630943858 0.7831786001  -0.3307866784 0.5265087404  38.9166185445 0.6161718019  0.5265087404  -0.5857651891 -13.9683430540 
4 'crystal symmetry operation' 4_556 x,-y,-z+1   -0.7726837562 0.2062915619  -0.6003362427 -9.5598247201  0.2062915619  -0.8127885283 -0.5448106090 50.8471698500 -0.6003362427 -0.5448106090 0.5854722846  13.8526346587 
# 
_struct_biol.id        1 
_struct_biol.details   ? 
# 
loop_
_struct_conf.conf_type_id 
_struct_conf.id 
_struct_conf.pdbx_PDB_helix_id 
_struct_conf.beg_label_comp_id 
_struct_conf.beg_label_asym_id 
_struct_conf.beg_label_seq_id 
_struct_conf.pdbx_beg_PDB_ins_code 
_struct_conf.end_label_comp_id 
_struct_conf.end_label_asym_id 
_struct_conf.end_label_seq_id 
_struct_conf.pdbx_end_PDB_ins_code 
_struct_conf.beg_auth_comp_id 
_struct_conf.beg_auth_asym_id 
_struct_conf.beg_auth_seq_id 
_struct_conf.end_auth_comp_id 
_struct_conf.end_auth_asym_id 
_struct_conf.end_auth_seq_id 
_struct_conf.pdbx_PDB_helix_class 
_struct_conf.details 
_struct_conf.pdbx_PDB_helix_length 
HELX_P HELX_P1  1  GLY A 11  ? LYS A 24  ? GLY A 11  LYS A 24  1 ? 14 
HELX_P HELX_P2  2  SER A 28  ? ASN A 30  ? SER A 28  ASN A 30  5 ? 3  
HELX_P HELX_P3  3  ASN A 38  ? GLY A 50  ? ASN A 38  GLY A 50  1 ? 13 
HELX_P HELX_P4  4  ASP A 56  ? ALA A 64  ? ASP A 56  ALA A 64  1 ? 9  
HELX_P HELX_P5  5  LEU A 75  ? ILE A 80  ? LEU A 75  ILE A 80  1 ? 6  
HELX_P HELX_P6  6  SER A 101 ? ASN A 110 ? SER A 101 ASN A 110 1 ? 10 
HELX_P HELX_P7  7  ASN A 121 ? GLY A 127 ? ASN A 121 GLY A 127 5 ? 7  
HELX_P HELX_P8  8  THR A 140 ? ASN A 152 ? THR A 140 ASN A 152 1 ? 13 
HELX_P HELX_P9  9  SER A 161 ? LYS A 163 ? SER A 161 LYS A 163 5 ? 3  
HELX_P HELX_P10 10 LEU A 164 ? ASP A 193 ? LEU A 164 ASP A 193 1 ? 30 
HELX_P HELX_P11 11 PRO A 196 ? THR A 218 ? PRO A 196 THR A 218 1 ? 23 
# 
_struct_conf_type.id          HELX_P 
_struct_conf_type.criteria    ? 
_struct_conf_type.reference   ? 
# 
loop_
_struct_conn.id 
_struct_conn.conn_type_id 
_struct_conn.pdbx_leaving_atom_flag 
_struct_conn.pdbx_PDB_id 
_struct_conn.ptnr1_label_asym_id 
_struct_conn.ptnr1_label_comp_id 
_struct_conn.ptnr1_label_seq_id 
_struct_conn.ptnr1_label_atom_id 
_struct_conn.pdbx_ptnr1_label_alt_id 
_struct_conn.pdbx_ptnr1_PDB_ins_code 
_struct_conn.pdbx_ptnr1_standard_comp_id 
_struct_conn.ptnr1_symmetry 
_struct_conn.ptnr2_label_asym_id 
_struct_conn.ptnr2_label_comp_id 
_struct_conn.ptnr2_label_seq_id 
_struct_conn.ptnr2_label_atom_id 
_struct_conn.pdbx_ptnr2_label_alt_id 
_struct_conn.pdbx_ptnr2_PDB_ins_code 
_struct_conn.ptnr1_auth_asym_id 
_struct_conn.ptnr1_auth_comp_id 
_struct_conn.ptnr1_auth_seq_id 
_struct_conn.ptnr2_auth_asym_id 
_struct_conn.ptnr2_auth_comp_id 
_struct_conn.ptnr2_auth_seq_id 
_struct_conn.ptnr2_symmetry 
_struct_conn.pdbx_ptnr3_label_atom_id 
_struct_conn.pdbx_ptnr3_label_seq_id 
_struct_conn.pdbx_ptnr3_label_comp_id 
_struct_conn.pdbx_ptnr3_label_asym_id 
_struct_conn.pdbx_ptnr3_label_alt_id 
_struct_conn.pdbx_ptnr3_PDB_ins_code 
_struct_conn.details 
_struct_conn.pdbx_dist_value 
_struct_conn.pdbx_value_order 
_struct_conn.pdbx_role 
covale1  covale both ? A MSE 1   C ? ? ? 1_555 A ASP 2   N ? ? A MSE 1   A ASP 2   1_555 ? ? ? ? ? ? ? 1.334 ? ? 
covale2  covale both ? A ASN 12  C ? ? ? 1_555 A MSE 13  N ? ? A ASN 12  A MSE 13  1_555 ? ? ? ? ? ? ? 1.327 ? ? 
covale3  covale both ? A MSE 13  C ? ? ? 1_555 A GLY 14  N ? ? A MSE 13  A GLY 14  1_555 ? ? ? ? ? ? ? 1.332 ? ? 
covale4  covale both ? A GLY 14  C ? ? ? 1_555 A MSE 15  N ? ? A GLY 14  A MSE 15  1_555 ? ? ? ? ? ? ? 1.332 ? ? 
covale5  covale both ? A MSE 15  C ? ? ? 1_555 A ALA 16  N ? ? A MSE 15  A ALA 16  1_555 ? ? ? ? ? ? ? 1.330 ? ? 
covale6  covale both ? A ALA 16  C ? ? ? 1_555 A MSE 17  N ? ? A ALA 16  A MSE 17  1_555 ? ? ? ? ? ? ? 1.327 ? ? 
covale7  covale both ? A MSE 17  C ? ? ? 1_555 A ILE 18  N ? ? A MSE 17  A ILE 18  1_555 ? ? ? ? ? ? ? 1.332 ? ? 
covale8  covale both ? A GLY 20  C ? ? ? 1_555 A MSE 21  N ? ? A GLY 20  A MSE 21  1_555 ? ? ? ? ? ? ? 1.325 ? ? 
covale9  covale both ? A MSE 21  C ? ? ? 1_555 A ILE 22  N ? ? A MSE 21  A ILE 22  1_555 ? ? ? ? ? ? ? 1.328 ? ? 
covale10 covale both ? A VAL 118 C ? ? ? 1_555 A MSE 119 N ? ? A VAL 118 A MSE 119 1_555 ? ? ? ? ? ? ? 1.328 ? ? 
covale11 covale both ? A MSE 119 C ? ? ? 1_555 A PRO 120 N ? ? A MSE 119 A PRO 120 1_555 ? ? ? ? ? ? ? 1.347 ? ? 
covale12 covale both ? A GLY 129 C ? ? ? 1_555 A MSE 130 N ? ? A GLY 129 A MSE 130 1_555 ? ? ? ? ? ? ? 1.323 ? ? 
covale13 covale both ? A MSE 130 C ? ? ? 1_555 A SER 131 N ? ? A MSE 130 A SER 131 1_555 ? ? ? ? ? ? ? 1.333 ? ? 
covale14 covale both ? A GLU 137 C ? ? ? 1_555 A MSE 138 N ? ? A GLU 137 A MSE 138 1_555 ? ? ? ? ? ? ? 1.330 ? ? 
covale15 covale both ? A MSE 138 C ? ? ? 1_555 A VAL 139 N ? ? A MSE 138 A VAL 139 1_555 ? ? ? ? ? ? ? 1.334 ? ? 
covale16 covale both ? A LEU 164 C ? ? ? 1_555 A MSE 165 N ? ? A LEU 164 A MSE 165 1_555 ? ? ? ? ? ? ? 1.335 ? ? 
covale17 covale both ? A MSE 165 C ? ? ? 1_555 A ASP 166 N ? ? A MSE 165 A ASP 166 1_555 ? ? ? ? ? ? ? 1.335 ? ? 
covale18 covale both ? A TYR 180 C ? ? ? 1_555 A MSE 181 N ? ? A TYR 180 A MSE 181 1_555 ? ? ? ? ? ? ? 1.329 ? ? 
covale19 covale both ? A MSE 181 C ? ? ? 1_555 A ILE 182 N ? ? A MSE 181 A ILE 182 1_555 ? ? ? ? ? ? ? 1.335 ? ? 
covale20 covale both ? A ALA 185 C ? ? ? 1_555 A MSE 186 N ? ? A ALA 185 A MSE 186 1_555 ? ? ? ? ? ? ? 1.331 ? ? 
covale21 covale both ? A MSE 186 C ? ? ? 1_555 A ALA 187 N ? ? A MSE 186 A ALA 187 1_555 ? ? ? ? ? ? ? 1.331 ? ? 
covale22 covale both ? A GLY 194 C ? ? ? 1_555 A MSE 195 N ? ? A GLY 194 A MSE 195 1_555 ? ? ? ? ? ? ? 1.331 ? ? 
covale23 covale both ? A MSE 195 C ? ? ? 1_555 A PRO 196 N ? ? A MSE 195 A PRO 196 1_555 ? ? ? ? ? ? ? 1.353 ? ? 
covale24 covale both ? A LYS 213 C ? ? ? 1_555 A MSE 214 N ? ? A LYS 213 A MSE 214 1_555 ? ? ? ? ? ? ? 1.332 ? ? 
covale25 covale both ? A MSE 214 C ? ? ? 1_555 A VAL 215 N ? ? A MSE 214 A VAL 215 1_555 ? ? ? ? ? ? ? 1.333 ? ? 
# 
_struct_conn_type.id          covale 
_struct_conn_type.criteria    ? 
_struct_conn_type.reference   ? 
# 
loop_
_pdbx_modification_feature.ordinal 
_pdbx_modification_feature.label_comp_id 
_pdbx_modification_feature.label_asym_id 
_pdbx_modification_feature.label_seq_id 
_pdbx_modification_feature.label_alt_id 
_pdbx_modification_feature.modified_residue_label_comp_id 
_pdbx_modification_feature.modified_residue_label_asym_id 
_pdbx_modification_feature.modified_residue_label_seq_id 
_pdbx_modification_feature.modified_residue_label_alt_id 
_pdbx_modification_feature.auth_comp_id 
_pdbx_modification_feature.auth_asym_id 
_pdbx_modification_feature.auth_seq_id 
_pdbx_modification_feature.PDB_ins_code 
_pdbx_modification_feature.symmetry 
_pdbx_modification_feature.modified_residue_auth_comp_id 
_pdbx_modification_feature.modified_residue_auth_asym_id 
_pdbx_modification_feature.modified_residue_auth_seq_id 
_pdbx_modification_feature.modified_residue_PDB_ins_code 
_pdbx_modification_feature.modified_residue_symmetry 
_pdbx_modification_feature.comp_id_linking_atom 
_pdbx_modification_feature.modified_residue_id_linking_atom 
_pdbx_modification_feature.modified_residue_id 
_pdbx_modification_feature.ref_pcm_id 
_pdbx_modification_feature.ref_comp_id 
_pdbx_modification_feature.type 
_pdbx_modification_feature.category 
1  MSE A 1   ? . . . . MSE A 1   ? 1_555 . . . . . . . MET 1 MSE Selenomethionine 'Named protein modification' 
2  MSE A 13  ? . . . . MSE A 13  ? 1_555 . . . . . . . MET 1 MSE Selenomethionine 'Named protein modification' 
3  MSE A 15  ? . . . . MSE A 15  ? 1_555 . . . . . . . MET 1 MSE Selenomethionine 'Named protein modification' 
4  MSE A 17  ? . . . . MSE A 17  ? 1_555 . . . . . . . MET 1 MSE Selenomethionine 'Named protein modification' 
5  MSE A 21  ? . . . . MSE A 21  ? 1_555 . . . . . . . MET 1 MSE Selenomethionine 'Named protein modification' 
6  MSE A 119 ? . . . . MSE A 119 ? 1_555 . . . . . . . MET 1 MSE Selenomethionine 'Named protein modification' 
7  MSE A 130 ? . . . . MSE A 130 ? 1_555 . . . . . . . MET 1 MSE Selenomethionine 'Named protein modification' 
8  MSE A 138 ? . . . . MSE A 138 ? 1_555 . . . . . . . MET 1 MSE Selenomethionine 'Named protein modification' 
9  MSE A 165 ? . . . . MSE A 165 ? 1_555 . . . . . . . MET 1 MSE Selenomethionine 'Named protein modification' 
10 MSE A 181 ? . . . . MSE A 181 ? 1_555 . . . . . . . MET 1 MSE Selenomethionine 'Named protein modification' 
11 MSE A 186 ? . . . . MSE A 186 ? 1_555 . . . . . . . MET 1 MSE Selenomethionine 'Named protein modification' 
12 MSE A 195 ? . . . . MSE A 195 ? 1_555 . . . . . . . MET 1 MSE Selenomethionine 'Named protein modification' 
13 MSE A 214 ? . . . . MSE A 214 ? 1_555 . . . . . . . MET 1 MSE Selenomethionine 'Named protein modification' 
# 
_struct_sheet.id               A 
_struct_sheet.type             ? 
_struct_sheet.number_strands   8 
_struct_sheet.details          ? 
# 
loop_
_struct_sheet_order.sheet_id 
_struct_sheet_order.range_id_1 
_struct_sheet_order.range_id_2 
_struct_sheet_order.offset 
_struct_sheet_order.sense 
A 1 2 ? parallel      
A 2 3 ? parallel      
A 3 4 ? parallel      
A 4 5 ? parallel      
A 5 6 ? parallel      
A 6 7 ? anti-parallel 
A 7 8 ? parallel      
# 
loop_
_struct_sheet_range.sheet_id 
_struct_sheet_range.id 
_struct_sheet_range.beg_label_comp_id 
_struct_sheet_range.beg_label_asym_id 
_struct_sheet_range.beg_label_seq_id 
_struct_sheet_range.pdbx_beg_PDB_ins_code 
_struct_sheet_range.end_label_comp_id 
_struct_sheet_range.end_label_asym_id 
_struct_sheet_range.end_label_seq_id 
_struct_sheet_range.pdbx_end_PDB_ins_code 
_struct_sheet_range.beg_auth_comp_id 
_struct_sheet_range.beg_auth_asym_id 
_struct_sheet_range.beg_auth_seq_id 
_struct_sheet_range.end_auth_comp_id 
_struct_sheet_range.end_auth_asym_id 
_struct_sheet_range.end_auth_seq_id 
A 1 THR A 52  ? THR A 53  ? THR A 52  THR A 53  
A 2 ILE A 32  ? SER A 35  ? ILE A 32  SER A 35  
A 3 ILE A 5   ? ILE A 8   ? ILE A 5   ILE A 8   
A 4 ILE A 66  ? LEU A 69  ? ILE A 66  LEU A 69  
A 5 ILE A 92  ? THR A 95  ? ILE A 92  THR A 95  
A 6 LYS A 114 ? MSE A 119 ? LYS A 114 MSE A 119 
A 7 GLY A 129 ? PRO A 135 ? GLY A 129 PRO A 135 
A 8 GLY A 155 ? ILE A 159 ? GLY A 155 ILE A 159 
# 
loop_
_pdbx_struct_sheet_hbond.sheet_id 
_pdbx_struct_sheet_hbond.range_id_1 
_pdbx_struct_sheet_hbond.range_id_2 
_pdbx_struct_sheet_hbond.range_1_label_atom_id 
_pdbx_struct_sheet_hbond.range_1_label_comp_id 
_pdbx_struct_sheet_hbond.range_1_label_asym_id 
_pdbx_struct_sheet_hbond.range_1_label_seq_id 
_pdbx_struct_sheet_hbond.range_1_PDB_ins_code 
_pdbx_struct_sheet_hbond.range_1_auth_atom_id 
_pdbx_struct_sheet_hbond.range_1_auth_comp_id 
_pdbx_struct_sheet_hbond.range_1_auth_asym_id 
_pdbx_struct_sheet_hbond.range_1_auth_seq_id 
_pdbx_struct_sheet_hbond.range_2_label_atom_id 
_pdbx_struct_sheet_hbond.range_2_label_comp_id 
_pdbx_struct_sheet_hbond.range_2_label_asym_id 
_pdbx_struct_sheet_hbond.range_2_label_seq_id 
_pdbx_struct_sheet_hbond.range_2_PDB_ins_code 
_pdbx_struct_sheet_hbond.range_2_auth_atom_id 
_pdbx_struct_sheet_hbond.range_2_auth_comp_id 
_pdbx_struct_sheet_hbond.range_2_auth_asym_id 
_pdbx_struct_sheet_hbond.range_2_auth_seq_id 
A 1 2 O THR A 52  ? O THR A 52  N CYS A 34  ? N CYS A 34  
A 2 3 O ILE A 33  ? O ILE A 33  N PHE A 7   ? N PHE A 7   
A 3 4 N GLY A 6   ? N GLY A 6   O ILE A 68  ? O ILE A 68  
A 4 5 N LEU A 69  ? N LEU A 69  O VAL A 94  ? O VAL A 94  
A 5 6 N THR A 95  ? N THR A 95  O VAL A 118 ? O VAL A 118 
A 6 7 N ARG A 117 ? N ARG A 117 O CYS A 134 ? O CYS A 134 
A 7 8 N LEU A 133 ? N LEU A 133 O GLU A 158 ? O GLU A 158 
# 
_pdbx_entry_details.entry_id                   3GT0 
_pdbx_entry_details.compound_details           ? 
_pdbx_entry_details.source_details             ? 
_pdbx_entry_details.nonpolymer_details         ? 
_pdbx_entry_details.sequence_details           ? 
_pdbx_entry_details.has_ligand_of_interest     ? 
_pdbx_entry_details.has_protein_modification   Y 
# 
loop_
_pdbx_validate_torsion.id 
_pdbx_validate_torsion.PDB_model_num 
_pdbx_validate_torsion.auth_comp_id 
_pdbx_validate_torsion.auth_asym_id 
_pdbx_validate_torsion.auth_seq_id 
_pdbx_validate_torsion.PDB_ins_code 
_pdbx_validate_torsion.label_alt_id 
_pdbx_validate_torsion.phi 
_pdbx_validate_torsion.psi 
1 1 CYS A 10  ? ? -141.93 49.62  
2 1 ASN A 110 ? ? 68.05   -59.02 
3 1 PRO A 123 ? ? -59.91  -6.10  
# 
_pdbx_SG_project.id                    1 
_pdbx_SG_project.project_name          'PSI, Protein Structure Initiative' 
_pdbx_SG_project.full_name_of_center   'Northeast Structural Genomics Consortium' 
_pdbx_SG_project.initial_of_center     NESG 
# 
loop_
_pdbx_struct_mod_residue.id 
_pdbx_struct_mod_residue.label_asym_id 
_pdbx_struct_mod_residue.label_comp_id 
_pdbx_struct_mod_residue.label_seq_id 
_pdbx_struct_mod_residue.auth_asym_id 
_pdbx_struct_mod_residue.auth_comp_id 
_pdbx_struct_mod_residue.auth_seq_id 
_pdbx_struct_mod_residue.PDB_ins_code 
_pdbx_struct_mod_residue.parent_comp_id 
_pdbx_struct_mod_residue.details 
1  A MSE 1   A MSE 1   ? MET SELENOMETHIONINE 
2  A MSE 13  A MSE 13  ? MET SELENOMETHIONINE 
3  A MSE 15  A MSE 15  ? MET SELENOMETHIONINE 
4  A MSE 17  A MSE 17  ? MET SELENOMETHIONINE 
5  A MSE 21  A MSE 21  ? MET SELENOMETHIONINE 
6  A MSE 119 A MSE 119 ? MET SELENOMETHIONINE 
7  A MSE 130 A MSE 130 ? MET SELENOMETHIONINE 
8  A MSE 138 A MSE 138 ? MET SELENOMETHIONINE 
9  A MSE 165 A MSE 165 ? MET SELENOMETHIONINE 
10 A MSE 181 A MSE 181 ? MET SELENOMETHIONINE 
11 A MSE 186 A MSE 186 ? MET SELENOMETHIONINE 
12 A MSE 195 A MSE 195 ? MET SELENOMETHIONINE 
13 A MSE 214 A MSE 214 ? MET SELENOMETHIONINE 
# 
_pdbx_refine_tls.pdbx_refine_id   'X-RAY DIFFRACTION' 
_pdbx_refine_tls.id               1 
_pdbx_refine_tls.details          ? 
_pdbx_refine_tls.method           refined 
_pdbx_refine_tls.origin_x         0.0667 
_pdbx_refine_tls.origin_y         -0.4514 
_pdbx_refine_tls.origin_z         0.2924 
_pdbx_refine_tls.T[1][1]          -0.1025 
_pdbx_refine_tls.T[2][2]          -0.0943 
_pdbx_refine_tls.T[3][3]          -0.0155 
_pdbx_refine_tls.T[1][2]          -0.0581 
_pdbx_refine_tls.T[1][3]          0.0329 
_pdbx_refine_tls.T[2][3]          -0.0348 
_pdbx_refine_tls.L[1][1]          0.9178 
_pdbx_refine_tls.L[2][2]          3.7695 
_pdbx_refine_tls.L[3][3]          2.0550 
_pdbx_refine_tls.L[1][2]          0.3535 
_pdbx_refine_tls.L[1][3]          -0.5129 
_pdbx_refine_tls.L[2][3]          -1.2095 
_pdbx_refine_tls.S[1][1]          -0.0795 
_pdbx_refine_tls.S[2][2]          0.0879 
_pdbx_refine_tls.S[3][3]          -0.0085 
_pdbx_refine_tls.S[1][2]          0.1074 
_pdbx_refine_tls.S[1][3]          -0.0158 
_pdbx_refine_tls.S[2][3]          0.6199 
_pdbx_refine_tls.S[2][1]          0.0201 
_pdbx_refine_tls.S[3][1]          0.4150 
_pdbx_refine_tls.S[3][2]          -0.3991 
# 
loop_
_pdbx_refine_tls_group.pdbx_refine_id 
_pdbx_refine_tls_group.id 
_pdbx_refine_tls_group.refine_tls_id 
_pdbx_refine_tls_group.beg_auth_asym_id 
_pdbx_refine_tls_group.beg_auth_seq_id 
_pdbx_refine_tls_group.end_auth_asym_id 
_pdbx_refine_tls_group.end_auth_seq_id 
_pdbx_refine_tls_group.selection_details 
_pdbx_refine_tls_group.beg_label_asym_id 
_pdbx_refine_tls_group.beg_label_seq_id 
_pdbx_refine_tls_group.end_label_asym_id 
_pdbx_refine_tls_group.end_label_seq_id 
_pdbx_refine_tls_group.selection 
'X-RAY DIFFRACTION' 1 1 A 301 A 338 ? . . . . ? 
'X-RAY DIFFRACTION' 2 1 A 1   A 220 ? . . . . ? 
# 
loop_
_pdbx_unobs_or_zero_occ_residues.id 
_pdbx_unobs_or_zero_occ_residues.PDB_model_num 
_pdbx_unobs_or_zero_occ_residues.polymer_flag 
_pdbx_unobs_or_zero_occ_residues.occupancy_flag 
_pdbx_unobs_or_zero_occ_residues.auth_asym_id 
_pdbx_unobs_or_zero_occ_residues.auth_comp_id 
_pdbx_unobs_or_zero_occ_residues.auth_seq_id 
_pdbx_unobs_or_zero_occ_residues.PDB_ins_code 
_pdbx_unobs_or_zero_occ_residues.label_asym_id 
_pdbx_unobs_or_zero_occ_residues.label_comp_id 
_pdbx_unobs_or_zero_occ_residues.label_seq_id 
1  1 Y 1 A ASN 81  ? A ASN 81  
2  1 Y 1 A GLU 82  ? A GLU 82  
3  1 Y 1 A ILE 83  ? A ILE 83  
4  1 Y 1 A HIS 221 ? A HIS 221 
5  1 Y 1 A PRO 222 ? A PRO 222 
6  1 Y 1 A GLY 223 ? A GLY 223 
7  1 Y 1 A GLU 224 ? A GLU 224 
8  1 Y 1 A LEU 225 ? A LEU 225 
9  1 Y 1 A LYS 226 ? A LYS 226 
10 1 Y 1 A ASP 227 ? A ASP 227 
11 1 Y 1 A MSE 228 ? A MSE 228 
12 1 Y 1 A VAL 229 ? A VAL 229 
13 1 Y 1 A CYS 230 ? A CYS 230 
14 1 Y 1 A SER 231 ? A SER 231 
15 1 Y 1 A PRO 232 ? A PRO 232 
16 1 Y 1 A GLY 233 ? A GLY 233 
17 1 Y 1 A GLY 234 ? A GLY 234 
18 1 Y 1 A THR 235 ? A THR 235 
19 1 Y 1 A THR 236 ? A THR 236 
20 1 Y 1 A ILE 237 ? A ILE 237 
21 1 Y 1 A GLU 238 ? A GLU 238 
22 1 Y 1 A ALA 239 ? A ALA 239 
23 1 Y 1 A VAL 240 ? A VAL 240 
24 1 Y 1 A ALA 241 ? A ALA 241 
25 1 Y 1 A THR 242 ? A THR 242 
26 1 Y 1 A LEU 243 ? A LEU 243 
27 1 Y 1 A GLU 244 ? A GLU 244 
28 1 Y 1 A GLU 245 ? A GLU 245 
29 1 Y 1 A LYS 246 ? A LYS 246 
30 1 Y 1 A GLY 247 ? A GLY 247 
# 
loop_
_chem_comp_atom.comp_id 
_chem_comp_atom.atom_id 
_chem_comp_atom.type_symbol 
_chem_comp_atom.pdbx_aromatic_flag 
_chem_comp_atom.pdbx_stereo_config 
_chem_comp_atom.pdbx_ordinal 
ALA N    N  N N 1   
ALA CA   C  N S 2   
ALA C    C  N N 3   
ALA O    O  N N 4   
ALA CB   C  N N 5   
ALA OXT  O  N N 6   
ALA H    H  N N 7   
ALA H2   H  N N 8   
ALA HA   H  N N 9   
ALA HB1  H  N N 10  
ALA HB2  H  N N 11  
ALA HB3  H  N N 12  
ALA HXT  H  N N 13  
ARG N    N  N N 14  
ARG CA   C  N S 15  
ARG C    C  N N 16  
ARG O    O  N N 17  
ARG CB   C  N N 18  
ARG CG   C  N N 19  
ARG CD   C  N N 20  
ARG NE   N  N N 21  
ARG CZ   C  N N 22  
ARG NH1  N  N N 23  
ARG NH2  N  N N 24  
ARG OXT  O  N N 25  
ARG H    H  N N 26  
ARG H2   H  N N 27  
ARG HA   H  N N 28  
ARG HB2  H  N N 29  
ARG HB3  H  N N 30  
ARG HG2  H  N N 31  
ARG HG3  H  N N 32  
ARG HD2  H  N N 33  
ARG HD3  H  N N 34  
ARG HE   H  N N 35  
ARG HH11 H  N N 36  
ARG HH12 H  N N 37  
ARG HH21 H  N N 38  
ARG HH22 H  N N 39  
ARG HXT  H  N N 40  
ASN N    N  N N 41  
ASN CA   C  N S 42  
ASN C    C  N N 43  
ASN O    O  N N 44  
ASN CB   C  N N 45  
ASN CG   C  N N 46  
ASN OD1  O  N N 47  
ASN ND2  N  N N 48  
ASN OXT  O  N N 49  
ASN H    H  N N 50  
ASN H2   H  N N 51  
ASN HA   H  N N 52  
ASN HB2  H  N N 53  
ASN HB3  H  N N 54  
ASN HD21 H  N N 55  
ASN HD22 H  N N 56  
ASN HXT  H  N N 57  
ASP N    N  N N 58  
ASP CA   C  N S 59  
ASP C    C  N N 60  
ASP O    O  N N 61  
ASP CB   C  N N 62  
ASP CG   C  N N 63  
ASP OD1  O  N N 64  
ASP OD2  O  N N 65  
ASP OXT  O  N N 66  
ASP H    H  N N 67  
ASP H2   H  N N 68  
ASP HA   H  N N 69  
ASP HB2  H  N N 70  
ASP HB3  H  N N 71  
ASP HD2  H  N N 72  
ASP HXT  H  N N 73  
CYS N    N  N N 74  
CYS CA   C  N R 75  
CYS C    C  N N 76  
CYS O    O  N N 77  
CYS CB   C  N N 78  
CYS SG   S  N N 79  
CYS OXT  O  N N 80  
CYS H    H  N N 81  
CYS H2   H  N N 82  
CYS HA   H  N N 83  
CYS HB2  H  N N 84  
CYS HB3  H  N N 85  
CYS HG   H  N N 86  
CYS HXT  H  N N 87  
GLN N    N  N N 88  
GLN CA   C  N S 89  
GLN C    C  N N 90  
GLN O    O  N N 91  
GLN CB   C  N N 92  
GLN CG   C  N N 93  
GLN CD   C  N N 94  
GLN OE1  O  N N 95  
GLN NE2  N  N N 96  
GLN OXT  O  N N 97  
GLN H    H  N N 98  
GLN H2   H  N N 99  
GLN HA   H  N N 100 
GLN HB2  H  N N 101 
GLN HB3  H  N N 102 
GLN HG2  H  N N 103 
GLN HG3  H  N N 104 
GLN HE21 H  N N 105 
GLN HE22 H  N N 106 
GLN HXT  H  N N 107 
GLU N    N  N N 108 
GLU CA   C  N S 109 
GLU C    C  N N 110 
GLU O    O  N N 111 
GLU CB   C  N N 112 
GLU CG   C  N N 113 
GLU CD   C  N N 114 
GLU OE1  O  N N 115 
GLU OE2  O  N N 116 
GLU OXT  O  N N 117 
GLU H    H  N N 118 
GLU H2   H  N N 119 
GLU HA   H  N N 120 
GLU HB2  H  N N 121 
GLU HB3  H  N N 122 
GLU HG2  H  N N 123 
GLU HG3  H  N N 124 
GLU HE2  H  N N 125 
GLU HXT  H  N N 126 
GLY N    N  N N 127 
GLY CA   C  N N 128 
GLY C    C  N N 129 
GLY O    O  N N 130 
GLY OXT  O  N N 131 
GLY H    H  N N 132 
GLY H2   H  N N 133 
GLY HA2  H  N N 134 
GLY HA3  H  N N 135 
GLY HXT  H  N N 136 
HIS N    N  N N 137 
HIS CA   C  N S 138 
HIS C    C  N N 139 
HIS O    O  N N 140 
HIS CB   C  N N 141 
HIS CG   C  Y N 142 
HIS ND1  N  Y N 143 
HIS CD2  C  Y N 144 
HIS CE1  C  Y N 145 
HIS NE2  N  Y N 146 
HIS OXT  O  N N 147 
HIS H    H  N N 148 
HIS H2   H  N N 149 
HIS HA   H  N N 150 
HIS HB2  H  N N 151 
HIS HB3  H  N N 152 
HIS HD1  H  N N 153 
HIS HD2  H  N N 154 
HIS HE1  H  N N 155 
HIS HE2  H  N N 156 
HIS HXT  H  N N 157 
HOH O    O  N N 158 
HOH H1   H  N N 159 
HOH H2   H  N N 160 
ILE N    N  N N 161 
ILE CA   C  N S 162 
ILE C    C  N N 163 
ILE O    O  N N 164 
ILE CB   C  N S 165 
ILE CG1  C  N N 166 
ILE CG2  C  N N 167 
ILE CD1  C  N N 168 
ILE OXT  O  N N 169 
ILE H    H  N N 170 
ILE H2   H  N N 171 
ILE HA   H  N N 172 
ILE HB   H  N N 173 
ILE HG12 H  N N 174 
ILE HG13 H  N N 175 
ILE HG21 H  N N 176 
ILE HG22 H  N N 177 
ILE HG23 H  N N 178 
ILE HD11 H  N N 179 
ILE HD12 H  N N 180 
ILE HD13 H  N N 181 
ILE HXT  H  N N 182 
LEU N    N  N N 183 
LEU CA   C  N S 184 
LEU C    C  N N 185 
LEU O    O  N N 186 
LEU CB   C  N N 187 
LEU CG   C  N N 188 
LEU CD1  C  N N 189 
LEU CD2  C  N N 190 
LEU OXT  O  N N 191 
LEU H    H  N N 192 
LEU H2   H  N N 193 
LEU HA   H  N N 194 
LEU HB2  H  N N 195 
LEU HB3  H  N N 196 
LEU HG   H  N N 197 
LEU HD11 H  N N 198 
LEU HD12 H  N N 199 
LEU HD13 H  N N 200 
LEU HD21 H  N N 201 
LEU HD22 H  N N 202 
LEU HD23 H  N N 203 
LEU HXT  H  N N 204 
LYS N    N  N N 205 
LYS CA   C  N S 206 
LYS C    C  N N 207 
LYS O    O  N N 208 
LYS CB   C  N N 209 
LYS CG   C  N N 210 
LYS CD   C  N N 211 
LYS CE   C  N N 212 
LYS NZ   N  N N 213 
LYS OXT  O  N N 214 
LYS H    H  N N 215 
LYS H2   H  N N 216 
LYS HA   H  N N 217 
LYS HB2  H  N N 218 
LYS HB3  H  N N 219 
LYS HG2  H  N N 220 
LYS HG3  H  N N 221 
LYS HD2  H  N N 222 
LYS HD3  H  N N 223 
LYS HE2  H  N N 224 
LYS HE3  H  N N 225 
LYS HZ1  H  N N 226 
LYS HZ2  H  N N 227 
LYS HZ3  H  N N 228 
LYS HXT  H  N N 229 
MSE N    N  N N 230 
MSE CA   C  N S 231 
MSE C    C  N N 232 
MSE O    O  N N 233 
MSE OXT  O  N N 234 
MSE CB   C  N N 235 
MSE CG   C  N N 236 
MSE SE   SE N N 237 
MSE CE   C  N N 238 
MSE H    H  N N 239 
MSE H2   H  N N 240 
MSE HA   H  N N 241 
MSE HXT  H  N N 242 
MSE HB2  H  N N 243 
MSE HB3  H  N N 244 
MSE HG2  H  N N 245 
MSE HG3  H  N N 246 
MSE HE1  H  N N 247 
MSE HE2  H  N N 248 
MSE HE3  H  N N 249 
PHE N    N  N N 250 
PHE CA   C  N S 251 
PHE C    C  N N 252 
PHE O    O  N N 253 
PHE CB   C  N N 254 
PHE CG   C  Y N 255 
PHE CD1  C  Y N 256 
PHE CD2  C  Y N 257 
PHE CE1  C  Y N 258 
PHE CE2  C  Y N 259 
PHE CZ   C  Y N 260 
PHE OXT  O  N N 261 
PHE H    H  N N 262 
PHE H2   H  N N 263 
PHE HA   H  N N 264 
PHE HB2  H  N N 265 
PHE HB3  H  N N 266 
PHE HD1  H  N N 267 
PHE HD2  H  N N 268 
PHE HE1  H  N N 269 
PHE HE2  H  N N 270 
PHE HZ   H  N N 271 
PHE HXT  H  N N 272 
PRO N    N  N N 273 
PRO CA   C  N S 274 
PRO C    C  N N 275 
PRO O    O  N N 276 
PRO CB   C  N N 277 
PRO CG   C  N N 278 
PRO CD   C  N N 279 
PRO OXT  O  N N 280 
PRO H    H  N N 281 
PRO HA   H  N N 282 
PRO HB2  H  N N 283 
PRO HB3  H  N N 284 
PRO HG2  H  N N 285 
PRO HG3  H  N N 286 
PRO HD2  H  N N 287 
PRO HD3  H  N N 288 
PRO HXT  H  N N 289 
SER N    N  N N 290 
SER CA   C  N S 291 
SER C    C  N N 292 
SER O    O  N N 293 
SER CB   C  N N 294 
SER OG   O  N N 295 
SER OXT  O  N N 296 
SER H    H  N N 297 
SER H2   H  N N 298 
SER HA   H  N N 299 
SER HB2  H  N N 300 
SER HB3  H  N N 301 
SER HG   H  N N 302 
SER HXT  H  N N 303 
THR N    N  N N 304 
THR CA   C  N S 305 
THR C    C  N N 306 
THR O    O  N N 307 
THR CB   C  N R 308 
THR OG1  O  N N 309 
THR CG2  C  N N 310 
THR OXT  O  N N 311 
THR H    H  N N 312 
THR H2   H  N N 313 
THR HA   H  N N 314 
THR HB   H  N N 315 
THR HG1  H  N N 316 
THR HG21 H  N N 317 
THR HG22 H  N N 318 
THR HG23 H  N N 319 
THR HXT  H  N N 320 
TYR N    N  N N 321 
TYR CA   C  N S 322 
TYR C    C  N N 323 
TYR O    O  N N 324 
TYR CB   C  N N 325 
TYR CG   C  Y N 326 
TYR CD1  C  Y N 327 
TYR CD2  C  Y N 328 
TYR CE1  C  Y N 329 
TYR CE2  C  Y N 330 
TYR CZ   C  Y N 331 
TYR OH   O  N N 332 
TYR OXT  O  N N 333 
TYR H    H  N N 334 
TYR H2   H  N N 335 
TYR HA   H  N N 336 
TYR HB2  H  N N 337 
TYR HB3  H  N N 338 
TYR HD1  H  N N 339 
TYR HD2  H  N N 340 
TYR HE1  H  N N 341 
TYR HE2  H  N N 342 
TYR HH   H  N N 343 
TYR HXT  H  N N 344 
VAL N    N  N N 345 
VAL CA   C  N S 346 
VAL C    C  N N 347 
VAL O    O  N N 348 
VAL CB   C  N N 349 
VAL CG1  C  N N 350 
VAL CG2  C  N N 351 
VAL OXT  O  N N 352 
VAL H    H  N N 353 
VAL H2   H  N N 354 
VAL HA   H  N N 355 
VAL HB   H  N N 356 
VAL HG11 H  N N 357 
VAL HG12 H  N N 358 
VAL HG13 H  N N 359 
VAL HG21 H  N N 360 
VAL HG22 H  N N 361 
VAL HG23 H  N N 362 
VAL HXT  H  N N 363 
# 
loop_
_chem_comp_bond.comp_id 
_chem_comp_bond.atom_id_1 
_chem_comp_bond.atom_id_2 
_chem_comp_bond.value_order 
_chem_comp_bond.pdbx_aromatic_flag 
_chem_comp_bond.pdbx_stereo_config 
_chem_comp_bond.pdbx_ordinal 
ALA N   CA   sing N N 1   
ALA N   H    sing N N 2   
ALA N   H2   sing N N 3   
ALA CA  C    sing N N 4   
ALA CA  CB   sing N N 5   
ALA CA  HA   sing N N 6   
ALA C   O    doub N N 7   
ALA C   OXT  sing N N 8   
ALA CB  HB1  sing N N 9   
ALA CB  HB2  sing N N 10  
ALA CB  HB3  sing N N 11  
ALA OXT HXT  sing N N 12  
ARG N   CA   sing N N 13  
ARG N   H    sing N N 14  
ARG N   H2   sing N N 15  
ARG CA  C    sing N N 16  
ARG CA  CB   sing N N 17  
ARG CA  HA   sing N N 18  
ARG C   O    doub N N 19  
ARG C   OXT  sing N N 20  
ARG CB  CG   sing N N 21  
ARG CB  HB2  sing N N 22  
ARG CB  HB3  sing N N 23  
ARG CG  CD   sing N N 24  
ARG CG  HG2  sing N N 25  
ARG CG  HG3  sing N N 26  
ARG CD  NE   sing N N 27  
ARG CD  HD2  sing N N 28  
ARG CD  HD3  sing N N 29  
ARG NE  CZ   sing N N 30  
ARG NE  HE   sing N N 31  
ARG CZ  NH1  sing N N 32  
ARG CZ  NH2  doub N N 33  
ARG NH1 HH11 sing N N 34  
ARG NH1 HH12 sing N N 35  
ARG NH2 HH21 sing N N 36  
ARG NH2 HH22 sing N N 37  
ARG OXT HXT  sing N N 38  
ASN N   CA   sing N N 39  
ASN N   H    sing N N 40  
ASN N   H2   sing N N 41  
ASN CA  C    sing N N 42  
ASN CA  CB   sing N N 43  
ASN CA  HA   sing N N 44  
ASN C   O    doub N N 45  
ASN C   OXT  sing N N 46  
ASN CB  CG   sing N N 47  
ASN CB  HB2  sing N N 48  
ASN CB  HB3  sing N N 49  
ASN CG  OD1  doub N N 50  
ASN CG  ND2  sing N N 51  
ASN ND2 HD21 sing N N 52  
ASN ND2 HD22 sing N N 53  
ASN OXT HXT  sing N N 54  
ASP N   CA   sing N N 55  
ASP N   H    sing N N 56  
ASP N   H2   sing N N 57  
ASP CA  C    sing N N 58  
ASP CA  CB   sing N N 59  
ASP CA  HA   sing N N 60  
ASP C   O    doub N N 61  
ASP C   OXT  sing N N 62  
ASP CB  CG   sing N N 63  
ASP CB  HB2  sing N N 64  
ASP CB  HB3  sing N N 65  
ASP CG  OD1  doub N N 66  
ASP CG  OD2  sing N N 67  
ASP OD2 HD2  sing N N 68  
ASP OXT HXT  sing N N 69  
CYS N   CA   sing N N 70  
CYS N   H    sing N N 71  
CYS N   H2   sing N N 72  
CYS CA  C    sing N N 73  
CYS CA  CB   sing N N 74  
CYS CA  HA   sing N N 75  
CYS C   O    doub N N 76  
CYS C   OXT  sing N N 77  
CYS CB  SG   sing N N 78  
CYS CB  HB2  sing N N 79  
CYS CB  HB3  sing N N 80  
CYS SG  HG   sing N N 81  
CYS OXT HXT  sing N N 82  
GLN N   CA   sing N N 83  
GLN N   H    sing N N 84  
GLN N   H2   sing N N 85  
GLN CA  C    sing N N 86  
GLN CA  CB   sing N N 87  
GLN CA  HA   sing N N 88  
GLN C   O    doub N N 89  
GLN C   OXT  sing N N 90  
GLN CB  CG   sing N N 91  
GLN CB  HB2  sing N N 92  
GLN CB  HB3  sing N N 93  
GLN CG  CD   sing N N 94  
GLN CG  HG2  sing N N 95  
GLN CG  HG3  sing N N 96  
GLN CD  OE1  doub N N 97  
GLN CD  NE2  sing N N 98  
GLN NE2 HE21 sing N N 99  
GLN NE2 HE22 sing N N 100 
GLN OXT HXT  sing N N 101 
GLU N   CA   sing N N 102 
GLU N   H    sing N N 103 
GLU N   H2   sing N N 104 
GLU CA  C    sing N N 105 
GLU CA  CB   sing N N 106 
GLU CA  HA   sing N N 107 
GLU C   O    doub N N 108 
GLU C   OXT  sing N N 109 
GLU CB  CG   sing N N 110 
GLU CB  HB2  sing N N 111 
GLU CB  HB3  sing N N 112 
GLU CG  CD   sing N N 113 
GLU CG  HG2  sing N N 114 
GLU CG  HG3  sing N N 115 
GLU CD  OE1  doub N N 116 
GLU CD  OE2  sing N N 117 
GLU OE2 HE2  sing N N 118 
GLU OXT HXT  sing N N 119 
GLY N   CA   sing N N 120 
GLY N   H    sing N N 121 
GLY N   H2   sing N N 122 
GLY CA  C    sing N N 123 
GLY CA  HA2  sing N N 124 
GLY CA  HA3  sing N N 125 
GLY C   O    doub N N 126 
GLY C   OXT  sing N N 127 
GLY OXT HXT  sing N N 128 
HIS N   CA   sing N N 129 
HIS N   H    sing N N 130 
HIS N   H2   sing N N 131 
HIS CA  C    sing N N 132 
HIS CA  CB   sing N N 133 
HIS CA  HA   sing N N 134 
HIS C   O    doub N N 135 
HIS C   OXT  sing N N 136 
HIS CB  CG   sing N N 137 
HIS CB  HB2  sing N N 138 
HIS CB  HB3  sing N N 139 
HIS CG  ND1  sing Y N 140 
HIS CG  CD2  doub Y N 141 
HIS ND1 CE1  doub Y N 142 
HIS ND1 HD1  sing N N 143 
HIS CD2 NE2  sing Y N 144 
HIS CD2 HD2  sing N N 145 
HIS CE1 NE2  sing Y N 146 
HIS CE1 HE1  sing N N 147 
HIS NE2 HE2  sing N N 148 
HIS OXT HXT  sing N N 149 
HOH O   H1   sing N N 150 
HOH O   H2   sing N N 151 
ILE N   CA   sing N N 152 
ILE N   H    sing N N 153 
ILE N   H2   sing N N 154 
ILE CA  C    sing N N 155 
ILE CA  CB   sing N N 156 
ILE CA  HA   sing N N 157 
ILE C   O    doub N N 158 
ILE C   OXT  sing N N 159 
ILE CB  CG1  sing N N 160 
ILE CB  CG2  sing N N 161 
ILE CB  HB   sing N N 162 
ILE CG1 CD1  sing N N 163 
ILE CG1 HG12 sing N N 164 
ILE CG1 HG13 sing N N 165 
ILE CG2 HG21 sing N N 166 
ILE CG2 HG22 sing N N 167 
ILE CG2 HG23 sing N N 168 
ILE CD1 HD11 sing N N 169 
ILE CD1 HD12 sing N N 170 
ILE CD1 HD13 sing N N 171 
ILE OXT HXT  sing N N 172 
LEU N   CA   sing N N 173 
LEU N   H    sing N N 174 
LEU N   H2   sing N N 175 
LEU CA  C    sing N N 176 
LEU CA  CB   sing N N 177 
LEU CA  HA   sing N N 178 
LEU C   O    doub N N 179 
LEU C   OXT  sing N N 180 
LEU CB  CG   sing N N 181 
LEU CB  HB2  sing N N 182 
LEU CB  HB3  sing N N 183 
LEU CG  CD1  sing N N 184 
LEU CG  CD2  sing N N 185 
LEU CG  HG   sing N N 186 
LEU CD1 HD11 sing N N 187 
LEU CD1 HD12 sing N N 188 
LEU CD1 HD13 sing N N 189 
LEU CD2 HD21 sing N N 190 
LEU CD2 HD22 sing N N 191 
LEU CD2 HD23 sing N N 192 
LEU OXT HXT  sing N N 193 
LYS N   CA   sing N N 194 
LYS N   H    sing N N 195 
LYS N   H2   sing N N 196 
LYS CA  C    sing N N 197 
LYS CA  CB   sing N N 198 
LYS CA  HA   sing N N 199 
LYS C   O    doub N N 200 
LYS C   OXT  sing N N 201 
LYS CB  CG   sing N N 202 
LYS CB  HB2  sing N N 203 
LYS CB  HB3  sing N N 204 
LYS CG  CD   sing N N 205 
LYS CG  HG2  sing N N 206 
LYS CG  HG3  sing N N 207 
LYS CD  CE   sing N N 208 
LYS CD  HD2  sing N N 209 
LYS CD  HD3  sing N N 210 
LYS CE  NZ   sing N N 211 
LYS CE  HE2  sing N N 212 
LYS CE  HE3  sing N N 213 
LYS NZ  HZ1  sing N N 214 
LYS NZ  HZ2  sing N N 215 
LYS NZ  HZ3  sing N N 216 
LYS OXT HXT  sing N N 217 
MSE N   CA   sing N N 218 
MSE N   H    sing N N 219 
MSE N   H2   sing N N 220 
MSE CA  C    sing N N 221 
MSE CA  CB   sing N N 222 
MSE CA  HA   sing N N 223 
MSE C   O    doub N N 224 
MSE C   OXT  sing N N 225 
MSE OXT HXT  sing N N 226 
MSE CB  CG   sing N N 227 
MSE CB  HB2  sing N N 228 
MSE CB  HB3  sing N N 229 
MSE CG  SE   sing N N 230 
MSE CG  HG2  sing N N 231 
MSE CG  HG3  sing N N 232 
MSE SE  CE   sing N N 233 
MSE CE  HE1  sing N N 234 
MSE CE  HE2  sing N N 235 
MSE CE  HE3  sing N N 236 
PHE N   CA   sing N N 237 
PHE N   H    sing N N 238 
PHE N   H2   sing N N 239 
PHE CA  C    sing N N 240 
PHE CA  CB   sing N N 241 
PHE CA  HA   sing N N 242 
PHE C   O    doub N N 243 
PHE C   OXT  sing N N 244 
PHE CB  CG   sing N N 245 
PHE CB  HB2  sing N N 246 
PHE CB  HB3  sing N N 247 
PHE CG  CD1  doub Y N 248 
PHE CG  CD2  sing Y N 249 
PHE CD1 CE1  sing Y N 250 
PHE CD1 HD1  sing N N 251 
PHE CD2 CE2  doub Y N 252 
PHE CD2 HD2  sing N N 253 
PHE CE1 CZ   doub Y N 254 
PHE CE1 HE1  sing N N 255 
PHE CE2 CZ   sing Y N 256 
PHE CE2 HE2  sing N N 257 
PHE CZ  HZ   sing N N 258 
PHE OXT HXT  sing N N 259 
PRO N   CA   sing N N 260 
PRO N   CD   sing N N 261 
PRO N   H    sing N N 262 
PRO CA  C    sing N N 263 
PRO CA  CB   sing N N 264 
PRO CA  HA   sing N N 265 
PRO C   O    doub N N 266 
PRO C   OXT  sing N N 267 
PRO CB  CG   sing N N 268 
PRO CB  HB2  sing N N 269 
PRO CB  HB3  sing N N 270 
PRO CG  CD   sing N N 271 
PRO CG  HG2  sing N N 272 
PRO CG  HG3  sing N N 273 
PRO CD  HD2  sing N N 274 
PRO CD  HD3  sing N N 275 
PRO OXT HXT  sing N N 276 
SER N   CA   sing N N 277 
SER N   H    sing N N 278 
SER N   H2   sing N N 279 
SER CA  C    sing N N 280 
SER CA  CB   sing N N 281 
SER CA  HA   sing N N 282 
SER C   O    doub N N 283 
SER C   OXT  sing N N 284 
SER CB  OG   sing N N 285 
SER CB  HB2  sing N N 286 
SER CB  HB3  sing N N 287 
SER OG  HG   sing N N 288 
SER OXT HXT  sing N N 289 
THR N   CA   sing N N 290 
THR N   H    sing N N 291 
THR N   H2   sing N N 292 
THR CA  C    sing N N 293 
THR CA  CB   sing N N 294 
THR CA  HA   sing N N 295 
THR C   O    doub N N 296 
THR C   OXT  sing N N 297 
THR CB  OG1  sing N N 298 
THR CB  CG2  sing N N 299 
THR CB  HB   sing N N 300 
THR OG1 HG1  sing N N 301 
THR CG2 HG21 sing N N 302 
THR CG2 HG22 sing N N 303 
THR CG2 HG23 sing N N 304 
THR OXT HXT  sing N N 305 
TYR N   CA   sing N N 306 
TYR N   H    sing N N 307 
TYR N   H2   sing N N 308 
TYR CA  C    sing N N 309 
TYR CA  CB   sing N N 310 
TYR CA  HA   sing N N 311 
TYR C   O    doub N N 312 
TYR C   OXT  sing N N 313 
TYR CB  CG   sing N N 314 
TYR CB  HB2  sing N N 315 
TYR CB  HB3  sing N N 316 
TYR CG  CD1  doub Y N 317 
TYR CG  CD2  sing Y N 318 
TYR CD1 CE1  sing Y N 319 
TYR CD1 HD1  sing N N 320 
TYR CD2 CE2  doub Y N 321 
TYR CD2 HD2  sing N N 322 
TYR CE1 CZ   doub Y N 323 
TYR CE1 HE1  sing N N 324 
TYR CE2 CZ   sing Y N 325 
TYR CE2 HE2  sing N N 326 
TYR CZ  OH   sing N N 327 
TYR OH  HH   sing N N 328 
TYR OXT HXT  sing N N 329 
VAL N   CA   sing N N 330 
VAL N   H    sing N N 331 
VAL N   H2   sing N N 332 
VAL CA  C    sing N N 333 
VAL CA  CB   sing N N 334 
VAL CA  HA   sing N N 335 
VAL C   O    doub N N 336 
VAL C   OXT  sing N N 337 
VAL CB  CG1  sing N N 338 
VAL CB  CG2  sing N N 339 
VAL CB  HB   sing N N 340 
VAL CG1 HG11 sing N N 341 
VAL CG1 HG12 sing N N 342 
VAL CG1 HG13 sing N N 343 
VAL CG2 HG21 sing N N 344 
VAL CG2 HG22 sing N N 345 
VAL CG2 HG23 sing N N 346 
VAL OXT HXT  sing N N 347 
# 
_atom_sites.entry_id                    3GT0 
_atom_sites.fract_transf_matrix[1][1]   0.00636337 
_atom_sites.fract_transf_matrix[1][2]   0.00577482 
_atom_sites.fract_transf_matrix[1][3]   -0.01680549 
_atom_sites.fract_transf_matrix[2][1]   -0.00988972 
_atom_sites.fract_transf_matrix[2][2]   -0.00845060 
_atom_sites.fract_transf_matrix[2][3]   -0.00664858 
_atom_sites.fract_transf_matrix[3][1]   -0.00436331 
_atom_sites.fract_transf_matrix[3][2]   0.00504287 
_atom_sites.fract_transf_matrix[3][3]   0.00008071 
_atom_sites.fract_transf_vector[1]      0.346183 
_atom_sites.fract_transf_vector[2]      0.213623 
_atom_sites.fract_transf_vector[3]      0.350385 
# 
loop_
_atom_type.symbol 
C  
N  
O  
S  
SE 
# 
loop_
_atom_site.group_PDB 
_atom_site.id 
_atom_site.type_symbol 
_atom_site.label_atom_id 
_atom_site.label_alt_id 
_atom_site.label_comp_id 
_atom_site.label_asym_id 
_atom_site.label_entity_id 
_atom_site.label_seq_id 
_atom_site.pdbx_PDB_ins_code 
_atom_site.Cartn_x 
_atom_site.Cartn_y 
_atom_site.Cartn_z 
_atom_site.occupancy 
_atom_site.B_iso_or_equiv 
_atom_site.pdbx_formal_charge 
_atom_site.auth_seq_id 
_atom_site.auth_comp_id 
_atom_site.auth_asym_id 
_atom_site.auth_atom_id 
_atom_site.pdbx_PDB_model_num 
HETATM 1    N  N   . MSE A 1 1   ? 12.631  -11.412 4.806   1.00 62.15 ? 1   MSE A N   1 
HETATM 2    C  CA  . MSE A 1 1   ? 11.849  -12.523 5.433   1.00 62.78 ? 1   MSE A CA  1 
HETATM 3    C  C   . MSE A 1 1   ? 11.685  -13.720 4.491   1.00 60.87 ? 1   MSE A C   1 
HETATM 4    O  O   . MSE A 1 1   ? 11.749  -13.570 3.266   1.00 60.90 ? 1   MSE A O   1 
HETATM 5    C  CB  . MSE A 1 1   ? 10.484  -12.017 5.930   1.00 62.81 ? 1   MSE A CB  1 
HETATM 6    C  CG  . MSE A 1 1   ? 9.592   -11.419 4.851   1.00 63.82 ? 1   MSE A CG  1 
HETATM 7    SE SE  . MSE A 1 1   ? 8.178   -10.257 5.543   1.00 67.74 ? 1   MSE A SE  1 
HETATM 8    C  CE  . MSE A 1 1   ? 7.513   -9.593  3.852   1.00 65.23 ? 1   MSE A CE  1 
ATOM   9    N  N   . ASP A 1 2   ? 11.481  -14.899 5.081   1.00 59.05 ? 2   ASP A N   1 
ATOM   10   C  CA  . ASP A 1 2   ? 11.312  -16.160 4.342   1.00 57.09 ? 2   ASP A CA  1 
ATOM   11   C  C   . ASP A 1 2   ? 9.823   -16.458 4.083   1.00 55.24 ? 2   ASP A C   1 
ATOM   12   O  O   . ASP A 1 2   ? 9.443   -17.560 3.658   1.00 55.26 ? 2   ASP A O   1 
ATOM   13   C  CB  . ASP A 1 2   ? 11.983  -17.312 5.115   1.00 57.40 ? 2   ASP A CB  1 
ATOM   14   C  CG  . ASP A 1 2   ? 11.916  -18.656 4.375   1.00 58.69 ? 2   ASP A CG  1 
ATOM   15   O  OD1 . ASP A 1 2   ? 11.756  -18.669 3.133   1.00 60.05 ? 2   ASP A OD1 1 
ATOM   16   O  OD2 . ASP A 1 2   ? 12.032  -19.707 5.047   1.00 59.67 ? 2   ASP A OD2 1 
ATOM   17   N  N   . LYS A 1 3   ? 8.993   -15.451 4.326   1.00 52.57 ? 3   LYS A N   1 
ATOM   18   C  CA  . LYS A 1 3   ? 7.551   -15.573 4.202   1.00 49.83 ? 3   LYS A CA  1 
ATOM   19   C  C   . LYS A 1 3   ? 7.144   -15.623 2.737   1.00 47.38 ? 3   LYS A C   1 
ATOM   20   O  O   . LYS A 1 3   ? 7.781   -14.992 1.896   1.00 47.35 ? 3   LYS A O   1 
ATOM   21   C  CB  . LYS A 1 3   ? 6.877   -14.366 4.867   1.00 50.08 ? 3   LYS A CB  1 
ATOM   22   C  CG  . LYS A 1 3   ? 7.245   -14.126 6.338   1.00 51.68 ? 3   LYS A CG  1 
ATOM   23   C  CD  . LYS A 1 3   ? 6.549   -15.110 7.269   1.00 53.31 ? 3   LYS A CD  1 
ATOM   24   C  CE  . LYS A 1 3   ? 6.562   -14.630 8.719   1.00 54.52 ? 3   LYS A CE  1 
ATOM   25   N  NZ  . LYS A 1 3   ? 5.592   -13.509 8.963   1.00 56.30 ? 3   LYS A NZ  1 
ATOM   26   N  N   . GLN A 1 4   ? 6.086   -16.372 2.442   1.00 44.22 ? 4   GLN A N   1 
ATOM   27   C  CA  . GLN A 1 4   ? 5.410   -16.303 1.147   1.00 41.44 ? 4   GLN A CA  1 
ATOM   28   C  C   . GLN A 1 4   ? 4.382   -15.173 1.200   1.00 38.91 ? 4   GLN A C   1 
ATOM   29   O  O   . GLN A 1 4   ? 3.612   -15.066 2.165   1.00 37.64 ? 4   GLN A O   1 
ATOM   30   C  CB  . GLN A 1 4   ? 4.715   -17.633 0.817   1.00 41.34 ? 4   GLN A CB  1 
ATOM   31   C  CG  . GLN A 1 4   ? 5.648   -18.842 0.733   1.00 43.36 ? 4   GLN A CG  1 
ATOM   32   C  CD  . GLN A 1 4   ? 6.686   -18.708 -0.362  1.00 46.52 ? 4   GLN A CD  1 
ATOM   33   O  OE1 . GLN A 1 4   ? 6.349   -18.566 -1.541  1.00 47.16 ? 4   GLN A OE1 1 
ATOM   34   N  NE2 . GLN A 1 4   ? 7.961   -18.743 0.021   1.00 47.59 ? 4   GLN A NE2 1 
ATOM   35   N  N   . ILE A 1 5   ? 4.385   -14.319 0.179   1.00 36.51 ? 5   ILE A N   1 
ATOM   36   C  CA  . ILE A 1 5   ? 3.467   -13.177 0.129   1.00 34.62 ? 5   ILE A CA  1 
ATOM   37   C  C   . ILE A 1 5   ? 2.427   -13.409 -0.960  1.00 33.82 ? 5   ILE A C   1 
ATOM   38   O  O   . ILE A 1 5   ? 2.763   -13.799 -2.083  1.00 33.90 ? 5   ILE A O   1 
ATOM   39   C  CB  . ILE A 1 5   ? 4.180   -11.821 -0.139  1.00 34.50 ? 5   ILE A CB  1 
ATOM   40   C  CG1 . ILE A 1 5   ? 5.462   -11.648 0.700   1.00 34.89 ? 5   ILE A CG1 1 
ATOM   41   C  CG2 . ILE A 1 5   ? 3.203   -10.652 0.072   1.00 34.24 ? 5   ILE A CG2 1 
ATOM   42   C  CD1 . ILE A 1 5   ? 5.270   -11.623 2.216   1.00 33.12 ? 5   ILE A CD1 1 
ATOM   43   N  N   . GLY A 1 6   ? 1.162   -13.189 -0.621  1.00 32.61 ? 6   GLY A N   1 
ATOM   44   C  CA  . GLY A 1 6   ? 0.074   -13.380 -1.575  1.00 31.37 ? 6   GLY A CA  1 
ATOM   45   C  C   . GLY A 1 6   ? -0.657  -12.068 -1.789  1.00 31.26 ? 6   GLY A C   1 
ATOM   46   O  O   . GLY A 1 6   ? -0.943  -11.346 -0.829  1.00 30.69 ? 6   GLY A O   1 
ATOM   47   N  N   . PHE A 1 7   ? -0.930  -11.756 -3.053  1.00 30.52 ? 7   PHE A N   1 
ATOM   48   C  CA  . PHE A 1 7   ? -1.681  -10.565 -3.430  1.00 30.20 ? 7   PHE A CA  1 
ATOM   49   C  C   . PHE A 1 7   ? -2.926  -10.990 -4.176  1.00 30.03 ? 7   PHE A C   1 
ATOM   50   O  O   . PHE A 1 7   ? -2.826  -11.586 -5.238  1.00 29.04 ? 7   PHE A O   1 
ATOM   51   C  CB  . PHE A 1 7   ? -0.850  -9.652  -4.341  1.00 29.76 ? 7   PHE A CB  1 
ATOM   52   C  CG  . PHE A 1 7   ? 0.246   -8.915  -3.625  1.00 30.65 ? 7   PHE A CG  1 
ATOM   53   C  CD1 . PHE A 1 7   ? 1.518   -9.474  -3.513  1.00 31.64 ? 7   PHE A CD1 1 
ATOM   54   C  CD2 . PHE A 1 7   ? 0.013   -7.662  -3.075  1.00 31.01 ? 7   PHE A CD2 1 
ATOM   55   C  CE1 . PHE A 1 7   ? 2.537   -8.786  -2.855  1.00 30.28 ? 7   PHE A CE1 1 
ATOM   56   C  CE2 . PHE A 1 7   ? 1.035   -6.962  -2.406  1.00 30.52 ? 7   PHE A CE2 1 
ATOM   57   C  CZ  . PHE A 1 7   ? 2.285   -7.532  -2.288  1.00 30.63 ? 7   PHE A CZ  1 
ATOM   58   N  N   . ILE A 1 8   ? -4.090  -10.697 -3.602  1.00 30.98 ? 8   ILE A N   1 
ATOM   59   C  CA  . ILE A 1 8   ? -5.364  -10.795 -4.322  1.00 31.91 ? 8   ILE A CA  1 
ATOM   60   C  C   . ILE A 1 8   ? -5.685  -9.381  -4.778  1.00 32.45 ? 8   ILE A C   1 
ATOM   61   O  O   . ILE A 1 8   ? -6.100  -8.530  -3.980  1.00 31.95 ? 8   ILE A O   1 
ATOM   62   C  CB  . ILE A 1 8   ? -6.491  -11.378 -3.464  1.00 32.03 ? 8   ILE A CB  1 
ATOM   63   C  CG1 . ILE A 1 8   ? -6.086  -12.764 -2.949  1.00 33.06 ? 8   ILE A CG1 1 
ATOM   64   C  CG2 . ILE A 1 8   ? -7.817  -11.465 -4.275  1.00 32.63 ? 8   ILE A CG2 1 
ATOM   65   C  CD1 . ILE A 1 8   ? -7.145  -13.489 -2.186  1.00 33.49 ? 8   ILE A CD1 1 
ATOM   66   N  N   . GLY A 1 9   ? -5.460  -9.142  -6.066  1.00 33.53 ? 9   GLY A N   1 
ATOM   67   C  CA  . GLY A 1 9   ? -5.441  -7.803  -6.641  1.00 34.72 ? 9   GLY A CA  1 
ATOM   68   C  C   . GLY A 1 9   ? -4.017  -7.370  -6.943  1.00 36.03 ? 9   GLY A C   1 
ATOM   69   O  O   . GLY A 1 9   ? -3.168  -7.344  -6.053  1.00 36.67 ? 9   GLY A O   1 
ATOM   70   N  N   . CYS A 1 10  ? -3.737  -7.035  -8.198  1.00 36.73 ? 10  CYS A N   1 
ATOM   71   C  CA  . CYS A 1 10  ? -2.414  -6.532  -8.558  1.00 38.17 ? 10  CYS A CA  1 
ATOM   72   C  C   . CYS A 1 10  ? -2.440  -5.410  -9.607  1.00 38.09 ? 10  CYS A C   1 
ATOM   73   O  O   . CYS A 1 10  ? -1.713  -5.449  -10.597 1.00 38.63 ? 10  CYS A O   1 
ATOM   74   C  CB  . CYS A 1 10  ? -1.433  -7.661  -8.934  1.00 38.15 ? 10  CYS A CB  1 
ATOM   75   S  SG  . CYS A 1 10  ? -1.852  -8.692  -10.346 1.00 41.78 ? 10  CYS A SG  1 
ATOM   76   N  N   . GLY A 1 11  ? -3.280  -4.409  -9.360  1.00 38.05 ? 11  GLY A N   1 
ATOM   77   C  CA  . GLY A 1 11  ? -3.292  -3.189  -10.158 1.00 38.79 ? 11  GLY A CA  1 
ATOM   78   C  C   . GLY A 1 11  ? -2.214  -2.255  -9.648  1.00 39.08 ? 11  GLY A C   1 
ATOM   79   O  O   . GLY A 1 11  ? -1.221  -2.706  -9.068  1.00 38.70 ? 11  GLY A O   1 
ATOM   80   N  N   . ASN A 1 12  ? -2.405  -0.953  -9.839  1.00 39.82 ? 12  ASN A N   1 
ATOM   81   C  CA  . ASN A 1 12  ? -1.352  0.014   -9.504  1.00 40.70 ? 12  ASN A CA  1 
ATOM   82   C  C   . ASN A 1 12  ? -0.795  -0.165  -8.090  1.00 40.00 ? 12  ASN A C   1 
ATOM   83   O  O   . ASN A 1 12  ? 0.418   -0.203  -7.898  1.00 40.02 ? 12  ASN A O   1 
ATOM   84   C  CB  . ASN A 1 12  ? -1.827  1.465   -9.724  1.00 41.28 ? 12  ASN A CB  1 
ATOM   85   C  CG  . ASN A 1 12  ? -2.263  1.729   -11.153 1.00 44.87 ? 12  ASN A CG  1 
ATOM   86   O  OD1 . ASN A 1 12  ? -1.688  1.186   -12.107 1.00 48.21 ? 12  ASN A OD1 1 
ATOM   87   N  ND2 . ASN A 1 12  ? -3.288  2.566   -11.314 1.00 47.42 ? 12  ASN A ND2 1 
HETATM 88   N  N   . MSE A 1 13  ? -1.676  -0.291  -7.105  1.00 40.05 ? 13  MSE A N   1 
HETATM 89   C  CA  . MSE A 1 13  ? -1.251  -0.358  -5.700  1.00 40.55 ? 13  MSE A CA  1 
HETATM 90   C  C   . MSE A 1 13  ? -0.488  -1.652  -5.375  1.00 39.71 ? 13  MSE A C   1 
HETATM 91   O  O   . MSE A 1 13  ? 0.546   -1.608  -4.714  1.00 39.69 ? 13  MSE A O   1 
HETATM 92   C  CB  . MSE A 1 13  ? -2.452  -0.165  -4.769  1.00 41.50 ? 13  MSE A CB  1 
HETATM 93   C  CG  . MSE A 1 13  ? -2.134  0.159   -3.303  1.00 46.17 ? 13  MSE A CG  1 
HETATM 94   SE SE  . MSE A 1 13  ? -1.121  1.826   -2.920  1.00 60.70 ? 13  MSE A SE  1 
HETATM 95   C  CE  . MSE A 1 13  ? -2.060  3.075   -4.084  1.00 53.24 ? 13  MSE A CE  1 
ATOM   96   N  N   . GLY A 1 14  ? -0.987  -2.795  -5.843  1.00 38.83 ? 14  GLY A N   1 
ATOM   97   C  CA  . GLY A 1 14  ? -0.273  -4.068  -5.672  1.00 37.90 ? 14  GLY A CA  1 
ATOM   98   C  C   . GLY A 1 14  ? 1.119   -4.002  -6.279  1.00 37.49 ? 14  GLY A C   1 
ATOM   99   O  O   . GLY A 1 14  ? 2.098   -4.366  -5.637  1.00 36.71 ? 14  GLY A O   1 
HETATM 100  N  N   . MSE A 1 15  ? 1.196   -3.535  -7.523  1.00 37.53 ? 15  MSE A N   1 
HETATM 101  C  CA  . MSE A 1 15  ? 2.469   -3.324  -8.229  1.00 38.58 ? 15  MSE A CA  1 
HETATM 102  C  C   . MSE A 1 15  ? 3.431   -2.430  -7.439  1.00 37.85 ? 15  MSE A C   1 
HETATM 103  O  O   . MSE A 1 15  ? 4.634   -2.691  -7.401  1.00 37.13 ? 15  MSE A O   1 
HETATM 104  C  CB  . MSE A 1 15  ? 2.220   -2.696  -9.603  1.00 39.14 ? 15  MSE A CB  1 
HETATM 105  C  CG  . MSE A 1 15  ? 1.428   -3.585  -10.536 1.00 43.71 ? 15  MSE A CG  1 
HETATM 106  SE SE  . MSE A 1 15  ? 2.422   -5.213  -10.874 1.00 55.82 ? 15  MSE A SE  1 
HETATM 107  C  CE  . MSE A 1 15  ? 3.688   -4.430  -12.140 1.00 51.96 ? 15  MSE A CE  1 
ATOM   108  N  N   . ALA A 1 16  ? 2.880   -1.399  -6.805  1.00 37.60 ? 16  ALA A N   1 
ATOM   109  C  CA  . ALA A 1 16  ? 3.653   -0.463  -5.965  1.00 38.14 ? 16  ALA A CA  1 
ATOM   110  C  C   . ALA A 1 16  ? 4.259   -1.166  -4.759  1.00 37.91 ? 16  ALA A C   1 
ATOM   111  O  O   . ALA A 1 16  ? 5.419   -0.951  -4.415  1.00 37.37 ? 16  ALA A O   1 
ATOM   112  C  CB  . ALA A 1 16  ? 2.772   0.671   -5.498  1.00 38.10 ? 16  ALA A CB  1 
HETATM 113  N  N   . MSE A 1 17  ? 3.456   -2.006  -4.118  1.00 37.83 ? 17  MSE A N   1 
HETATM 114  C  CA  . MSE A 1 17  ? 3.882   -2.743  -2.938  1.00 39.22 ? 17  MSE A CA  1 
HETATM 115  C  C   . MSE A 1 17  ? 4.950   -3.777  -3.277  1.00 36.76 ? 17  MSE A C   1 
HETATM 116  O  O   . MSE A 1 17  ? 5.964   -3.879  -2.583  1.00 36.20 ? 17  MSE A O   1 
HETATM 117  C  CB  . MSE A 1 17  ? 2.679   -3.389  -2.255  1.00 38.86 ? 17  MSE A CB  1 
HETATM 118  C  CG  . MSE A 1 17  ? 1.659   -2.370  -1.734  1.00 41.31 ? 17  MSE A CG  1 
HETATM 119  SE SE  . MSE A 1 17  ? 0.198   -3.225  -0.763  1.00 48.19 ? 17  MSE A SE  1 
HETATM 120  C  CE  . MSE A 1 17  ? -0.968  -3.666  -2.258  1.00 45.19 ? 17  MSE A CE  1 
ATOM   121  N  N   . ILE A 1 18  ? 4.733   -4.517  -4.363  1.00 35.29 ? 18  ILE A N   1 
ATOM   122  C  CA  . ILE A 1 18  ? 5.707   -5.506  -4.831  1.00 34.44 ? 18  ILE A CA  1 
ATOM   123  C  C   . ILE A 1 18  ? 7.018   -4.821  -5.198  1.00 34.65 ? 18  ILE A C   1 
ATOM   124  O  O   . ILE A 1 18  ? 8.095   -5.292  -4.839  1.00 34.77 ? 18  ILE A O   1 
ATOM   125  C  CB  . ILE A 1 18  ? 5.165   -6.299  -6.041  1.00 33.96 ? 18  ILE A CB  1 
ATOM   126  C  CG1 . ILE A 1 18  ? 3.959   -7.140  -5.627  1.00 32.61 ? 18  ILE A CG1 1 
ATOM   127  C  CG2 . ILE A 1 18  ? 6.251   -7.179  -6.675  1.00 33.08 ? 18  ILE A CG2 1 
ATOM   128  C  CD1 . ILE A 1 18  ? 3.041   -7.484  -6.796  1.00 35.14 ? 18  ILE A CD1 1 
ATOM   129  N  N   . GLY A 1 19  ? 6.921   -3.697  -5.898  1.00 35.67 ? 19  GLY A N   1 
ATOM   130  C  CA  . GLY A 1 19  ? 8.111   -2.918  -6.297  1.00 36.81 ? 19  GLY A CA  1 
ATOM   131  C  C   . GLY A 1 19  ? 8.934   -2.467  -5.103  1.00 37.43 ? 19  GLY A C   1 
ATOM   132  O  O   . GLY A 1 19  ? 10.160  -2.556  -5.117  1.00 37.81 ? 19  GLY A O   1 
ATOM   133  N  N   . GLY A 1 20  ? 8.259   -1.990  -4.061  1.00 37.80 ? 20  GLY A N   1 
ATOM   134  C  CA  . GLY A 1 20  ? 8.928   -1.603  -2.820  1.00 37.76 ? 20  GLY A CA  1 
ATOM   135  C  C   . GLY A 1 20  ? 9.643   -2.764  -2.150  1.00 38.79 ? 20  GLY A C   1 
ATOM   136  O  O   . GLY A 1 20  ? 10.806  -2.650  -1.746  1.00 39.01 ? 20  GLY A O   1 
HETATM 137  N  N   . MSE A 1 21  ? 8.950   -3.886  -2.012  1.00 39.50 ? 21  MSE A N   1 
HETATM 138  C  CA  . MSE A 1 21  ? 9.504   -5.052  -1.322  1.00 42.27 ? 21  MSE A CA  1 
HETATM 139  C  C   . MSE A 1 21  ? 10.736  -5.601  -2.044  1.00 40.75 ? 21  MSE A C   1 
HETATM 140  O  O   . MSE A 1 21  ? 11.719  -6.018  -1.418  1.00 39.91 ? 21  MSE A O   1 
HETATM 141  C  CB  . MSE A 1 21  ? 8.446   -6.145  -1.208  1.00 41.52 ? 21  MSE A CB  1 
HETATM 142  C  CG  . MSE A 1 21  ? 7.267   -5.835  -0.284  1.00 44.61 ? 21  MSE A CG  1 
HETATM 143  SE SE  . MSE A 1 21  ? 6.137   -7.438  0.016   1.00 52.24 ? 21  MSE A SE  1 
HETATM 144  C  CE  . MSE A 1 21  ? 5.927   -8.039  -1.829  1.00 46.80 ? 21  MSE A CE  1 
ATOM   145  N  N   . ILE A 1 22  ? 10.678  -5.606  -3.371  1.00 40.42 ? 22  ILE A N   1 
ATOM   146  C  CA  . ILE A 1 22  ? 11.819  -6.063  -4.164  1.00 40.96 ? 22  ILE A CA  1 
ATOM   147  C  C   . ILE A 1 22  ? 12.963  -5.038  -4.097  1.00 41.33 ? 22  ILE A C   1 
ATOM   148  O  O   . ILE A 1 22  ? 14.119  -5.398  -3.858  1.00 41.51 ? 22  ILE A O   1 
ATOM   149  C  CB  . ILE A 1 22  ? 11.395  -6.397  -5.611  1.00 40.63 ? 22  ILE A CB  1 
ATOM   150  C  CG1 . ILE A 1 22  ? 10.505  -7.656  -5.586  1.00 41.13 ? 22  ILE A CG1 1 
ATOM   151  C  CG2 . ILE A 1 22  ? 12.635  -6.597  -6.498  1.00 41.30 ? 22  ILE A CG2 1 
ATOM   152  C  CD1 . ILE A 1 22  ? 9.960   -8.081  -6.931  1.00 42.44 ? 22  ILE A CD1 1 
ATOM   153  N  N   . ASN A 1 23  ? 12.626  -3.770  -4.277  1.00 42.09 ? 23  ASN A N   1 
ATOM   154  C  CA  . ASN A 1 23  ? 13.613  -2.685  -4.211  1.00 44.07 ? 23  ASN A CA  1 
ATOM   155  C  C   . ASN A 1 23  ? 14.376  -2.683  -2.880  1.00 43.80 ? 23  ASN A C   1 
ATOM   156  O  O   . ASN A 1 23  ? 15.570  -2.441  -2.867  1.00 44.09 ? 23  ASN A O   1 
ATOM   157  C  CB  . ASN A 1 23  ? 12.938  -1.323  -4.476  1.00 44.49 ? 23  ASN A CB  1 
ATOM   158  C  CG  . ASN A 1 23  ? 13.929  -0.162  -4.529  1.00 48.37 ? 23  ASN A CG  1 
ATOM   159  O  OD1 . ASN A 1 23  ? 14.744  -0.063  -5.449  1.00 51.97 ? 23  ASN A OD1 1 
ATOM   160  N  ND2 . ASN A 1 23  ? 13.845  0.733   -3.548  1.00 50.68 ? 23  ASN A ND2 1 
ATOM   161  N  N   . LYS A 1 24  ? 13.691  -2.987  -1.777  1.00 43.64 ? 24  LYS A N   1 
ATOM   162  C  CA  . LYS A 1 24  ? 14.315  -2.997  -0.443  1.00 43.47 ? 24  LYS A CA  1 
ATOM   163  C  C   . LYS A 1 24  ? 14.809  -4.355  0.001   1.00 43.57 ? 24  LYS A C   1 
ATOM   164  O  O   . LYS A 1 24  ? 15.234  -4.512  1.147   1.00 43.12 ? 24  LYS A O   1 
ATOM   165  C  CB  . LYS A 1 24  ? 13.355  -2.429  0.615   1.00 43.98 ? 24  LYS A CB  1 
ATOM   166  C  CG  . LYS A 1 24  ? 13.069  -0.978  0.433   1.00 44.90 ? 24  LYS A CG  1 
ATOM   167  C  CD  . LYS A 1 24  ? 14.336  -0.148  0.603   1.00 48.86 ? 24  LYS A CD  1 
ATOM   168  C  CE  . LYS A 1 24  ? 13.999  1.327   0.685   1.00 51.58 ? 24  LYS A CE  1 
ATOM   169  N  NZ  . LYS A 1 24  ? 13.457  1.815   -0.601  1.00 54.39 ? 24  LYS A NZ  1 
ATOM   170  N  N   . ASN A 1 25  ? 14.752  -5.337  -0.906  1.00 43.29 ? 25  ASN A N   1 
ATOM   171  C  CA  . ASN A 1 25  ? 15.174  -6.701  -0.632  1.00 43.68 ? 25  ASN A CA  1 
ATOM   172  C  C   . ASN A 1 25  ? 14.448  -7.343  0.564   1.00 43.44 ? 25  ASN A C   1 
ATOM   173  O  O   . ASN A 1 25  ? 15.036  -8.109  1.327   1.00 43.99 ? 25  ASN A O   1 
ATOM   174  C  CB  . ASN A 1 25  ? 16.706  -6.766  -0.473  1.00 44.43 ? 25  ASN A CB  1 
ATOM   175  C  CG  . ASN A 1 25  ? 17.269  -8.159  -0.696  1.00 46.55 ? 25  ASN A CG  1 
ATOM   176  O  OD1 . ASN A 1 25  ? 16.833  -8.892  -1.592  1.00 48.73 ? 25  ASN A OD1 1 
ATOM   177  N  ND2 . ASN A 1 25  ? 18.252  -8.531  0.115   1.00 48.11 ? 25  ASN A ND2 1 
ATOM   178  N  N   . ILE A 1 26  ? 13.166  -7.041  0.725   1.00 42.69 ? 26  ILE A N   1 
ATOM   179  C  CA  . ILE A 1 26  ? 12.379  -7.645  1.811   1.00 42.21 ? 26  ILE A CA  1 
ATOM   180  C  C   . ILE A 1 26  ? 11.972  -9.077  1.486   1.00 41.66 ? 26  ILE A C   1 
ATOM   181  O  O   . ILE A 1 26  ? 11.918  -9.943  2.380   1.00 41.24 ? 26  ILE A O   1 
ATOM   182  C  CB  . ILE A 1 26  ? 11.132  -6.813  2.114   1.00 42.20 ? 26  ILE A CB  1 
ATOM   183  C  CG1 . ILE A 1 26  ? 11.532  -5.411  2.513   1.00 42.95 ? 26  ILE A CG1 1 
ATOM   184  C  CG2 . ILE A 1 26  ? 10.306  -7.432  3.241   1.00 42.72 ? 26  ILE A CG2 1 
ATOM   185  C  CD1 . ILE A 1 26  ? 10.520  -4.464  2.147   1.00 44.76 ? 26  ILE A CD1 1 
ATOM   186  N  N   . VAL A 1 27  ? 11.648  -9.317  0.213   1.00 40.56 ? 27  VAL A N   1 
ATOM   187  C  CA  . VAL A 1 27  ? 11.388  -10.667 -0.281  1.00 40.30 ? 27  VAL A CA  1 
ATOM   188  C  C   . VAL A 1 27  ? 11.914  -10.783 -1.707  1.00 39.98 ? 27  VAL A C   1 
ATOM   189  O  O   . VAL A 1 27  ? 12.155  -9.773  -2.359  1.00 40.25 ? 27  VAL A O   1 
ATOM   190  C  CB  . VAL A 1 27  ? 9.877   -11.068 -0.233  1.00 40.49 ? 27  VAL A CB  1 
ATOM   191  C  CG1 . VAL A 1 27  ? 9.400   -11.240 1.197   1.00 41.29 ? 27  VAL A CG1 1 
ATOM   192  C  CG2 . VAL A 1 27  ? 8.990   -10.062 -0.982  1.00 39.48 ? 27  VAL A CG2 1 
ATOM   193  N  N   . SER A 1 28  ? 12.109  -12.011 -2.174  1.00 39.79 ? 28  SER A N   1 
ATOM   194  C  CA  . SER A 1 28  ? 12.520  -12.237 -3.558  1.00 39.56 ? 28  SER A CA  1 
ATOM   195  C  C   . SER A 1 28  ? 11.258  -12.517 -4.352  1.00 38.38 ? 28  SER A C   1 
ATOM   196  O  O   . SER A 1 28  ? 10.247  -12.940 -3.786  1.00 37.71 ? 28  SER A O   1 
ATOM   197  C  CB  . SER A 1 28  ? 13.466  -13.432 -3.656  1.00 40.34 ? 28  SER A CB  1 
ATOM   198  O  OG  . SER A 1 28  ? 14.023  -13.763 -2.386  1.00 42.95 ? 28  SER A OG  1 
ATOM   199  N  N   . SER A 1 29  ? 11.312  -12.296 -5.662  1.00 37.03 ? 29  SER A N   1 
ATOM   200  C  CA  . SER A 1 29  ? 10.159  -12.526 -6.529  1.00 35.90 ? 29  SER A CA  1 
ATOM   201  C  C   . SER A 1 29  ? 9.620   -13.954 -6.437  1.00 35.19 ? 29  SER A C   1 
ATOM   202  O  O   . SER A 1 29  ? 8.421   -14.179 -6.606  1.00 35.42 ? 29  SER A O   1 
ATOM   203  C  CB  . SER A 1 29  ? 10.512  -12.173 -7.985  1.00 36.54 ? 29  SER A CB  1 
ATOM   204  O  OG  . SER A 1 29  ? 11.361  -13.162 -8.527  1.00 35.96 ? 29  SER A OG  1 
ATOM   205  N  N   . ASN A 1 30  ? 10.487  -14.922 -6.146  1.00 34.05 ? 30  ASN A N   1 
ATOM   206  C  CA  . ASN A 1 30  ? 10.044  -16.313 -6.009  1.00 33.27 ? 30  ASN A CA  1 
ATOM   207  C  C   . ASN A 1 30  ? 9.266   -16.611 -4.707  1.00 32.92 ? 30  ASN A C   1 
ATOM   208  O  O   . ASN A 1 30  ? 8.932   -17.765 -4.436  1.00 31.86 ? 30  ASN A O   1 
ATOM   209  C  CB  . ASN A 1 30  ? 11.218  -17.301 -6.202  1.00 33.69 ? 30  ASN A CB  1 
ATOM   210  C  CG  . ASN A 1 30  ? 12.082  -17.461 -4.949  1.00 35.11 ? 30  ASN A CG  1 
ATOM   211  O  OD1 . ASN A 1 30  ? 12.123  -16.586 -4.087  1.00 36.13 ? 30  ASN A OD1 1 
ATOM   212  N  ND2 . ASN A 1 30  ? 12.783  -18.585 -4.856  1.00 37.36 ? 30  ASN A ND2 1 
ATOM   213  N  N   . GLN A 1 31  ? 8.996   -15.571 -3.916  1.00 32.22 ? 31  GLN A N   1 
ATOM   214  C  CA  . GLN A 1 31  ? 8.204   -15.693 -2.680  1.00 33.15 ? 31  GLN A CA  1 
ATOM   215  C  C   . GLN A 1 31  ? 6.837   -15.016 -2.823  1.00 32.29 ? 31  GLN A C   1 
ATOM   216  O  O   . GLN A 1 31  ? 6.107   -14.858 -1.832  1.00 31.97 ? 31  GLN A O   1 
ATOM   217  C  CB  . GLN A 1 31  ? 8.935   -15.027 -1.498  1.00 33.21 ? 31  GLN A CB  1 
ATOM   218  C  CG  . GLN A 1 31  ? 10.266  -15.665 -1.126  1.00 34.69 ? 31  GLN A CG  1 
ATOM   219  C  CD  . GLN A 1 31  ? 11.018  -14.820 -0.122  1.00 35.81 ? 31  GLN A CD  1 
ATOM   220  O  OE1 . GLN A 1 31  ? 12.009  -14.187 -0.455  1.00 39.49 ? 31  GLN A OE1 1 
ATOM   221  N  NE2 . GLN A 1 31  ? 10.524  -14.775 1.111   1.00 37.86 ? 31  GLN A NE2 1 
ATOM   222  N  N   . ILE A 1 32  ? 6.501   -14.592 -4.041  1.00 31.38 ? 32  ILE A N   1 
ATOM   223  C  CA  . ILE A 1 32  ? 5.289   -13.807 -4.264  1.00 31.28 ? 32  ILE A CA  1 
ATOM   224  C  C   . ILE A 1 32  ? 4.363   -14.473 -5.279  1.00 30.60 ? 32  ILE A C   1 
ATOM   225  O  O   . ILE A 1 32  ? 4.806   -14.906 -6.342  1.00 29.63 ? 32  ILE A O   1 
ATOM   226  C  CB  . ILE A 1 32  ? 5.606   -12.367 -4.735  1.00 31.03 ? 32  ILE A CB  1 
ATOM   227  C  CG1 . ILE A 1 32  ? 6.637   -11.694 -3.818  1.00 31.59 ? 32  ILE A CG1 1 
ATOM   228  C  CG2 . ILE A 1 32  ? 4.321   -11.533 -4.825  1.00 32.01 ? 32  ILE A CG2 1 
ATOM   229  C  CD1 . ILE A 1 32  ? 7.288   -10.416 -4.418  1.00 32.71 ? 32  ILE A CD1 1 
ATOM   230  N  N   . ILE A 1 33  ? 3.081   -14.545 -4.934  1.00 29.62 ? 33  ILE A N   1 
ATOM   231  C  CA  . ILE A 1 33  ? 2.051   -15.022 -5.860  1.00 29.46 ? 33  ILE A CA  1 
ATOM   232  C  C   . ILE A 1 33  ? 0.903   -13.999 -5.949  1.00 29.66 ? 33  ILE A C   1 
ATOM   233  O  O   . ILE A 1 33  ? 0.531   -13.396 -4.937  1.00 29.39 ? 33  ILE A O   1 
ATOM   234  C  CB  . ILE A 1 33  ? 1.559   -16.455 -5.482  1.00 29.50 ? 33  ILE A CB  1 
ATOM   235  C  CG1 . ILE A 1 33  ? 0.631   -17.019 -6.568  1.00 28.05 ? 33  ILE A CG1 1 
ATOM   236  C  CG2 . ILE A 1 33  ? 0.941   -16.480 -4.058  1.00 29.03 ? 33  ILE A CG2 1 
ATOM   237  C  CD1 . ILE A 1 33  ? 0.390   -18.513 -6.501  1.00 29.53 ? 33  ILE A CD1 1 
ATOM   238  N  N   . CYS A 1 34  ? 0.369   -13.774 -7.149  1.00 29.49 ? 34  CYS A N   1 
ATOM   239  C  CA  . CYS A 1 34  ? -0.743  -12.835 -7.294  1.00 30.56 ? 34  CYS A CA  1 
ATOM   240  C  C   . CYS A 1 34  ? -1.888  -13.281 -8.205  1.00 29.70 ? 34  CYS A C   1 
ATOM   241  O  O   . CYS A 1 34  ? -1.700  -14.038 -9.162  1.00 28.50 ? 34  CYS A O   1 
ATOM   242  C  CB  . CYS A 1 34  ? -0.243  -11.443 -7.704  1.00 31.65 ? 34  CYS A CB  1 
ATOM   243  S  SG  . CYS A 1 34  ? 0.390   -11.337 -9.365  1.00 39.35 ? 34  CYS A SG  1 
ATOM   244  N  N   . SER A 1 35  ? -3.084  -12.815 -7.865  1.00 29.09 ? 35  SER A N   1 
ATOM   245  C  CA  . SER A 1 35  ? -4.234  -12.912 -8.744  1.00 29.51 ? 35  SER A CA  1 
ATOM   246  C  C   . SER A 1 35  ? -4.847  -11.525 -8.923  1.00 29.11 ? 35  SER A C   1 
ATOM   247  O  O   . SER A 1 35  ? -4.544  -10.604 -8.166  1.00 28.16 ? 35  SER A O   1 
ATOM   248  C  CB  . SER A 1 35  ? -5.259  -13.902 -8.191  1.00 29.42 ? 35  SER A CB  1 
ATOM   249  O  OG  . SER A 1 35  ? -5.788  -13.439 -6.959  1.00 31.86 ? 35  SER A OG  1 
ATOM   250  N  N   . ASP A 1 36  ? -5.688  -11.389 -9.942  1.00 28.94 ? 36  ASP A N   1 
ATOM   251  C  CA  . ASP A 1 36  ? -6.437  -10.170 -10.224 1.00 29.29 ? 36  ASP A CA  1 
ATOM   252  C  C   . ASP A 1 36  ? -7.599  -10.582 -11.124 1.00 29.32 ? 36  ASP A C   1 
ATOM   253  O  O   . ASP A 1 36  ? -7.492  -11.573 -11.837 1.00 28.82 ? 36  ASP A O   1 
ATOM   254  C  CB  . ASP A 1 36  ? -5.567  -9.154  -10.956 1.00 29.06 ? 36  ASP A CB  1 
ATOM   255  C  CG  . ASP A 1 36  ? -6.109  -7.735  -10.850 1.00 30.75 ? 36  ASP A CG  1 
ATOM   256  O  OD1 . ASP A 1 36  ? -5.780  -7.039  -9.866  1.00 31.24 ? 36  ASP A OD1 1 
ATOM   257  O  OD2 . ASP A 1 36  ? -6.855  -7.307  -11.753 1.00 32.34 ? 36  ASP A OD2 1 
ATOM   258  N  N   . LEU A 1 37  ? -8.694  -9.825  -11.101 1.00 29.74 ? 37  LEU A N   1 
ATOM   259  C  CA  . LEU A 1 37  ? -9.817  -10.089 -12.006 1.00 30.17 ? 37  LEU A CA  1 
ATOM   260  C  C   . LEU A 1 37  ? -9.521  -9.633  -13.439 1.00 30.13 ? 37  LEU A C   1 
ATOM   261  O  O   . LEU A 1 37  ? -10.160 -10.096 -14.400 1.00 30.34 ? 37  LEU A O   1 
ATOM   262  C  CB  . LEU A 1 37  ? -11.120 -9.463  -11.490 1.00 30.39 ? 37  LEU A CB  1 
ATOM   263  C  CG  . LEU A 1 37  ? -12.393 -9.821  -12.280 1.00 30.94 ? 37  LEU A CG  1 
ATOM   264  C  CD1 . LEU A 1 37  ? -12.956 -11.219 -11.938 1.00 30.55 ? 37  LEU A CD1 1 
ATOM   265  C  CD2 . LEU A 1 37  ? -13.465 -8.753  -12.112 1.00 33.02 ? 37  LEU A CD2 1 
ATOM   266  N  N   . ASN A 1 38  ? -8.543  -8.745  -13.570 1.00 30.45 ? 38  ASN A N   1 
ATOM   267  C  CA  . ASN A 1 38  ? -8.133  -8.217  -14.862 1.00 30.62 ? 38  ASN A CA  1 
ATOM   268  C  C   . ASN A 1 38  ? -6.845  -8.862  -15.368 1.00 30.53 ? 38  ASN A C   1 
ATOM   269  O  O   . ASN A 1 38  ? -5.781  -8.715  -14.776 1.00 30.10 ? 38  ASN A O   1 
ATOM   270  C  CB  . ASN A 1 38  ? -7.976  -6.699  -14.796 1.00 30.92 ? 38  ASN A CB  1 
ATOM   271  C  CG  . ASN A 1 38  ? -7.742  -6.086  -16.149 1.00 31.93 ? 38  ASN A CG  1 
ATOM   272  O  OD1 . ASN A 1 38  ? -6.603  -5.875  -16.555 1.00 33.67 ? 38  ASN A OD1 1 
ATOM   273  N  ND2 . ASN A 1 38  ? -8.822  -5.806  -16.867 1.00 34.29 ? 38  ASN A ND2 1 
ATOM   274  N  N   . THR A 1 39  ? -6.979  -9.561  -16.488 1.00 30.56 ? 39  THR A N   1 
ATOM   275  C  CA  . THR A 1 39  ? -5.898  -10.283 -17.152 1.00 30.89 ? 39  THR A CA  1 
ATOM   276  C  C   . THR A 1 39  ? -4.685  -9.422  -17.521 1.00 30.60 ? 39  THR A C   1 
ATOM   277  O  O   . THR A 1 39  ? -3.550  -9.890  -17.448 1.00 30.56 ? 39  THR A O   1 
ATOM   278  C  CB  . THR A 1 39  ? -6.458  -10.982 -18.402 1.00 30.57 ? 39  THR A CB  1 
ATOM   279  O  OG1 . THR A 1 39  ? -7.026  -12.237 -18.016 1.00 32.97 ? 39  THR A OG1 1 
ATOM   280  C  CG2 . THR A 1 39  ? -5.398  -11.210 -19.460 1.00 31.23 ? 39  THR A CG2 1 
ATOM   281  N  N   . ALA A 1 40  ? -4.928  -8.178  -17.924 1.00 30.93 ? 40  ALA A N   1 
ATOM   282  C  CA  . ALA A 1 40  ? -3.842  -7.245  -18.231 1.00 30.89 ? 40  ALA A CA  1 
ATOM   283  C  C   . ALA A 1 40  ? -2.964  -6.930  -17.014 1.00 31.00 ? 40  ALA A C   1 
ATOM   284  O  O   . ALA A 1 40  ? -1.759  -6.750  -17.156 1.00 30.58 ? 40  ALA A O   1 
ATOM   285  C  CB  . ALA A 1 40  ? -4.382  -5.967  -18.849 1.00 31.32 ? 40  ALA A CB  1 
ATOM   286  N  N   . ASN A 1 41  ? -3.571  -6.865  -15.829 1.00 31.29 ? 41  ASN A N   1 
ATOM   287  C  CA  . ASN A 1 41  ? -2.836  -6.690  -14.581 1.00 31.57 ? 41  ASN A CA  1 
ATOM   288  C  C   . ASN A 1 41  ? -1.933  -7.874  -14.241 1.00 31.93 ? 41  ASN A C   1 
ATOM   289  O  O   . ASN A 1 41  ? -0.802  -7.677  -13.792 1.00 31.53 ? 41  ASN A O   1 
ATOM   290  C  CB  . ASN A 1 41  ? -3.792  -6.449  -13.408 1.00 31.90 ? 41  ASN A CB  1 
ATOM   291  C  CG  . ASN A 1 41  ? -4.467  -5.085  -13.450 1.00 32.34 ? 41  ASN A CG  1 
ATOM   292  O  OD1 . ASN A 1 41  ? -5.515  -4.893  -12.834 1.00 33.32 ? 41  ASN A OD1 1 
ATOM   293  N  ND2 . ASN A 1 41  ? -3.880  -4.144  -14.168 1.00 30.61 ? 41  ASN A ND2 1 
ATOM   294  N  N   . LEU A 1 42  ? -2.441  -9.095  -14.428 1.00 32.23 ? 42  LEU A N   1 
ATOM   295  C  CA  . LEU A 1 42  ? -1.643  -10.301 -14.200 1.00 32.99 ? 42  LEU A CA  1 
ATOM   296  C  C   . LEU A 1 42  ? -0.447  -10.317 -15.141 1.00 33.78 ? 42  LEU A C   1 
ATOM   297  O  O   . LEU A 1 42  ? 0.679   -10.609 -14.725 1.00 33.70 ? 42  LEU A O   1 
ATOM   298  C  CB  . LEU A 1 42  ? -2.469  -11.576 -14.414 1.00 32.75 ? 42  LEU A CB  1 
ATOM   299  C  CG  . LEU A 1 42  ? -3.423  -12.071 -13.331 1.00 32.64 ? 42  LEU A CG  1 
ATOM   300  C  CD1 . LEU A 1 42  ? -4.025  -13.407 -13.761 1.00 33.35 ? 42  LEU A CD1 1 
ATOM   301  C  CD2 . LEU A 1 42  ? -2.729  -12.203 -11.994 1.00 33.86 ? 42  LEU A CD2 1 
ATOM   302  N  N   . LYS A 1 43  ? -0.707  -9.975  -16.403 1.00 34.07 ? 43  LYS A N   1 
ATOM   303  C  CA  . LYS A 1 43  ? 0.315   -9.916  -17.437 1.00 35.12 ? 43  LYS A CA  1 
ATOM   304  C  C   . LYS A 1 43  ? 1.409   -8.919  -17.077 1.00 35.13 ? 43  LYS A C   1 
ATOM   305  O  O   . LYS A 1 43  ? 2.583   -9.205  -17.266 1.00 35.26 ? 43  LYS A O   1 
ATOM   306  C  CB  . LYS A 1 43  ? -0.329  -9.560  -18.784 1.00 35.07 ? 43  LYS A CB  1 
ATOM   307  C  CG  . LYS A 1 43  ? 0.551   -9.777  -20.002 1.00 35.77 ? 43  LYS A CG  1 
ATOM   308  C  CD  . LYS A 1 43  ? -0.255  -9.553  -21.281 1.00 36.84 ? 43  LYS A CD  1 
ATOM   309  C  CE  . LYS A 1 43  ? 0.630   -9.481  -22.526 1.00 39.35 ? 43  LYS A CE  1 
ATOM   310  N  NZ  . LYS A 1 43  ? 1.423   -8.206  -22.524 1.00 40.80 ? 43  LYS A NZ  1 
ATOM   311  N  N   . ASN A 1 44  ? 1.006   -7.762  -16.555 1.00 35.41 ? 44  ASN A N   1 
ATOM   312  C  CA  . ASN A 1 44  ? 1.914   -6.696  -16.137 1.00 36.48 ? 44  ASN A CA  1 
ATOM   313  C  C   . ASN A 1 44  ? 2.787   -7.099  -14.951 1.00 35.96 ? 44  ASN A C   1 
ATOM   314  O  O   . ASN A 1 44  ? 3.966   -6.757  -14.909 1.00 36.08 ? 44  ASN A O   1 
ATOM   315  C  CB  . ASN A 1 44  ? 1.119   -5.433  -15.777 1.00 36.94 ? 44  ASN A CB  1 
ATOM   316  C  CG  . ASN A 1 44  ? 2.001   -4.206  -15.590 1.00 39.76 ? 44  ASN A CG  1 
ATOM   317  O  OD1 . ASN A 1 44  ? 2.932   -3.964  -16.366 1.00 43.56 ? 44  ASN A OD1 1 
ATOM   318  N  ND2 . ASN A 1 44  ? 1.695   -3.404  -14.567 1.00 42.36 ? 44  ASN A ND2 1 
ATOM   319  N  N   . ALA A 1 45  ? 2.201   -7.822  -13.999 1.00 35.36 ? 45  ALA A N   1 
ATOM   320  C  CA  . ALA A 1 45  ? 2.912   -8.281  -12.800 1.00 35.60 ? 45  ALA A CA  1 
ATOM   321  C  C   . ALA A 1 45  ? 3.956   -9.319  -13.177 1.00 35.44 ? 45  ALA A C   1 
ATOM   322  O  O   . ALA A 1 45  ? 5.093   -9.282  -12.700 1.00 35.95 ? 45  ALA A O   1 
ATOM   323  C  CB  . ALA A 1 45  ? 1.931   -8.874  -11.801 1.00 35.29 ? 45  ALA A CB  1 
ATOM   324  N  N   . SER A 1 46  ? 3.547   -10.228 -14.043 1.00 35.07 ? 46  SER A N   1 
ATOM   325  C  CA  . SER A 1 46  ? 4.384   -11.306 -14.537 1.00 35.61 ? 46  SER A CA  1 
ATOM   326  C  C   . SER A 1 46  ? 5.566   -10.765 -15.338 1.00 35.69 ? 46  SER A C   1 
ATOM   327  O  O   . SER A 1 46  ? 6.708   -11.151 -15.105 1.00 35.50 ? 46  SER A O   1 
ATOM   328  C  CB  . SER A 1 46  ? 3.549   -12.242 -15.405 1.00 34.99 ? 46  SER A CB  1 
ATOM   329  O  OG  . SER A 1 46  ? 4.358   -13.227 -16.015 1.00 35.55 ? 46  SER A OG  1 
ATOM   330  N  N   . GLU A 1 47  ? 5.286   -9.859  -16.268 1.00 36.03 ? 47  GLU A N   1 
ATOM   331  C  CA  . GLU A 1 47  ? 6.321   -9.339  -17.144 1.00 36.76 ? 47  GLU A CA  1 
ATOM   332  C  C   . GLU A 1 47  ? 7.286   -8.402  -16.420 1.00 36.52 ? 47  GLU A C   1 
ATOM   333  O  O   . GLU A 1 47  ? 8.474   -8.403  -16.720 1.00 36.86 ? 47  GLU A O   1 
ATOM   334  C  CB  . GLU A 1 47  ? 5.710   -8.690  -18.392 1.00 36.59 ? 47  GLU A CB  1 
ATOM   335  C  CG  . GLU A 1 47  ? 5.177   -9.733  -19.389 1.00 38.10 ? 47  GLU A CG  1 
ATOM   336  C  CD  . GLU A 1 47  ? 4.446   -9.134  -20.572 1.00 38.31 ? 47  GLU A CD  1 
ATOM   337  O  OE1 . GLU A 1 47  ? 4.302   -7.894  -20.631 1.00 40.90 ? 47  GLU A OE1 1 
ATOM   338  O  OE2 . GLU A 1 47  ? 4.009   -9.913  -21.449 1.00 41.32 ? 47  GLU A OE2 1 
ATOM   339  N  N   . LYS A 1 48  ? 6.793   -7.617  -15.461 1.00 36.57 ? 48  LYS A N   1 
ATOM   340  C  CA  . LYS A 1 48  ? 7.657   -6.701  -14.728 1.00 36.56 ? 48  LYS A CA  1 
ATOM   341  C  C   . LYS A 1 48  ? 8.506   -7.373  -13.636 1.00 36.59 ? 48  LYS A C   1 
ATOM   342  O  O   . LYS A 1 48  ? 9.682   -7.039  -13.474 1.00 36.30 ? 48  LYS A O   1 
ATOM   343  C  CB  . LYS A 1 48  ? 6.870   -5.537  -14.117 1.00 36.94 ? 48  LYS A CB  1 
ATOM   344  C  CG  . LYS A 1 48  ? 7.760   -4.340  -13.812 1.00 39.32 ? 48  LYS A CG  1 
ATOM   345  C  CD  . LYS A 1 48  ? 7.015   -3.214  -13.125 1.00 44.32 ? 48  LYS A CD  1 
ATOM   346  C  CE  . LYS A 1 48  ? 7.923   -2.019  -12.900 1.00 46.54 ? 48  LYS A CE  1 
ATOM   347  N  NZ  . LYS A 1 48  ? 7.288   -1.044  -11.957 1.00 49.19 ? 48  LYS A NZ  1 
ATOM   348  N  N   . TYR A 1 49  ? 7.910   -8.299  -12.884 1.00 35.87 ? 49  TYR A N   1 
ATOM   349  C  CA  . TYR A 1 49  ? 8.570   -8.848  -11.696 1.00 35.63 ? 49  TYR A CA  1 
ATOM   350  C  C   . TYR A 1 49  ? 8.905   -10.328 -11.779 1.00 34.83 ? 49  TYR A C   1 
ATOM   351  O  O   . TYR A 1 49  ? 9.708   -10.815 -10.992 1.00 34.51 ? 49  TYR A O   1 
ATOM   352  C  CB  . TYR A 1 49  ? 7.753   -8.559  -10.425 1.00 36.37 ? 49  TYR A CB  1 
ATOM   353  C  CG  . TYR A 1 49  ? 7.640   -7.078  -10.128 1.00 37.40 ? 49  TYR A CG  1 
ATOM   354  C  CD1 . TYR A 1 49  ? 8.775   -6.319  -9.824  1.00 37.20 ? 49  TYR A CD1 1 
ATOM   355  C  CD2 . TYR A 1 49  ? 6.406   -6.435  -10.153 1.00 38.15 ? 49  TYR A CD2 1 
ATOM   356  C  CE1 . TYR A 1 49  ? 8.686   -4.951  -9.572  1.00 38.79 ? 49  TYR A CE1 1 
ATOM   357  C  CE2 . TYR A 1 49  ? 6.304   -5.066  -9.885  1.00 38.65 ? 49  TYR A CE2 1 
ATOM   358  C  CZ  . TYR A 1 49  ? 7.446   -4.341  -9.603  1.00 38.33 ? 49  TYR A CZ  1 
ATOM   359  O  OH  . TYR A 1 49  ? 7.342   -3.011  -9.337  1.00 40.67 ? 49  TYR A OH  1 
ATOM   360  N  N   . GLY A 1 50  ? 8.278   -11.042 -12.713 1.00 33.99 ? 50  GLY A N   1 
ATOM   361  C  CA  . GLY A 1 50  ? 8.551   -12.461 -12.904 1.00 33.62 ? 50  GLY A CA  1 
ATOM   362  C  C   . GLY A 1 50  ? 7.925   -13.362 -11.847 1.00 33.50 ? 50  GLY A C   1 
ATOM   363  O  O   . GLY A 1 50  ? 8.262   -14.538 -11.759 1.00 32.96 ? 50  GLY A O   1 
ATOM   364  N  N   . LEU A 1 51  ? 7.007   -12.815 -11.053 1.00 33.09 ? 51  LEU A N   1 
ATOM   365  C  CA  . LEU A 1 51  ? 6.338   -13.593 -9.995  1.00 33.17 ? 51  LEU A CA  1 
ATOM   366  C  C   . LEU A 1 51  ? 5.285   -14.575 -10.528 1.00 32.91 ? 51  LEU A C   1 
ATOM   367  O  O   . LEU A 1 51  ? 4.864   -14.494 -11.681 1.00 31.91 ? 51  LEU A O   1 
ATOM   368  C  CB  . LEU A 1 51  ? 5.724   -12.651 -8.939  1.00 33.49 ? 51  LEU A CB  1 
ATOM   369  C  CG  . LEU A 1 51  ? 5.014   -11.402 -9.468  1.00 34.49 ? 51  LEU A CG  1 
ATOM   370  C  CD1 . LEU A 1 51  ? 3.734   -11.803 -10.168 1.00 36.06 ? 51  LEU A CD1 1 
ATOM   371  C  CD2 . LEU A 1 51  ? 4.712   -10.417 -8.374  1.00 34.22 ? 51  LEU A CD2 1 
ATOM   372  N  N   . THR A 1 52  ? 4.862   -15.497 -9.666  1.00 32.46 ? 52  THR A N   1 
ATOM   373  C  CA  . THR A 1 52  ? 3.812   -16.449 -9.995  1.00 32.35 ? 52  THR A CA  1 
ATOM   374  C  C   . THR A 1 52  ? 2.466   -15.739 -10.049 1.00 31.94 ? 52  THR A C   1 
ATOM   375  O  O   . THR A 1 52  ? 2.116   -14.990 -9.138  1.00 31.48 ? 52  THR A O   1 
ATOM   376  C  CB  . THR A 1 52  ? 3.771   -17.592 -8.961  1.00 32.33 ? 52  THR A CB  1 
ATOM   377  O  OG1 . THR A 1 52  ? 5.096   -18.103 -8.783  1.00 32.50 ? 52  THR A OG1 1 
ATOM   378  C  CG2 . THR A 1 52  ? 2.851   -18.728 -9.414  1.00 33.06 ? 52  THR A CG2 1 
ATOM   379  N  N   . THR A 1 53  ? 1.735   -15.958 -11.138 1.00 31.68 ? 53  THR A N   1 
ATOM   380  C  CA  . THR A 1 53  ? 0.392   -15.407 -11.295 1.00 31.50 ? 53  THR A CA  1 
ATOM   381  C  C   . THR A 1 53  ? -0.603  -16.552 -11.457 1.00 31.52 ? 53  THR A C   1 
ATOM   382  O  O   . THR A 1 53  ? -0.251  -17.633 -11.928 1.00 31.50 ? 53  THR A O   1 
ATOM   383  C  CB  . THR A 1 53  ? 0.274   -14.485 -12.531 1.00 31.38 ? 53  THR A CB  1 
ATOM   384  O  OG1 . THR A 1 53  ? 0.628   -15.229 -13.698 1.00 31.07 ? 53  THR A OG1 1 
ATOM   385  C  CG2 . THR A 1 53  ? 1.177   -13.278 -12.416 1.00 30.52 ? 53  THR A CG2 1 
ATOM   386  N  N   . THR A 1 54  ? -1.843  -16.307 -11.054 1.00 31.55 ? 54  THR A N   1 
ATOM   387  C  CA  . THR A 1 54  ? -2.891  -17.311 -11.147 1.00 31.90 ? 54  THR A CA  1 
ATOM   388  C  C   . THR A 1 54  ? -4.268  -16.675 -11.263 1.00 32.13 ? 54  THR A C   1 
ATOM   389  O  O   . THR A 1 54  ? -4.493  -15.555 -10.806 1.00 31.35 ? 54  THR A O   1 
ATOM   390  C  CB  . THR A 1 54  ? -2.872  -18.287 -9.947  1.00 31.92 ? 54  THR A CB  1 
ATOM   391  O  OG1 . THR A 1 54  ? -3.970  -19.193 -10.060 1.00 31.99 ? 54  THR A OG1 1 
ATOM   392  C  CG2 . THR A 1 54  ? -2.975  -17.538 -8.625  1.00 31.69 ? 54  THR A CG2 1 
ATOM   393  N  N   . THR A 1 55  ? -5.184  -17.420 -11.870 1.00 32.49 ? 55  THR A N   1 
ATOM   394  C  CA  . THR A 1 55  ? -6.553  -16.972 -12.068 1.00 33.27 ? 55  THR A CA  1 
ATOM   395  C  C   . THR A 1 55  ? -7.441  -17.448 -10.918 1.00 33.86 ? 55  THR A C   1 
ATOM   396  O  O   . THR A 1 55  ? -8.638  -17.150 -10.876 1.00 34.34 ? 55  THR A O   1 
ATOM   397  C  CB  . THR A 1 55  ? -7.115  -17.513 -13.396 1.00 33.25 ? 55  THR A CB  1 
ATOM   398  O  OG1 . THR A 1 55  ? -6.926  -18.931 -13.439 1.00 32.85 ? 55  THR A OG1 1 
ATOM   399  C  CG2 . THR A 1 55  ? -6.403  -16.873 -14.582 1.00 33.66 ? 55  THR A CG2 1 
ATOM   400  N  N   . ASP A 1 56  ? -6.841  -18.188 -9.989  1.00 34.31 ? 56  ASP A N   1 
ATOM   401  C  CA  . ASP A 1 56  ? -7.548  -18.735 -8.840  1.00 34.73 ? 56  ASP A CA  1 
ATOM   402  C  C   . ASP A 1 56  ? -7.113  -18.045 -7.542  1.00 34.33 ? 56  ASP A C   1 
ATOM   403  O  O   . ASP A 1 56  ? -5.982  -18.214 -7.086  1.00 33.95 ? 56  ASP A O   1 
ATOM   404  C  CB  . ASP A 1 56  ? -7.281  -20.234 -8.741  1.00 35.13 ? 56  ASP A CB  1 
ATOM   405  C  CG  . ASP A 1 56  ? -8.077  -20.909 -7.629  1.00 37.70 ? 56  ASP A CG  1 
ATOM   406  O  OD1 . ASP A 1 56  ? -9.096  -20.342 -7.163  1.00 40.31 ? 56  ASP A OD1 1 
ATOM   407  O  OD2 . ASP A 1 56  ? -7.689  -22.032 -7.233  1.00 40.53 ? 56  ASP A OD2 1 
ATOM   408  N  N   . ASN A 1 57  ? -8.036  -17.298 -6.945  1.00 34.07 ? 57  ASN A N   1 
ATOM   409  C  CA  . ASN A 1 57  ? -7.809  -16.630 -5.668  1.00 34.16 ? 57  ASN A CA  1 
ATOM   410  C  C   . ASN A 1 57  ? -7.496  -17.590 -4.516  1.00 34.23 ? 57  ASN A C   1 
ATOM   411  O  O   . ASN A 1 57  ? -6.902  -17.199 -3.513  1.00 34.09 ? 57  ASN A O   1 
ATOM   412  C  CB  . ASN A 1 57  ? -8.993  -15.718 -5.329  1.00 34.03 ? 57  ASN A CB  1 
ATOM   413  C  CG  . ASN A 1 57  ? -9.153  -14.571 -6.323  1.00 33.70 ? 57  ASN A CG  1 
ATOM   414  O  OD1 . ASN A 1 57  ? -8.171  -14.060 -6.871  1.00 33.07 ? 57  ASN A OD1 1 
ATOM   415  N  ND2 . ASN A 1 57  ? -10.395 -14.160 -6.557  1.00 33.19 ? 57  ASN A ND2 1 
ATOM   416  N  N   . ASN A 1 58  ? -7.880  -18.848 -4.679  1.00 34.62 ? 58  ASN A N   1 
ATOM   417  C  CA  . ASN A 1 58  ? -7.578  -19.895 -3.711  1.00 34.82 ? 58  ASN A CA  1 
ATOM   418  C  C   . ASN A 1 58  ? -6.112  -20.357 -3.736  1.00 34.78 ? 58  ASN A C   1 
ATOM   419  O  O   . ASN A 1 58  ? -5.557  -20.731 -2.702  1.00 34.72 ? 58  ASN A O   1 
ATOM   420  C  CB  . ASN A 1 58  ? -8.527  -21.087 -3.907  1.00 35.04 ? 58  ASN A CB  1 
ATOM   421  C  CG  . ASN A 1 58  ? -9.980  -20.758 -3.550  1.00 35.84 ? 58  ASN A CG  1 
ATOM   422  O  OD1 . ASN A 1 58  ? -10.907 -21.165 -4.256  1.00 37.32 ? 58  ASN A OD1 1 
ATOM   423  N  ND2 . ASN A 1 58  ? -10.180 -20.032 -2.453  1.00 36.09 ? 58  ASN A ND2 1 
ATOM   424  N  N   . GLU A 1 59  ? -5.499  -20.341 -4.919  1.00 34.74 ? 59  GLU A N   1 
ATOM   425  C  CA  . GLU A 1 59  ? -4.076  -20.644 -5.064  1.00 35.14 ? 59  GLU A CA  1 
ATOM   426  C  C   . GLU A 1 59  ? -3.191  -19.563 -4.417  1.00 34.72 ? 59  GLU A C   1 
ATOM   427  O  O   . GLU A 1 59  ? -2.131  -19.868 -3.873  1.00 34.37 ? 59  GLU A O   1 
ATOM   428  C  CB  . GLU A 1 59  ? -3.712  -20.826 -6.542  1.00 35.06 ? 59  GLU A CB  1 
ATOM   429  C  CG  . GLU A 1 59  ? -2.279  -21.309 -6.791  1.00 36.36 ? 59  GLU A CG  1 
ATOM   430  C  CD  . GLU A 1 59  ? -1.982  -21.607 -8.262  1.00 36.91 ? 59  GLU A CD  1 
ATOM   431  O  OE1 . GLU A 1 59  ? -2.884  -22.092 -8.982  1.00 35.74 ? 59  GLU A OE1 1 
ATOM   432  O  OE2 . GLU A 1 59  ? -0.834  -21.343 -8.699  1.00 41.58 ? 59  GLU A OE2 1 
ATOM   433  N  N   . VAL A 1 60  ? -3.627  -18.307 -4.487  1.00 34.61 ? 60  VAL A N   1 
ATOM   434  C  CA  . VAL A 1 60  ? -2.928  -17.216 -3.799  1.00 34.70 ? 60  VAL A CA  1 
ATOM   435  C  C   . VAL A 1 60  ? -2.979  -17.422 -2.283  1.00 35.47 ? 60  VAL A C   1 
ATOM   436  O  O   . VAL A 1 60  ? -1.947  -17.346 -1.605  1.00 36.20 ? 60  VAL A O   1 
ATOM   437  C  CB  . VAL A 1 60  ? -3.500  -15.820 -4.179  1.00 34.46 ? 60  VAL A CB  1 
ATOM   438  C  CG1 . VAL A 1 60  ? -2.769  -14.707 -3.435  1.00 33.30 ? 60  VAL A CG1 1 
ATOM   439  C  CG2 . VAL A 1 60  ? -3.395  -15.585 -5.668  1.00 33.40 ? 60  VAL A CG2 1 
ATOM   440  N  N   . ALA A 1 61  ? -4.175  -17.697 -1.771  1.00 35.94 ? 61  ALA A N   1 
ATOM   441  C  CA  . ALA A 1 61  ? -4.431  -17.798 -0.336  1.00 36.67 ? 61  ALA A CA  1 
ATOM   442  C  C   . ALA A 1 61  ? -3.872  -19.067 0.306   1.00 37.47 ? 61  ALA A C   1 
ATOM   443  O  O   . ALA A 1 61  ? -3.536  -19.059 1.489   1.00 37.43 ? 61  ALA A O   1 
ATOM   444  C  CB  . ALA A 1 61  ? -5.924  -17.686 -0.070  1.00 36.42 ? 61  ALA A CB  1 
ATOM   445  N  N   . LYS A 1 62  ? -3.774  -20.143 -0.480  1.00 38.12 ? 62  LYS A N   1 
ATOM   446  C  CA  . LYS A 1 62  ? -3.319  -21.463 -0.012  1.00 39.33 ? 62  LYS A CA  1 
ATOM   447  C  C   . LYS A 1 62  ? -1.991  -21.439 0.757   1.00 39.36 ? 62  LYS A C   1 
ATOM   448  O  O   . LYS A 1 62  ? -1.911  -21.944 1.880   1.00 39.91 ? 62  LYS A O   1 
ATOM   449  C  CB  . LYS A 1 62  ? -3.225  -22.439 -1.202  1.00 39.02 ? 62  LYS A CB  1 
ATOM   450  C  CG  . LYS A 1 62  ? -3.296  -23.917 -0.853  1.00 40.54 ? 62  LYS A CG  1 
ATOM   451  C  CD  . LYS A 1 62  ? -3.333  -24.763 -2.126  1.00 40.42 ? 62  LYS A CD  1 
ATOM   452  C  CE  . LYS A 1 62  ? -3.374  -26.261 -1.830  1.00 43.77 ? 62  LYS A CE  1 
ATOM   453  N  NZ  . LYS A 1 62  ? -2.020  -26.842 -1.586  1.00 45.46 ? 62  LYS A NZ  1 
ATOM   454  N  N   . ASN A 1 63  ? -0.956  -20.863 0.156   1.00 39.40 ? 63  ASN A N   1 
ATOM   455  C  CA  . ASN A 1 63  ? 0.380   -20.873 0.759   1.00 39.81 ? 63  ASN A CA  1 
ATOM   456  C  C   . ASN A 1 63  ? 0.846   -19.557 1.395   1.00 39.15 ? 63  ASN A C   1 
ATOM   457  O  O   . ASN A 1 63  ? 1.924   -19.514 1.997   1.00 39.72 ? 63  ASN A O   1 
ATOM   458  C  CB  . ASN A 1 63  ? 1.423   -21.346 -0.260  1.00 40.39 ? 63  ASN A CB  1 
ATOM   459  C  CG  . ASN A 1 63  ? 1.335   -22.830 -0.538  1.00 41.47 ? 63  ASN A CG  1 
ATOM   460  O  OD1 . ASN A 1 63  ? 1.149   -23.642 0.376   1.00 44.03 ? 63  ASN A OD1 1 
ATOM   461  N  ND2 . ASN A 1 63  ? 1.472   -23.198 -1.805  1.00 42.39 ? 63  ASN A ND2 1 
ATOM   462  N  N   . ALA A 1 64  ? 0.043   -18.501 1.277   1.00 38.24 ? 64  ALA A N   1 
ATOM   463  C  CA  . ALA A 1 64  ? 0.430   -17.164 1.763   1.00 36.94 ? 64  ALA A CA  1 
ATOM   464  C  C   . ALA A 1 64  ? 0.515   -17.017 3.284   1.00 36.24 ? 64  ALA A C   1 
ATOM   465  O  O   . ALA A 1 64  ? -0.467  -17.241 3.998   1.00 35.86 ? 64  ALA A O   1 
ATOM   466  C  CB  . ALA A 1 64  ? -0.504  -16.101 1.184   1.00 37.05 ? 64  ALA A CB  1 
ATOM   467  N  N   . ASP A 1 65  ? 1.690   -16.613 3.770   1.00 35.16 ? 65  ASP A N   1 
ATOM   468  C  CA  . ASP A 1 65  ? 1.878   -16.285 5.184   1.00 34.36 ? 65  ASP A CA  1 
ATOM   469  C  C   . ASP A 1 65  ? 1.348   -14.884 5.480   1.00 33.65 ? 65  ASP A C   1 
ATOM   470  O  O   . ASP A 1 65  ? 0.881   -14.605 6.581   1.00 32.72 ? 65  ASP A O   1 
ATOM   471  C  CB  . ASP A 1 65  ? 3.354   -16.385 5.577   1.00 34.54 ? 65  ASP A CB  1 
ATOM   472  C  CG  . ASP A 1 65  ? 3.923   -17.784 5.367   1.00 36.42 ? 65  ASP A CG  1 
ATOM   473  O  OD1 . ASP A 1 65  ? 3.334   -18.761 5.883   1.00 38.22 ? 65  ASP A OD1 1 
ATOM   474  O  OD2 . ASP A 1 65  ? 4.963   -17.907 4.684   1.00 37.80 ? 65  ASP A OD2 1 
ATOM   475  N  N   . ILE A 1 66  ? 1.454   -14.004 4.487   1.00 32.67 ? 66  ILE A N   1 
ATOM   476  C  CA  . ILE A 1 66  ? 0.844   -12.672 4.537   1.00 32.35 ? 66  ILE A CA  1 
ATOM   477  C  C   . ILE A 1 66  ? -0.028  -12.543 3.284   1.00 31.79 ? 66  ILE A C   1 
ATOM   478  O  O   . ILE A 1 66  ? 0.462   -12.707 2.156   1.00 31.18 ? 66  ILE A O   1 
ATOM   479  C  CB  . ILE A 1 66  ? 1.916   -11.547 4.601   1.00 32.52 ? 66  ILE A CB  1 
ATOM   480  C  CG1 . ILE A 1 66  ? 2.787   -11.727 5.861   1.00 32.84 ? 66  ILE A CG1 1 
ATOM   481  C  CG2 . ILE A 1 66  ? 1.247   -10.174 4.593   1.00 32.34 ? 66  ILE A CG2 1 
ATOM   482  C  CD1 . ILE A 1 66  ? 4.085   -10.893 5.892   1.00 33.34 ? 66  ILE A CD1 1 
ATOM   483  N  N   . LEU A 1 67  ? -1.320  -12.309 3.482   1.00 31.34 ? 67  LEU A N   1 
ATOM   484  C  CA  . LEU A 1 67  ? -2.240  -12.164 2.352   1.00 31.65 ? 67  LEU A CA  1 
ATOM   485  C  C   . LEU A 1 67  ? -2.763  -10.733 2.249   1.00 32.04 ? 67  LEU A C   1 
ATOM   486  O  O   . LEU A 1 67  ? -3.498  -10.256 3.121   1.00 32.07 ? 67  LEU A O   1 
ATOM   487  C  CB  . LEU A 1 67  ? -3.395  -13.169 2.436   1.00 31.66 ? 67  LEU A CB  1 
ATOM   488  C  CG  . LEU A 1 67  ? -4.383  -13.218 1.259   1.00 31.73 ? 67  LEU A CG  1 
ATOM   489  C  CD1 . LEU A 1 67  ? -3.733  -13.611 -0.058  1.00 29.94 ? 67  LEU A CD1 1 
ATOM   490  C  CD2 . LEU A 1 67  ? -5.510  -14.181 1.566   1.00 31.01 ? 67  LEU A CD2 1 
ATOM   491  N  N   . ILE A 1 68  ? -2.385  -10.062 1.171   1.00 32.06 ? 68  ILE A N   1 
ATOM   492  C  CA  . ILE A 1 68  ? -2.802  -8.683  0.945   1.00 33.23 ? 68  ILE A CA  1 
ATOM   493  C  C   . ILE A 1 68  ? -4.010  -8.624  0.010   1.00 34.13 ? 68  ILE A C   1 
ATOM   494  O  O   . ILE A 1 68  ? -3.983  -9.175  -1.098  1.00 33.89 ? 68  ILE A O   1 
ATOM   495  C  CB  . ILE A 1 68  ? -1.619  -7.829  0.459   1.00 33.06 ? 68  ILE A CB  1 
ATOM   496  C  CG1 . ILE A 1 68  ? -0.535  -7.857  1.548   1.00 32.89 ? 68  ILE A CG1 1 
ATOM   497  C  CG2 . ILE A 1 68  ? -2.080  -6.382  0.133   1.00 33.21 ? 68  ILE A CG2 1 
ATOM   498  C  CD1 . ILE A 1 68  ? 0.862   -7.472  1.121   1.00 37.22 ? 68  ILE A CD1 1 
ATOM   499  N  N   . LEU A 1 69  ? -5.079  -7.992  0.488   1.00 35.17 ? 69  LEU A N   1 
ATOM   500  C  CA  . LEU A 1 69  ? -6.322  -7.864  -0.283  1.00 36.54 ? 69  LEU A CA  1 
ATOM   501  C  C   . LEU A 1 69  ? -6.445  -6.434  -0.805  1.00 38.00 ? 69  LEU A C   1 
ATOM   502  O  O   . LEU A 1 69  ? -6.602  -5.493  -0.028  1.00 37.90 ? 69  LEU A O   1 
ATOM   503  C  CB  . LEU A 1 69  ? -7.537  -8.236  0.573   1.00 36.59 ? 69  LEU A CB  1 
ATOM   504  C  CG  . LEU A 1 69  ? -7.518  -9.552  1.362   1.00 36.31 ? 69  LEU A CG  1 
ATOM   505  C  CD1 . LEU A 1 69  ? -8.819  -9.727  2.139   1.00 38.71 ? 69  LEU A CD1 1 
ATOM   506  C  CD2 . LEU A 1 69  ? -7.280  -10.748 0.453   1.00 36.52 ? 69  LEU A CD2 1 
ATOM   507  N  N   . SER A 1 70  ? -6.326  -6.276  -2.118  1.00 39.72 ? 70  SER A N   1 
ATOM   508  C  CA  . SER A 1 70  ? -6.430  -4.962  -2.749  1.00 41.99 ? 70  SER A CA  1 
ATOM   509  C  C   . SER A 1 70  ? -7.455  -4.978  -3.867  1.00 43.20 ? 70  SER A C   1 
ATOM   510  O  O   . SER A 1 70  ? -7.139  -4.714  -5.027  1.00 43.86 ? 70  SER A O   1 
ATOM   511  C  CB  . SER A 1 70  ? -5.066  -4.483  -3.262  1.00 41.79 ? 70  SER A CB  1 
ATOM   512  O  OG  . SER A 1 70  ? -4.662  -5.204  -4.413  1.00 44.07 ? 70  SER A OG  1 
ATOM   513  N  N   . ILE A 1 71  ? -8.690  -5.298  -3.505  1.00 44.72 ? 71  ILE A N   1 
ATOM   514  C  CA  . ILE A 1 71  ? -9.792  -5.308  -4.456  1.00 46.34 ? 71  ILE A CA  1 
ATOM   515  C  C   . ILE A 1 71  ? -10.809 -4.213  -4.138  1.00 47.18 ? 71  ILE A C   1 
ATOM   516  O  O   . ILE A 1 71  ? -10.654 -3.480  -3.157  1.00 47.36 ? 71  ILE A O   1 
ATOM   517  C  CB  . ILE A 1 71  ? -10.488 -6.696  -4.533  1.00 46.35 ? 71  ILE A CB  1 
ATOM   518  C  CG1 . ILE A 1 71  ? -11.095 -7.117  -3.174  1.00 47.06 ? 71  ILE A CG1 1 
ATOM   519  C  CG2 . ILE A 1 71  ? -9.539  -7.736  -5.139  1.00 46.93 ? 71  ILE A CG2 1 
ATOM   520  C  CD1 . ILE A 1 71  ? -10.221 -7.996  -2.277  1.00 47.16 ? 71  ILE A CD1 1 
ATOM   521  N  N   . LYS A 1 72  ? -11.836 -4.098  -4.977  1.00 48.12 ? 72  LYS A N   1 
ATOM   522  C  CA  . LYS A 1 72  ? -12.923 -3.154  -4.742  1.00 48.96 ? 72  LYS A CA  1 
ATOM   523  C  C   . LYS A 1 72  ? -13.570 -3.409  -3.383  1.00 49.20 ? 72  LYS A C   1 
ATOM   524  O  O   . LYS A 1 72  ? -13.811 -4.565  -3.028  1.00 49.35 ? 72  LYS A O   1 
ATOM   525  C  CB  . LYS A 1 72  ? -13.986 -3.245  -5.850  1.00 48.99 ? 72  LYS A CB  1 
ATOM   526  C  CG  . LYS A 1 72  ? -13.535 -2.749  -7.228  1.00 49.93 ? 72  LYS A CG  1 
ATOM   527  C  CD  . LYS A 1 72  ? -13.024 -1.307  -7.193  1.00 50.97 ? 72  LYS A CD  1 
ATOM   528  C  CE  . LYS A 1 72  ? -12.508 -0.875  -8.557  1.00 51.82 ? 72  LYS A CE  1 
ATOM   529  N  NZ  . LYS A 1 72  ? -11.746 0.407   -8.497  1.00 51.35 ? 72  LYS A NZ  1 
ATOM   530  N  N   . PRO A 1 73  ? -13.844 -2.332  -2.616  1.00 49.54 ? 73  PRO A N   1 
ATOM   531  C  CA  . PRO A 1 73  ? -14.606 -2.424  -1.363  1.00 49.66 ? 73  PRO A CA  1 
ATOM   532  C  C   . PRO A 1 73  ? -15.871 -3.265  -1.525  1.00 49.66 ? 73  PRO A C   1 
ATOM   533  O  O   . PRO A 1 73  ? -16.275 -3.974  -0.595  1.00 49.73 ? 73  PRO A O   1 
ATOM   534  C  CB  . PRO A 1 73  ? -14.981 -0.968  -1.084  1.00 49.60 ? 73  PRO A CB  1 
ATOM   535  C  CG  . PRO A 1 73  ? -13.859 -0.185  -1.671  1.00 49.72 ? 73  PRO A CG  1 
ATOM   536  C  CD  . PRO A 1 73  ? -13.426 -0.944  -2.901  1.00 49.62 ? 73  PRO A CD  1 
ATOM   537  N  N   . ASP A 1 74  ? -16.467 -3.191  -2.714  1.00 49.81 ? 74  ASP A N   1 
ATOM   538  C  CA  . ASP A 1 74  ? -17.707 -3.894  -3.037  1.00 49.95 ? 74  ASP A CA  1 
ATOM   539  C  C   . ASP A 1 74  ? -17.496 -5.397  -3.247  1.00 49.63 ? 74  ASP A C   1 
ATOM   540  O  O   . ASP A 1 74  ? -18.457 -6.172  -3.201  1.00 49.73 ? 74  ASP A O   1 
ATOM   541  C  CB  . ASP A 1 74  ? -18.361 -3.276  -4.283  1.00 50.24 ? 74  ASP A CB  1 
ATOM   542  C  CG  . ASP A 1 74  ? -18.421 -1.749  -4.230  1.00 51.08 ? 74  ASP A CG  1 
ATOM   543  O  OD1 . ASP A 1 74  ? -19.537 -1.192  -4.328  1.00 52.49 ? 74  ASP A OD1 1 
ATOM   544  O  OD2 . ASP A 1 74  ? -17.357 -1.105  -4.096  1.00 51.96 ? 74  ASP A OD2 1 
ATOM   545  N  N   . LEU A 1 75  ? -16.245 -5.801  -3.467  1.00 49.26 ? 75  LEU A N   1 
ATOM   546  C  CA  . LEU A 1 75  ? -15.919 -7.201  -3.768  1.00 48.78 ? 75  LEU A CA  1 
ATOM   547  C  C   . LEU A 1 75  ? -15.454 -8.019  -2.559  1.00 48.50 ? 75  LEU A C   1 
ATOM   548  O  O   . LEU A 1 75  ? -15.432 -9.251  -2.617  1.00 48.42 ? 75  LEU A O   1 
ATOM   549  C  CB  . LEU A 1 75  ? -14.876 -7.283  -4.891  1.00 48.97 ? 75  LEU A CB  1 
ATOM   550  C  CG  . LEU A 1 75  ? -15.293 -6.946  -6.328  1.00 48.72 ? 75  LEU A CG  1 
ATOM   551  C  CD1 . LEU A 1 75  ? -14.066 -6.758  -7.210  1.00 48.02 ? 75  LEU A CD1 1 
ATOM   552  C  CD2 . LEU A 1 75  ? -16.210 -8.020  -6.906  1.00 48.81 ? 75  LEU A CD2 1 
ATOM   553  N  N   . TYR A 1 76  ? -15.092 -7.331  -1.474  1.00 48.05 ? 76  TYR A N   1 
ATOM   554  C  CA  . TYR A 1 76  ? -14.592 -7.968  -0.242  1.00 47.64 ? 76  TYR A CA  1 
ATOM   555  C  C   . TYR A 1 76  ? -15.379 -9.194  0.236   1.00 47.10 ? 76  TYR A C   1 
ATOM   556  O  O   . TYR A 1 76  ? -14.818 -10.285 0.366   1.00 47.15 ? 76  TYR A O   1 
ATOM   557  C  CB  . TYR A 1 76  ? -14.477 -6.937  0.889   1.00 47.83 ? 76  TYR A CB  1 
ATOM   558  C  CG  . TYR A 1 76  ? -13.094 -6.350  1.013   1.00 48.62 ? 76  TYR A CG  1 
ATOM   559  C  CD1 . TYR A 1 76  ? -12.315 -6.588  2.142   1.00 49.10 ? 76  TYR A CD1 1 
ATOM   560  C  CD2 . TYR A 1 76  ? -12.554 -5.583  -0.014  1.00 48.08 ? 76  TYR A CD2 1 
ATOM   561  C  CE1 . TYR A 1 76  ? -11.037 -6.060  2.252   1.00 49.26 ? 76  TYR A CE1 1 
ATOM   562  C  CE2 . TYR A 1 76  ? -11.284 -5.057  0.083   1.00 49.28 ? 76  TYR A CE2 1 
ATOM   563  C  CZ  . TYR A 1 76  ? -10.531 -5.297  1.216   1.00 48.91 ? 76  TYR A CZ  1 
ATOM   564  O  OH  . TYR A 1 76  ? -9.274  -4.770  1.302   1.00 48.77 ? 76  TYR A OH  1 
ATOM   565  N  N   . ALA A 1 77  ? -16.671 -9.007  0.494   1.00 46.48 ? 77  ALA A N   1 
ATOM   566  C  CA  . ALA A 1 77  ? -17.542 -10.086 0.976   1.00 45.68 ? 77  ALA A CA  1 
ATOM   567  C  C   . ALA A 1 77  ? -17.476 -11.340 0.098   1.00 45.13 ? 77  ALA A C   1 
ATOM   568  O  O   . ALA A 1 77  ? -17.423 -12.463 0.611   1.00 44.91 ? 77  ALA A O   1 
ATOM   569  C  CB  . ALA A 1 77  ? -18.979 -9.592  1.098   1.00 45.83 ? 77  ALA A CB  1 
ATOM   570  N  N   . SER A 1 78  ? -17.457 -11.130 -1.220  1.00 44.46 ? 78  SER A N   1 
ATOM   571  C  CA  . SER A 1 78  ? -17.387 -12.216 -2.198  1.00 43.87 ? 78  SER A CA  1 
ATOM   572  C  C   . SER A 1 78  ? -16.086 -13.035 -2.111  1.00 43.40 ? 78  SER A C   1 
ATOM   573  O  O   . SER A 1 78  ? -16.141 -14.261 -1.981  1.00 43.36 ? 78  SER A O   1 
ATOM   574  C  CB  . SER A 1 78  ? -17.584 -11.667 -3.616  1.00 43.91 ? 78  SER A CB  1 
ATOM   575  O  OG  . SER A 1 78  ? -18.115 -12.663 -4.482  1.00 44.02 ? 78  SER A OG  1 
ATOM   576  N  N   . ILE A 1 79  ? -14.932 -12.353 -2.159  1.00 42.78 ? 79  ILE A N   1 
ATOM   577  C  CA  . ILE A 1 79  ? -13.614 -13.015 -2.159  1.00 41.96 ? 79  ILE A CA  1 
ATOM   578  C  C   . ILE A 1 79  ? -13.311 -13.775 -0.859  1.00 41.11 ? 79  ILE A C   1 
ATOM   579  O  O   . ILE A 1 79  ? -12.797 -14.897 -0.897  1.00 40.60 ? 79  ILE A O   1 
ATOM   580  C  CB  . ILE A 1 79  ? -12.454 -12.029 -2.516  1.00 42.24 ? 79  ILE A CB  1 
ATOM   581  C  CG1 . ILE A 1 79  ? -12.390 -11.782 -4.022  1.00 42.85 ? 79  ILE A CG1 1 
ATOM   582  C  CG2 . ILE A 1 79  ? -11.102 -12.565 -2.069  1.00 42.27 ? 79  ILE A CG2 1 
ATOM   583  C  CD1 . ILE A 1 79  ? -12.980 -10.456 -4.457  1.00 44.15 ? 79  ILE A CD1 1 
ATOM   584  N  N   . ILE A 1 80  ? -13.629 -13.157 0.281   1.00 40.47 ? 80  ILE A N   1 
ATOM   585  C  CA  . ILE A 1 80  ? -13.361 -13.763 1.592   1.00 40.16 ? 80  ILE A CA  1 
ATOM   586  C  C   . ILE A 1 80  ? -14.238 -14.994 1.858   1.00 40.02 ? 80  ILE A C   1 
ATOM   587  O  O   . ILE A 1 80  ? -13.733 -16.043 2.269   1.00 39.58 ? 80  ILE A O   1 
ATOM   588  C  CB  . ILE A 1 80  ? -13.515 -12.746 2.750   1.00 40.04 ? 80  ILE A CB  1 
ATOM   589  C  CG1 . ILE A 1 80  ? -12.473 -11.619 2.614   1.00 40.19 ? 80  ILE A CG1 1 
ATOM   590  C  CG2 . ILE A 1 80  ? -13.352 -13.451 4.098   1.00 39.94 ? 80  ILE A CG2 1 
ATOM   591  C  CD1 . ILE A 1 80  ? -12.648 -10.457 3.595   1.00 40.20 ? 80  ILE A CD1 1 
ATOM   592  N  N   . LYS A 1 84  ? -12.382 -17.683 4.642   1.00 36.97 ? 84  LYS A N   1 
ATOM   593  C  CA  . LYS A 1 84  ? -11.759 -18.725 3.735   1.00 37.26 ? 84  LYS A CA  1 
ATOM   594  C  C   . LYS A 1 84  ? -11.278 -19.910 4.561   1.00 37.87 ? 84  LYS A C   1 
ATOM   595  O  O   . LYS A 1 84  ? -10.672 -19.735 5.619   1.00 38.05 ? 84  LYS A O   1 
ATOM   596  C  CB  . LYS A 1 84  ? -10.541 -18.129 2.910   1.00 36.81 ? 84  LYS A CB  1 
ATOM   597  C  CG  . LYS A 1 84  ? -10.462 -18.603 1.444   1.00 36.33 ? 84  LYS A CG  1 
ATOM   598  C  CD  . LYS A 1 84  ? -11.605 -18.013 0.568   1.00 36.48 ? 84  LYS A CD  1 
ATOM   599  C  CE  . LYS A 1 84  ? -12.463 -19.159 -0.088  1.00 36.02 ? 84  LYS A CE  1 
ATOM   600  N  NZ  . LYS A 1 84  ? -13.338 -18.582 -1.215  1.00 35.89 ? 84  LYS A NZ  1 
ATOM   601  N  N   . GLU A 1 85  ? -11.549 -21.114 4.069   1.00 38.53 ? 85  GLU A N   1 
ATOM   602  C  CA  . GLU A 1 85  ? -11.132 -22.340 4.755   1.00 39.08 ? 85  GLU A CA  1 
ATOM   603  C  C   . GLU A 1 85  ? -9.719  -22.761 4.348   1.00 38.94 ? 85  GLU A C   1 
ATOM   604  O  O   . GLU A 1 85  ? -9.073  -23.558 5.041   1.00 39.04 ? 85  GLU A O   1 
ATOM   605  C  CB  . GLU A 1 85  ? -12.125 -23.487 4.519   1.00 39.57 ? 85  GLU A CB  1 
ATOM   606  C  CG  . GLU A 1 85  ? -13.513 -23.256 5.137   1.00 40.90 ? 85  GLU A CG  1 
ATOM   607  C  CD  . GLU A 1 85  ? -14.153 -24.513 5.719   1.00 43.90 ? 85  GLU A CD  1 
ATOM   608  O  OE1 . GLU A 1 85  ? -13.741 -25.644 5.367   1.00 45.40 ? 85  GLU A OE1 1 
ATOM   609  O  OE2 . GLU A 1 85  ? -15.091 -24.366 6.536   1.00 44.00 ? 85  GLU A OE2 1 
ATOM   610  N  N   . ILE A 1 86  ? -9.237  -22.220 3.231   1.00 38.31 ? 86  ILE A N   1 
ATOM   611  C  CA  . ILE A 1 86  ? -7.922  -22.606 2.722   1.00 38.09 ? 86  ILE A CA  1 
ATOM   612  C  C   . ILE A 1 86  ? -6.779  -21.790 3.331   1.00 37.45 ? 86  ILE A C   1 
ATOM   613  O  O   . ILE A 1 86  ? -5.638  -22.258 3.329   1.00 37.59 ? 86  ILE A O   1 
ATOM   614  C  CB  . ILE A 1 86  ? -7.830  -22.521 1.184   1.00 37.90 ? 86  ILE A CB  1 
ATOM   615  C  CG1 . ILE A 1 86  ? -7.778  -21.045 0.765   1.00 38.86 ? 86  ILE A CG1 1 
ATOM   616  C  CG2 . ILE A 1 86  ? -8.948  -23.325 0.520   1.00 38.76 ? 86  ILE A CG2 1 
ATOM   617  C  CD1 . ILE A 1 86  ? -8.090  -20.794 -0.644  1.00 39.92 ? 86  ILE A CD1 1 
ATOM   618  N  N   . ILE A 1 87  ? -7.064  -20.580 3.832   1.00 37.10 ? 87  ILE A N   1 
ATOM   619  C  CA  . ILE A 1 87  ? -5.998  -19.741 4.386   1.00 36.21 ? 87  ILE A CA  1 
ATOM   620  C  C   . ILE A 1 87  ? -5.271  -20.462 5.516   1.00 36.04 ? 87  ILE A C   1 
ATOM   621  O  O   . ILE A 1 87  ? -5.876  -21.232 6.263   1.00 35.63 ? 87  ILE A O   1 
ATOM   622  C  CB  . ILE A 1 87  ? -6.459  -18.296 4.830   1.00 36.61 ? 87  ILE A CB  1 
ATOM   623  C  CG1 . ILE A 1 87  ? -7.558  -18.342 5.905   1.00 36.59 ? 87  ILE A CG1 1 
ATOM   624  C  CG2 . ILE A 1 87  ? -6.895  -17.465 3.619   1.00 36.14 ? 87  ILE A CG2 1 
ATOM   625  C  CD1 . ILE A 1 87  ? -7.623  -17.085 6.778   1.00 35.97 ? 87  ILE A CD1 1 
ATOM   626  N  N   . LYS A 1 88  ? -3.964  -20.240 5.605   1.00 35.61 ? 88  LYS A N   1 
ATOM   627  C  CA  . LYS A 1 88  ? -3.139  -20.802 6.671   1.00 35.45 ? 88  LYS A CA  1 
ATOM   628  C  C   . LYS A 1 88  ? -3.649  -20.316 8.022   1.00 34.55 ? 88  LYS A C   1 
ATOM   629  O  O   . LYS A 1 88  ? -4.112  -19.178 8.143   1.00 34.17 ? 88  LYS A O   1 
ATOM   630  C  CB  . LYS A 1 88  ? -1.696  -20.337 6.508   1.00 35.93 ? 88  LYS A CB  1 
ATOM   631  C  CG  . LYS A 1 88  ? -1.183  -20.365 5.067   1.00 38.23 ? 88  LYS A CG  1 
ATOM   632  C  CD  . LYS A 1 88  ? -0.313  -21.585 4.804   1.00 41.89 ? 88  LYS A CD  1 
ATOM   633  C  CE  . LYS A 1 88  ? 1.165   -21.218 4.913   1.00 44.49 ? 88  LYS A CE  1 
ATOM   634  N  NZ  . LYS A 1 88  ? 1.531   -20.790 6.301   1.00 46.08 ? 88  LYS A NZ  1 
ATOM   635  N  N   . ASN A 1 89  ? -3.552  -21.170 9.037   1.00 33.36 ? 89  ASN A N   1 
ATOM   636  C  CA  . ASN A 1 89  ? -4.032  -20.830 10.379  1.00 32.64 ? 89  ASN A CA  1 
ATOM   637  C  C   . ASN A 1 89  ? -3.410  -19.568 10.993  1.00 32.71 ? 89  ASN A C   1 
ATOM   638  O  O   . ASN A 1 89  ? -4.085  -18.807 11.689  1.00 32.36 ? 89  ASN A O   1 
ATOM   639  C  CB  . ASN A 1 89  ? -3.896  -22.038 11.314  1.00 32.39 ? 89  ASN A CB  1 
ATOM   640  C  CG  . ASN A 1 89  ? -4.935  -23.104 11.033  1.00 31.38 ? 89  ASN A CG  1 
ATOM   641  O  OD1 . ASN A 1 89  ? -4.665  -24.306 11.141  1.00 31.97 ? 89  ASN A OD1 1 
ATOM   642  N  ND2 . ASN A 1 89  ? -6.133  -22.675 10.667  1.00 29.51 ? 89  ASN A ND2 1 
ATOM   643  N  N   . ASP A 1 90  ? -2.133  -19.330 10.702  1.00 32.44 ? 90  ASP A N   1 
ATOM   644  C  CA  . ASP A 1 90  ? -1.435  -18.175 11.248  1.00 32.67 ? 90  ASP A CA  1 
ATOM   645  C  C   . ASP A 1 90  ? -1.197  -17.057 10.207  1.00 31.49 ? 90  ASP A C   1 
ATOM   646  O  O   . ASP A 1 90  ? -0.397  -16.156 10.447  1.00 30.74 ? 90  ASP A O   1 
ATOM   647  C  CB  . ASP A 1 90  ? -0.111  -18.608 11.904  1.00 33.46 ? 90  ASP A CB  1 
ATOM   648  C  CG  . ASP A 1 90  ? 0.789   -19.434 10.958  1.00 36.93 ? 90  ASP A CG  1 
ATOM   649  O  OD1 . ASP A 1 90  ? 0.311   -19.913 9.903   1.00 38.45 ? 90  ASP A OD1 1 
ATOM   650  O  OD2 . ASP A 1 90  ? 1.988   -19.615 11.285  1.00 40.66 ? 90  ASP A OD2 1 
ATOM   651  N  N   . ALA A 1 91  ? -1.894  -17.111 9.070   1.00 30.54 ? 91  ALA A N   1 
ATOM   652  C  CA  . ALA A 1 91  ? -1.750  -16.061 8.042   1.00 30.15 ? 91  ALA A CA  1 
ATOM   653  C  C   . ALA A 1 91  ? -2.184  -14.696 8.559   1.00 29.77 ? 91  ALA A C   1 
ATOM   654  O  O   . ALA A 1 91  ? -3.133  -14.581 9.332   1.00 28.79 ? 91  ALA A O   1 
ATOM   655  C  CB  . ALA A 1 91  ? -2.527  -16.409 6.779   1.00 30.48 ? 91  ALA A CB  1 
ATOM   656  N  N   . ILE A 1 92  ? -1.464  -13.668 8.134   1.00 29.60 ? 92  ILE A N   1 
ATOM   657  C  CA  . ILE A 1 92  ? -1.819  -12.288 8.435   1.00 30.27 ? 92  ILE A CA  1 
ATOM   658  C  C   . ILE A 1 92  ? -2.614  -11.757 7.235   1.00 30.15 ? 92  ILE A C   1 
ATOM   659  O  O   . ILE A 1 92  ? -2.103  -11.727 6.091   1.00 29.38 ? 92  ILE A O   1 
ATOM   660  C  CB  . ILE A 1 92  ? -0.545  -11.414 8.669   1.00 30.57 ? 92  ILE A CB  1 
ATOM   661  C  CG1 . ILE A 1 92  ? 0.356   -12.042 9.750   1.00 31.35 ? 92  ILE A CG1 1 
ATOM   662  C  CG2 . ILE A 1 92  ? -0.930  -9.953  9.058   1.00 31.24 ? 92  ILE A CG2 1 
ATOM   663  C  CD1 . ILE A 1 92  ? 1.843   -11.614 9.652   1.00 31.52 ? 92  ILE A CD1 1 
ATOM   664  N  N   . ILE A 1 93  ? -3.858  -11.359 7.491   1.00 29.13 ? 93  ILE A N   1 
ATOM   665  C  CA  . ILE A 1 93  ? -4.683  -10.737 6.466   1.00 29.21 ? 93  ILE A CA  1 
ATOM   666  C  C   . ILE A 1 93  ? -4.530  -9.206  6.494   1.00 29.41 ? 93  ILE A C   1 
ATOM   667  O  O   . ILE A 1 93  ? -4.784  -8.554  7.504   1.00 29.14 ? 93  ILE A O   1 
ATOM   668  C  CB  . ILE A 1 93  ? -6.183  -11.134 6.594   1.00 29.00 ? 93  ILE A CB  1 
ATOM   669  C  CG1 . ILE A 1 93  ? -6.352  -12.658 6.725   1.00 29.35 ? 93  ILE A CG1 1 
ATOM   670  C  CG2 . ILE A 1 93  ? -7.001  -10.545 5.448   1.00 28.97 ? 93  ILE A CG2 1 
ATOM   671  C  CD1 . ILE A 1 93  ? -5.867  -13.499 5.541   1.00 29.91 ? 93  ILE A CD1 1 
ATOM   672  N  N   . VAL A 1 94  ? -4.108  -8.650  5.366   1.00 29.63 ? 94  VAL A N   1 
ATOM   673  C  CA  . VAL A 1 94  ? -3.907  -7.204  5.236   1.00 29.70 ? 94  VAL A CA  1 
ATOM   674  C  C   . VAL A 1 94  ? -4.964  -6.644  4.274   1.00 30.65 ? 94  VAL A C   1 
ATOM   675  O  O   . VAL A 1 94  ? -5.020  -7.041  3.105   1.00 31.31 ? 94  VAL A O   1 
ATOM   676  C  CB  . VAL A 1 94  ? -2.471  -6.892  4.727   1.00 29.31 ? 94  VAL A CB  1 
ATOM   677  C  CG1 . VAL A 1 94  ? -2.255  -5.373  4.557   1.00 28.78 ? 94  VAL A CG1 1 
ATOM   678  C  CG2 . VAL A 1 94  ? -1.433  -7.475  5.688   1.00 27.63 ? 94  VAL A CG2 1 
ATOM   679  N  N   . THR A 1 95  ? -5.823  -5.760  4.774   1.00 31.32 ? 95  THR A N   1 
ATOM   680  C  CA  . THR A 1 95  ? -6.840  -5.138  3.931   1.00 33.02 ? 95  THR A CA  1 
ATOM   681  C  C   . THR A 1 95  ? -6.365  -3.736  3.589   1.00 34.80 ? 95  THR A C   1 
ATOM   682  O  O   . THR A 1 95  ? -5.898  -3.021  4.468   1.00 34.88 ? 95  THR A O   1 
ATOM   683  C  CB  . THR A 1 95  ? -8.242  -5.090  4.604   1.00 33.13 ? 95  THR A CB  1 
ATOM   684  O  OG1 . THR A 1 95  ? -8.229  -4.181  5.716   1.00 32.94 ? 95  THR A OG1 1 
ATOM   685  C  CG2 . THR A 1 95  ? -8.652  -6.469  5.082   1.00 32.73 ? 95  THR A CG2 1 
ATOM   686  N  N   . ILE A 1 96  ? -6.434  -3.360  2.317   1.00 36.77 ? 96  ILE A N   1 
ATOM   687  C  CA  . ILE A 1 96  ? -6.032  -2.007  1.930   1.00 39.63 ? 96  ILE A CA  1 
ATOM   688  C  C   . ILE A 1 96  ? -7.169  -1.191  1.312   1.00 41.37 ? 96  ILE A C   1 
ATOM   689  O  O   . ILE A 1 96  ? -8.238  -1.732  1.025   1.00 42.32 ? 96  ILE A O   1 
ATOM   690  C  CB  . ILE A 1 96  ? -4.755  -1.961  1.034   1.00 39.60 ? 96  ILE A CB  1 
ATOM   691  C  CG1 . ILE A 1 96  ? -5.087  -2.311  -0.412  1.00 40.62 ? 96  ILE A CG1 1 
ATOM   692  C  CG2 . ILE A 1 96  ? -3.598  -2.813  1.620   1.00 39.47 ? 96  ILE A CG2 1 
ATOM   693  C  CD1 . ILE A 1 96  ? -4.087  -1.710  -1.390  1.00 38.61 ? 96  ILE A CD1 1 
ATOM   694  N  N   . ALA A 1 97  ? -6.917  0.102   1.097   1.00 43.68 ? 97  ALA A N   1 
ATOM   695  C  CA  . ALA A 1 97  ? -7.951  1.068   0.731   1.00 45.48 ? 97  ALA A CA  1 
ATOM   696  C  C   . ALA A 1 97  ? -9.157  0.800   1.618   1.00 46.71 ? 97  ALA A C   1 
ATOM   697  O  O   . ALA A 1 97  ? -10.258 0.435   1.172   1.00 46.46 ? 97  ALA A O   1 
ATOM   698  C  CB  . ALA A 1 97  ? -8.299  1.006   -0.765  1.00 46.17 ? 97  ALA A CB  1 
ATOM   699  N  N   . ALA A 1 98  ? -8.886  0.962   2.910   1.00 47.81 ? 98  ALA A N   1 
ATOM   700  C  CA  . ALA A 1 98  ? -9.862  0.782   3.956   1.00 47.72 ? 98  ALA A CA  1 
ATOM   701  C  C   . ALA A 1 98  ? -11.120 1.587   3.663   1.00 48.36 ? 98  ALA A C   1 
ATOM   702  O  O   . ALA A 1 98  ? -11.059 2.774   3.315   1.00 48.79 ? 98  ALA A O   1 
ATOM   703  C  CB  . ALA A 1 98  ? -9.262  1.195   5.277   1.00 47.44 ? 98  ALA A CB  1 
ATOM   704  N  N   . GLY A 1 99  ? -12.244 0.882   3.758   1.00 48.34 ? 99  GLY A N   1 
ATOM   705  C  CA  . GLY A 1 99  ? -13.586 1.424   3.765   1.00 48.08 ? 99  GLY A CA  1 
ATOM   706  C  C   . GLY A 1 99  ? -14.373 0.403   4.570   1.00 47.86 ? 99  GLY A C   1 
ATOM   707  O  O   . GLY A 1 99  ? -15.552 0.596   4.879   1.00 48.10 ? 99  GLY A O   1 
ATOM   708  N  N   . LYS A 1 100 ? -13.694 -0.697  4.907   1.00 47.49 ? 100 LYS A N   1 
ATOM   709  C  CA  . LYS A 1 100 ? -14.264 -1.792  5.685   1.00 46.97 ? 100 LYS A CA  1 
ATOM   710  C  C   . LYS A 1 100 ? -13.470 -2.006  6.975   1.00 46.00 ? 100 LYS A C   1 
ATOM   711  O  O   . LYS A 1 100 ? -12.244 -2.162  6.942   1.00 45.67 ? 100 LYS A O   1 
ATOM   712  C  CB  . LYS A 1 100 ? -14.304 -3.091  4.863   1.00 47.62 ? 100 LYS A CB  1 
ATOM   713  C  CG  . LYS A 1 100 ? -15.158 -3.045  3.581   1.00 48.65 ? 100 LYS A CG  1 
ATOM   714  C  CD  . LYS A 1 100 ? -16.633 -2.827  3.871   1.00 50.04 ? 100 LYS A CD  1 
ATOM   715  C  CE  . LYS A 1 100 ? -17.476 -2.929  2.606   1.00 50.86 ? 100 LYS A CE  1 
ATOM   716  N  NZ  . LYS A 1 100 ? -17.805 -4.343  2.272   1.00 51.42 ? 100 LYS A NZ  1 
ATOM   717  N  N   . SER A 1 101 ? -14.183 -2.027  8.100   1.00 44.65 ? 101 SER A N   1 
ATOM   718  C  CA  . SER A 1 101 ? -13.565 -2.101  9.424   1.00 43.32 ? 101 SER A CA  1 
ATOM   719  C  C   . SER A 1 101 ? -13.010 -3.488  9.746   1.00 42.39 ? 101 SER A C   1 
ATOM   720  O  O   . SER A 1 101 ? -13.335 -4.464  9.073   1.00 42.31 ? 101 SER A O   1 
ATOM   721  C  CB  . SER A 1 101 ? -14.560 -1.666  10.502  1.00 43.40 ? 101 SER A CB  1 
ATOM   722  O  OG  . SER A 1 101 ? -15.579 -2.630  10.671  1.00 42.75 ? 101 SER A OG  1 
ATOM   723  N  N   . ILE A 1 102 ? -12.165 -3.557  10.775  1.00 41.26 ? 102 ILE A N   1 
ATOM   724  C  CA  . ILE A 1 102 ? -11.625 -4.823  11.272  1.00 40.33 ? 102 ILE A CA  1 
ATOM   725  C  C   . ILE A 1 102 ? -12.743 -5.802  11.678  1.00 40.26 ? 102 ILE A C   1 
ATOM   726  O  O   . ILE A 1 102 ? -12.693 -6.987  11.328  1.00 40.17 ? 102 ILE A O   1 
ATOM   727  C  CB  . ILE A 1 102 ? -10.632 -4.587  12.433  1.00 40.05 ? 102 ILE A CB  1 
ATOM   728  C  CG1 . ILE A 1 102 ? -9.315  -4.012  11.893  1.00 39.24 ? 102 ILE A CG1 1 
ATOM   729  C  CG2 . ILE A 1 102 ? -10.346 -5.875  13.182  1.00 39.33 ? 102 ILE A CG2 1 
ATOM   730  C  CD1 . ILE A 1 102 ? -8.443  -3.402  12.957  1.00 39.32 ? 102 ILE A CD1 1 
ATOM   731  N  N   . GLU A 1 103 ? -13.741 -5.298  12.404  1.00 40.12 ? 103 GLU A N   1 
ATOM   732  C  CA  . GLU A 1 103 ? -14.931 -6.083  12.770  1.00 39.86 ? 103 GLU A CA  1 
ATOM   733  C  C   . GLU A 1 103 ? -15.531 -6.777  11.553  1.00 39.37 ? 103 GLU A C   1 
ATOM   734  O  O   . GLU A 1 103 ? -15.735 -7.992  11.552  1.00 39.14 ? 103 GLU A O   1 
ATOM   735  C  CB  . GLU A 1 103 ? -15.987 -5.191  13.419  1.00 40.10 ? 103 GLU A CB  1 
ATOM   736  C  CG  . GLU A 1 103 ? -16.252 -5.485  14.894  1.00 42.16 ? 103 GLU A CG  1 
ATOM   737  C  CD  . GLU A 1 103 ? -17.577 -4.914  15.390  1.00 42.94 ? 103 GLU A CD  1 
ATOM   738  O  OE1 . GLU A 1 103 ? -18.041 -3.884  14.852  1.00 43.93 ? 103 GLU A OE1 1 
ATOM   739  O  OE2 . GLU A 1 103 ? -18.156 -5.493  16.331  1.00 44.11 ? 103 GLU A OE2 1 
ATOM   740  N  N   . SER A 1 104 ? -15.784 -5.986  10.514  1.00 39.21 ? 104 SER A N   1 
ATOM   741  C  CA  . SER A 1 104 ? -16.358 -6.459  9.260   1.00 39.17 ? 104 SER A CA  1 
ATOM   742  C  C   . SER A 1 104 ? -15.550 -7.597  8.629   1.00 39.02 ? 104 SER A C   1 
ATOM   743  O  O   . SER A 1 104 ? -16.116 -8.585  8.173   1.00 38.73 ? 104 SER A O   1 
ATOM   744  C  CB  . SER A 1 104 ? -16.464 -5.289  8.276   1.00 39.41 ? 104 SER A CB  1 
ATOM   745  O  OG  . SER A 1 104 ? -17.698 -5.325  7.586   1.00 40.53 ? 104 SER A OG  1 
ATOM   746  N  N   . THR A 1 105 ? -14.225 -7.449  8.602   1.00 38.94 ? 105 THR A N   1 
ATOM   747  C  CA  . THR A 1 105 ? -13.345 -8.453  7.999   1.00 38.67 ? 105 THR A CA  1 
ATOM   748  C  C   . THR A 1 105 ? -13.269 -9.735  8.837   1.00 39.05 ? 105 THR A C   1 
ATOM   749  O  O   . THR A 1 105 ? -13.232 -10.840 8.287   1.00 38.81 ? 105 THR A O   1 
ATOM   750  C  CB  . THR A 1 105 ? -11.944 -7.879  7.736   1.00 38.38 ? 105 THR A CB  1 
ATOM   751  O  OG1 . THR A 1 105 ? -12.074 -6.707  6.926   1.00 37.58 ? 105 THR A OG1 1 
ATOM   752  C  CG2 . THR A 1 105 ? -11.062 -8.885  7.007   1.00 37.68 ? 105 THR A CG2 1 
ATOM   753  N  N   . GLU A 1 106 ? -13.245 -9.575  10.159  1.00 39.48 ? 106 GLU A N   1 
ATOM   754  C  CA  . GLU A 1 106 ? -13.258 -10.706 11.089  1.00 40.13 ? 106 GLU A CA  1 
ATOM   755  C  C   . GLU A 1 106 ? -14.504 -11.560 10.890  1.00 40.54 ? 106 GLU A C   1 
ATOM   756  O  O   . GLU A 1 106 ? -14.416 -12.783 10.872  1.00 40.73 ? 106 GLU A O   1 
ATOM   757  C  CB  . GLU A 1 106 ? -13.186 -10.222 12.539  1.00 40.16 ? 106 GLU A CB  1 
ATOM   758  C  CG  . GLU A 1 106 ? -11.794 -9.830  13.014  1.00 40.01 ? 106 GLU A CG  1 
ATOM   759  C  CD  . GLU A 1 106 ? -11.805 -9.148  14.372  1.00 40.13 ? 106 GLU A CD  1 
ATOM   760  O  OE1 . GLU A 1 106 ? -12.897 -8.768  14.851  1.00 39.97 ? 106 GLU A OE1 1 
ATOM   761  O  OE2 . GLU A 1 106 ? -10.714 -8.979  14.962  1.00 40.79 ? 106 GLU A OE2 1 
ATOM   762  N  N   . ASN A 1 107 ? -15.651 -10.905 10.711  1.00 41.21 ? 107 ASN A N   1 
ATOM   763  C  CA  . ASN A 1 107 ? -16.937 -11.597 10.545  1.00 41.98 ? 107 ASN A CA  1 
ATOM   764  C  C   . ASN A 1 107 ? -17.118 -12.258 9.179   1.00 42.39 ? 107 ASN A C   1 
ATOM   765  O  O   . ASN A 1 107 ? -18.057 -13.023 8.978   1.00 42.29 ? 107 ASN A O   1 
ATOM   766  C  CB  . ASN A 1 107 ? -18.106 -10.647 10.812  1.00 41.90 ? 107 ASN A CB  1 
ATOM   767  C  CG  . ASN A 1 107 ? -18.124 -10.117 12.233  1.00 42.49 ? 107 ASN A CG  1 
ATOM   768  O  OD1 . ASN A 1 107 ? -17.496 -10.684 13.134  1.00 43.11 ? 107 ASN A OD1 1 
ATOM   769  N  ND2 . ASN A 1 107 ? -18.854 -9.023  12.444  1.00 42.62 ? 107 ASN A ND2 1 
ATOM   770  N  N   . ALA A 1 108 ? -16.232 -11.946 8.237   1.00 42.78 ? 108 ALA A N   1 
ATOM   771  C  CA  . ALA A 1 108 ? -16.262 -12.588 6.928   1.00 43.36 ? 108 ALA A CA  1 
ATOM   772  C  C   . ALA A 1 108 ? -15.481 -13.901 6.961   1.00 43.75 ? 108 ALA A C   1 
ATOM   773  O  O   . ALA A 1 108 ? -15.914 -14.900 6.384   1.00 43.96 ? 108 ALA A O   1 
ATOM   774  C  CB  . ALA A 1 108 ? -15.724 -11.655 5.860   1.00 43.46 ? 108 ALA A CB  1 
ATOM   775  N  N   . PHE A 1 109 ? -14.343 -13.898 7.655   1.00 44.14 ? 109 PHE A N   1 
ATOM   776  C  CA  . PHE A 1 109 ? -13.563 -15.116 7.891   1.00 44.54 ? 109 PHE A CA  1 
ATOM   777  C  C   . PHE A 1 109 ? -14.182 -16.024 8.969   1.00 44.87 ? 109 PHE A C   1 
ATOM   778  O  O   . PHE A 1 109 ? -13.843 -17.208 9.065   1.00 44.73 ? 109 PHE A O   1 
ATOM   779  C  CB  . PHE A 1 109 ? -12.124 -14.761 8.275   1.00 44.75 ? 109 PHE A CB  1 
ATOM   780  C  CG  . PHE A 1 109 ? -11.297 -14.237 7.131   1.00 44.92 ? 109 PHE A CG  1 
ATOM   781  C  CD1 . PHE A 1 109 ? -11.140 -12.871 6.940   1.00 45.15 ? 109 PHE A CD1 1 
ATOM   782  C  CD2 . PHE A 1 109 ? -10.667 -15.113 6.250   1.00 45.35 ? 109 PHE A CD2 1 
ATOM   783  C  CE1 . PHE A 1 109 ? -10.375 -12.382 5.886   1.00 45.26 ? 109 PHE A CE1 1 
ATOM   784  C  CE2 . PHE A 1 109 ? -9.896  -14.629 5.193   1.00 45.48 ? 109 PHE A CE2 1 
ATOM   785  C  CZ  . PHE A 1 109 ? -9.755  -13.266 5.011   1.00 45.24 ? 109 PHE A CZ  1 
ATOM   786  N  N   . ASN A 1 110 ? -15.085 -15.455 9.768   1.00 44.99 ? 110 ASN A N   1 
ATOM   787  C  CA  . ASN A 1 110 ? -15.676 -16.106 10.941  1.00 45.45 ? 110 ASN A CA  1 
ATOM   788  C  C   . ASN A 1 110 ? -14.696 -16.346 12.098  1.00 45.48 ? 110 ASN A C   1 
ATOM   789  O  O   . ASN A 1 110 ? -14.907 -15.842 13.208  1.00 45.87 ? 110 ASN A O   1 
ATOM   790  C  CB  . ASN A 1 110 ? -16.435 -17.396 10.567  1.00 45.34 ? 110 ASN A CB  1 
ATOM   791  C  CG  . ASN A 1 110 ? -17.738 -17.116 9.824   1.00 45.99 ? 110 ASN A CG  1 
ATOM   792  O  OD1 . ASN A 1 110 ? -17.919 -16.037 9.246   1.00 46.69 ? 110 ASN A OD1 1 
ATOM   793  N  ND2 . ASN A 1 110 ? -18.658 -18.089 9.847   1.00 46.91 ? 110 ASN A ND2 1 
ATOM   794  N  N   . LYS A 1 111 ? -13.630 -17.098 11.830  1.00 45.22 ? 111 LYS A N   1 
ATOM   795  C  CA  . LYS A 1 111 ? -12.701 -17.553 12.874  1.00 44.88 ? 111 LYS A CA  1 
ATOM   796  C  C   . LYS A 1 111 ? -11.793 -16.447 13.422  1.00 44.12 ? 111 LYS A C   1 
ATOM   797  O  O   . LYS A 1 111 ? -11.799 -15.313 12.925  1.00 44.18 ? 111 LYS A O   1 
ATOM   798  C  CB  . LYS A 1 111 ? -11.862 -18.738 12.365  1.00 44.96 ? 111 LYS A CB  1 
ATOM   799  C  CG  . LYS A 1 111 ? -10.983 -18.423 11.159  1.00 45.45 ? 111 LYS A CG  1 
ATOM   800  C  CD  . LYS A 1 111 ? -10.302 -19.674 10.613  1.00 45.45 ? 111 LYS A CD  1 
ATOM   801  C  CE  . LYS A 1 111 ? -9.188  -19.307 9.626   1.00 47.16 ? 111 LYS A CE  1 
ATOM   802  N  NZ  . LYS A 1 111 ? -8.582  -20.522 8.992   1.00 48.34 ? 111 LYS A NZ  1 
ATOM   803  N  N   . LYS A 1 112 ? -11.035 -16.785 14.467  1.00 43.09 ? 112 LYS A N   1 
ATOM   804  C  CA  . LYS A 1 112 ? -9.988  -15.912 14.978  1.00 42.21 ? 112 LYS A CA  1 
ATOM   805  C  C   . LYS A 1 112 ? -8.890  -15.835 13.921  1.00 40.99 ? 112 LYS A C   1 
ATOM   806  O  O   . LYS A 1 112 ? -8.140  -16.791 13.718  1.00 41.18 ? 112 LYS A O   1 
ATOM   807  C  CB  . LYS A 1 112 ? -9.428  -16.429 16.308  1.00 42.26 ? 112 LYS A CB  1 
ATOM   808  C  CG  . LYS A 1 112 ? -10.375 -16.282 17.498  1.00 42.74 ? 112 LYS A CG  1 
ATOM   809  C  CD  . LYS A 1 112 ? -9.684  -16.595 18.830  1.00 43.04 ? 112 LYS A CD  1 
ATOM   810  C  CE  . LYS A 1 112 ? -9.151  -18.031 18.886  1.00 44.60 ? 112 LYS A CE  1 
ATOM   811  N  NZ  . LYS A 1 112 ? -9.064  -18.548 20.288  1.00 45.69 ? 112 LYS A NZ  1 
ATOM   812  N  N   . VAL A 1 113 ? -8.837  -14.705 13.227  1.00 39.19 ? 113 VAL A N   1 
ATOM   813  C  CA  . VAL A 1 113 ? -7.865  -14.488 12.158  1.00 37.72 ? 113 VAL A CA  1 
ATOM   814  C  C   . VAL A 1 113 ? -7.062  -13.219 12.461  1.00 36.01 ? 113 VAL A C   1 
ATOM   815  O  O   . VAL A 1 113 ? -7.593  -12.267 13.031  1.00 35.54 ? 113 VAL A O   1 
ATOM   816  C  CB  . VAL A 1 113 ? -8.557  -14.436 10.753  1.00 37.90 ? 113 VAL A CB  1 
ATOM   817  C  CG1 . VAL A 1 113 ? -9.618  -13.328 10.686  1.00 38.46 ? 113 VAL A CG1 1 
ATOM   818  C  CG2 . VAL A 1 113 ? -7.542  -14.266 9.646   1.00 38.59 ? 113 VAL A CG2 1 
ATOM   819  N  N   . LYS A 1 114 ? -5.774  -13.238 12.132  1.00 34.38 ? 114 LYS A N   1 
ATOM   820  C  CA  . LYS A 1 114 ? -4.923  -12.055 12.271  1.00 33.00 ? 114 LYS A CA  1 
ATOM   821  C  C   . LYS A 1 114 ? -5.291  -11.067 11.167  1.00 31.76 ? 114 LYS A C   1 
ATOM   822  O  O   . LYS A 1 114 ? -5.351  -11.438 9.996   1.00 31.35 ? 114 LYS A O   1 
ATOM   823  C  CB  . LYS A 1 114 ? -3.447  -12.433 12.144  1.00 32.97 ? 114 LYS A CB  1 
ATOM   824  C  CG  . LYS A 1 114 ? -2.929  -13.398 13.194  1.00 34.92 ? 114 LYS A CG  1 
ATOM   825  C  CD  . LYS A 1 114 ? -1.534  -13.849 12.829  1.00 37.90 ? 114 LYS A CD  1 
ATOM   826  C  CE  . LYS A 1 114 ? -0.979  -14.884 13.799  1.00 39.64 ? 114 LYS A CE  1 
ATOM   827  N  NZ  . LYS A 1 114 ? 0.348   -15.344 13.238  1.00 41.30 ? 114 LYS A NZ  1 
ATOM   828  N  N   . VAL A 1 115 ? -5.545  -9.814  11.538  1.00 30.90 ? 115 VAL A N   1 
ATOM   829  C  CA  . VAL A 1 115 ? -5.936  -8.798  10.557  1.00 29.77 ? 115 VAL A CA  1 
ATOM   830  C  C   . VAL A 1 115 ? -5.221  -7.486  10.816  1.00 29.33 ? 115 VAL A C   1 
ATOM   831  O  O   . VAL A 1 115 ? -5.134  -7.020  11.955  1.00 28.78 ? 115 VAL A O   1 
ATOM   832  C  CB  . VAL A 1 115 ? -7.482  -8.554  10.525  1.00 29.99 ? 115 VAL A CB  1 
ATOM   833  C  CG1 . VAL A 1 115 ? -7.856  -7.456  9.508   1.00 29.36 ? 115 VAL A CG1 1 
ATOM   834  C  CG2 . VAL A 1 115 ? -8.232  -9.832  10.197  1.00 29.66 ? 115 VAL A CG2 1 
ATOM   835  N  N   . VAL A 1 116 ? -4.701  -6.901  9.743   1.00 28.85 ? 116 VAL A N   1 
ATOM   836  C  CA  . VAL A 1 116 ? -4.153  -5.559  9.799   1.00 29.20 ? 116 VAL A CA  1 
ATOM   837  C  C   . VAL A 1 116 ? -4.871  -4.750  8.728   1.00 29.59 ? 116 VAL A C   1 
ATOM   838  O  O   . VAL A 1 116 ? -4.748  -5.023  7.529   1.00 28.92 ? 116 VAL A O   1 
ATOM   839  C  CB  . VAL A 1 116 ? -2.619  -5.523  9.591   1.00 28.95 ? 116 VAL A CB  1 
ATOM   840  C  CG1 . VAL A 1 116 ? -2.107  -4.102  9.716   1.00 27.82 ? 116 VAL A CG1 1 
ATOM   841  C  CG2 . VAL A 1 116 ? -1.917  -6.418  10.618  1.00 26.90 ? 116 VAL A CG2 1 
ATOM   842  N  N   . ARG A 1 117 ? -5.664  -3.790  9.180   1.00 29.79 ? 117 ARG A N   1 
ATOM   843  C  CA  . ARG A 1 117 ? -6.336  -2.880  8.272   1.00 30.83 ? 117 ARG A CA  1 
ATOM   844  C  C   . ARG A 1 117 ? -5.352  -1.762  7.967   1.00 31.19 ? 117 ARG A C   1 
ATOM   845  O  O   . ARG A 1 117 ? -4.788  -1.163  8.885   1.00 31.53 ? 117 ARG A O   1 
ATOM   846  C  CB  . ARG A 1 117 ? -7.617  -2.335  8.913   1.00 31.06 ? 117 ARG A CB  1 
ATOM   847  C  CG  . ARG A 1 117 ? -8.353  -1.322  8.053   1.00 32.01 ? 117 ARG A CG  1 
ATOM   848  C  CD  . ARG A 1 117 ? -9.579  -0.779  8.743   1.00 32.48 ? 117 ARG A CD  1 
ATOM   849  N  NE  . ARG A 1 117 ? -10.060 0.416   8.065   1.00 32.63 ? 117 ARG A NE  1 
ATOM   850  C  CZ  . ARG A 1 117 ? -11.059 1.186   8.487   1.00 34.97 ? 117 ARG A CZ  1 
ATOM   851  N  NH1 . ARG A 1 117 ? -11.722 0.895   9.603   1.00 32.90 ? 117 ARG A NH1 1 
ATOM   852  N  NH2 . ARG A 1 117 ? -11.392 2.263   7.783   1.00 37.15 ? 117 ARG A NH2 1 
ATOM   853  N  N   . VAL A 1 118 ? -5.114  -1.517  6.679   1.00 31.99 ? 118 VAL A N   1 
ATOM   854  C  CA  . VAL A 1 118 ? -4.167  -0.499  6.260   1.00 33.40 ? 118 VAL A CA  1 
ATOM   855  C  C   . VAL A 1 118 ? -4.836  0.523   5.348   1.00 34.63 ? 118 VAL A C   1 
ATOM   856  O  O   . VAL A 1 118 ? -5.684  0.176   4.527   1.00 34.92 ? 118 VAL A O   1 
ATOM   857  C  CB  . VAL A 1 118 ? -2.940  -1.104  5.532   1.00 33.38 ? 118 VAL A CB  1 
ATOM   858  C  CG1 . VAL A 1 118 ? -1.934  0.009   5.160   1.00 34.59 ? 118 VAL A CG1 1 
ATOM   859  C  CG2 . VAL A 1 118 ? -2.240  -2.131  6.416   1.00 32.61 ? 118 VAL A CG2 1 
HETATM 860  N  N   . MSE A 1 119 ? -4.461  1.787   5.509   1.00 36.06 ? 119 MSE A N   1 
HETATM 861  C  CA  . MSE A 1 119 ? -4.843  2.817   4.545   1.00 37.30 ? 119 MSE A CA  1 
HETATM 862  C  C   . MSE A 1 119 ? -3.582  3.428   3.940   1.00 36.27 ? 119 MSE A C   1 
HETATM 863  O  O   . MSE A 1 119 ? -2.944  4.269   4.569   1.00 35.13 ? 119 MSE A O   1 
HETATM 864  C  CB  . MSE A 1 119 ? -5.717  3.896   5.184   1.00 38.47 ? 119 MSE A CB  1 
HETATM 865  C  CG  . MSE A 1 119 ? -6.123  4.988   4.197   1.00 45.06 ? 119 MSE A CG  1 
HETATM 866  SE SE  . MSE A 1 119 ? -7.268  4.278   2.766   1.00 62.97 ? 119 MSE A SE  1 
HETATM 867  C  CE  . MSE A 1 119 ? -8.958  4.978   3.404   1.00 57.27 ? 119 MSE A CE  1 
ATOM   868  N  N   . PRO A 1 120 ? -3.222  3.007   2.713   1.00 35.95 ? 120 PRO A N   1 
ATOM   869  C  CA  . PRO A 1 120 ? -2.053  3.592   2.073   1.00 35.54 ? 120 PRO A CA  1 
ATOM   870  C  C   . PRO A 1 120 ? -2.506  4.777   1.227   1.00 35.48 ? 120 PRO A C   1 
ATOM   871  O  O   . PRO A 1 120 ? -3.663  5.170   1.311   1.00 35.30 ? 120 PRO A O   1 
ATOM   872  C  CB  . PRO A 1 120 ? -1.535  2.453   1.198   1.00 35.18 ? 120 PRO A CB  1 
ATOM   873  C  CG  . PRO A 1 120 ? -2.754  1.560   0.933   1.00 35.76 ? 120 PRO A CG  1 
ATOM   874  C  CD  . PRO A 1 120 ? -3.875  2.013   1.839   1.00 36.33 ? 120 PRO A CD  1 
ATOM   875  N  N   . ASN A 1 121 ? -1.616  5.355   0.427   1.00 36.13 ? 121 ASN A N   1 
ATOM   876  C  CA  . ASN A 1 121 ? -2.047  6.443   -0.460  1.00 36.35 ? 121 ASN A CA  1 
ATOM   877  C  C   . ASN A 1 121 ? -1.302  6.392   -1.791  1.00 36.19 ? 121 ASN A C   1 
ATOM   878  O  O   . ASN A 1 121 ? -0.339  5.670   -1.909  1.00 35.83 ? 121 ASN A O   1 
ATOM   879  C  CB  . ASN A 1 121 ? -1.897  7.797   0.227   1.00 36.07 ? 121 ASN A CB  1 
ATOM   880  C  CG  . ASN A 1 121 ? -0.438  8.165   0.512   1.00 35.57 ? 121 ASN A CG  1 
ATOM   881  O  OD1 . ASN A 1 121 ? 0.458   7.319   0.482   1.00 37.43 ? 121 ASN A OD1 1 
ATOM   882  N  ND2 . ASN A 1 121 ? -0.199  9.449   0.793   1.00 35.38 ? 121 ASN A ND2 1 
ATOM   883  N  N   . THR A 1 122 ? -1.760  7.160   -2.779  1.00 36.38 ? 122 THR A N   1 
ATOM   884  C  CA  . THR A 1 122 ? -1.193  7.104   -4.127  1.00 37.20 ? 122 THR A CA  1 
ATOM   885  C  C   . THR A 1 122 ? 0.322   7.216   -4.220  1.00 36.40 ? 122 THR A C   1 
ATOM   886  O  O   . THR A 1 122 ? 0.934   6.428   -4.956  1.00 36.82 ? 122 THR A O   1 
ATOM   887  C  CB  . THR A 1 122 ? -1.859  8.132   -5.087  1.00 37.76 ? 122 THR A CB  1 
ATOM   888  O  OG1 . THR A 1 122 ? -3.271  8.037   -4.952  1.00 39.88 ? 122 THR A OG1 1 
ATOM   889  C  CG2 . THR A 1 122 ? -1.500  7.835   -6.541  1.00 39.00 ? 122 THR A CG2 1 
ATOM   890  N  N   . PRO A 1 123 ? 0.949   8.187   -3.507  1.00 35.92 ? 123 PRO A N   1 
ATOM   891  C  CA  . PRO A 1 123 ? 2.398   8.300   -3.662  1.00 34.74 ? 123 PRO A CA  1 
ATOM   892  C  C   . PRO A 1 123 ? 3.200   7.050   -3.271  1.00 34.56 ? 123 PRO A C   1 
ATOM   893  O  O   . PRO A 1 123 ? 4.405   7.005   -3.512  1.00 32.35 ? 123 PRO A O   1 
ATOM   894  C  CB  . PRO A 1 123 ? 2.761   9.503   -2.775  1.00 34.61 ? 123 PRO A CB  1 
ATOM   895  C  CG  . PRO A 1 123 ? 1.524   10.331  -2.759  1.00 35.31 ? 123 PRO A CG  1 
ATOM   896  C  CD  . PRO A 1 123 ? 0.428   9.274   -2.645  1.00 35.83 ? 123 PRO A CD  1 
ATOM   897  N  N   . ALA A 1 124 ? 2.548   6.026   -2.714  1.00 34.82 ? 124 ALA A N   1 
ATOM   898  C  CA  . ALA A 1 124 ? 3.227   4.722   -2.585  1.00 35.48 ? 124 ALA A CA  1 
ATOM   899  C  C   . ALA A 1 124 ? 3.808   4.291   -3.933  1.00 35.90 ? 124 ALA A C   1 
ATOM   900  O  O   . ALA A 1 124 ? 4.856   3.644   -3.985  1.00 35.41 ? 124 ALA A O   1 
ATOM   901  C  CB  . ALA A 1 124 ? 2.274   3.652   -2.055  1.00 35.83 ? 124 ALA A CB  1 
ATOM   902  N  N   . LEU A 1 125 ? 3.119   4.683   -5.005  1.00 37.48 ? 125 LEU A N   1 
ATOM   903  C  CA  . LEU A 1 125 ? 3.516   4.395   -6.396  1.00 38.95 ? 125 LEU A CA  1 
ATOM   904  C  C   . LEU A 1 125 ? 4.903   4.933   -6.731  1.00 39.60 ? 125 LEU A C   1 
ATOM   905  O  O   . LEU A 1 125 ? 5.596   4.386   -7.593  1.00 40.19 ? 125 LEU A O   1 
ATOM   906  C  CB  . LEU A 1 125 ? 2.477   4.974   -7.368  1.00 39.26 ? 125 LEU A CB  1 
ATOM   907  C  CG  . LEU A 1 125 ? 1.157   4.248   -7.697  1.00 40.28 ? 125 LEU A CG  1 
ATOM   908  C  CD1 . LEU A 1 125 ? 0.356   3.797   -6.473  1.00 41.55 ? 125 LEU A CD1 1 
ATOM   909  C  CD2 . LEU A 1 125 ? 0.261   5.125   -8.586  1.00 39.99 ? 125 LEU A CD2 1 
ATOM   910  N  N   . VAL A 1 126 ? 5.333   5.989   -6.035  1.00 39.15 ? 126 VAL A N   1 
ATOM   911  C  CA  . VAL A 1 126 ? 6.695   6.507   -6.228  1.00 38.76 ? 126 VAL A CA  1 
ATOM   912  C  C   . VAL A 1 126 ? 7.617   6.306   -5.036  1.00 38.64 ? 126 VAL A C   1 
ATOM   913  O  O   . VAL A 1 126 ? 8.666   6.946   -4.923  1.00 38.18 ? 126 VAL A O   1 
ATOM   914  C  CB  . VAL A 1 126 ? 6.687   7.995   -6.717  1.00 38.89 ? 126 VAL A CB  1 
ATOM   915  C  CG1 . VAL A 1 126 ? 6.061   8.082   -8.097  1.00 37.58 ? 126 VAL A CG1 1 
ATOM   916  C  CG2 . VAL A 1 126 ? 5.942   8.894   -5.734  1.00 37.82 ? 126 VAL A CG2 1 
ATOM   917  N  N   . GLY A 1 127 ? 7.253   5.408   -4.123  1.00 38.20 ? 127 GLY A N   1 
ATOM   918  C  CA  . GLY A 1 127 ? 8.175   5.122   -3.019  1.00 36.77 ? 127 GLY A CA  1 
ATOM   919  C  C   . GLY A 1 127 ? 8.082   6.094   -1.858  1.00 36.72 ? 127 GLY A C   1 
ATOM   920  O  O   . GLY A 1 127 ? 8.933   6.099   -0.969  1.00 36.37 ? 127 GLY A O   1 
ATOM   921  N  N   . GLU A 1 128 ? 7.057   6.938   -1.870  1.00 37.20 ? 128 GLU A N   1 
ATOM   922  C  CA  . GLU A 1 128 ? 6.897   7.964   -0.839  1.00 36.63 ? 128 GLU A CA  1 
ATOM   923  C  C   . GLU A 1 128 ? 5.478   7.982   -0.295  1.00 35.97 ? 128 GLU A C   1 
ATOM   924  O  O   . GLU A 1 128 ? 4.888   9.042   -0.098  1.00 35.67 ? 128 GLU A O   1 
ATOM   925  C  CB  . GLU A 1 128 ? 7.320   9.351   -1.345  1.00 36.30 ? 128 GLU A CB  1 
ATOM   926  C  CG  . GLU A 1 128 ? 8.837   9.538   -1.471  1.00 38.58 ? 128 GLU A CG  1 
ATOM   927  C  CD  . GLU A 1 128 ? 9.609   9.298   -0.180  1.00 42.91 ? 128 GLU A CD  1 
ATOM   928  O  OE1 . GLU A 1 128 ? 10.853  9.319   -0.242  1.00 41.60 ? 128 GLU A OE1 1 
ATOM   929  O  OE2 . GLU A 1 128 ? 8.996   9.094   0.904   1.00 43.67 ? 128 GLU A OE2 1 
ATOM   930  N  N   . GLY A 1 129 ? 4.951   6.793   -0.019  1.00 34.63 ? 129 GLY A N   1 
ATOM   931  C  CA  . GLY A 1 129 ? 3.624   6.657   0.569   1.00 33.49 ? 129 GLY A CA  1 
ATOM   932  C  C   . GLY A 1 129 ? 3.560   7.072   2.041   1.00 32.73 ? 129 GLY A C   1 
ATOM   933  O  O   . GLY A 1 129 ? 4.576   7.231   2.704   1.00 32.18 ? 129 GLY A O   1 
HETATM 934  N  N   . MSE A 1 130 ? 2.344   7.269   2.526   1.00 33.35 ? 130 MSE A N   1 
HETATM 935  C  CA  . MSE A 1 130 ? 2.052   7.407   3.959   1.00 33.61 ? 130 MSE A CA  1 
HETATM 936  C  C   . MSE A 1 130 ? 0.987   6.354   4.253   1.00 33.35 ? 130 MSE A C   1 
HETATM 937  O  O   . MSE A 1 130 ? -0.103  6.408   3.692   1.00 33.99 ? 130 MSE A O   1 
HETATM 938  C  CB  . MSE A 1 130 ? 1.548   8.822   4.270   1.00 34.34 ? 130 MSE A CB  1 
HETATM 939  C  CG  . MSE A 1 130 ? 1.264   9.122   5.729   1.00 35.71 ? 130 MSE A CG  1 
HETATM 940  SE SE  . MSE A 1 130 ? 2.795   8.982   6.948   1.00 47.80 ? 130 MSE A SE  1 
HETATM 941  C  CE  . MSE A 1 130 ? 2.298   7.370   7.896   1.00 35.72 ? 130 MSE A CE  1 
ATOM   942  N  N   . SER A 1 131 ? 1.315   5.375   5.095   1.00 32.51 ? 131 SER A N   1 
ATOM   943  C  CA  . SER A 1 131 ? 0.418   4.255   5.362   1.00 32.82 ? 131 SER A CA  1 
ATOM   944  C  C   . SER A 1 131 ? 0.041   4.240   6.824   1.00 32.44 ? 131 SER A C   1 
ATOM   945  O  O   . SER A 1 131 ? 0.913   4.260   7.705   1.00 32.92 ? 131 SER A O   1 
ATOM   946  C  CB  . SER A 1 131 ? 1.077   2.909   4.986   1.00 33.22 ? 131 SER A CB  1 
ATOM   947  O  OG  . SER A 1 131 ? 1.424   2.870   3.603   1.00 33.30 ? 131 SER A OG  1 
ATOM   948  N  N   . ALA A 1 132 ? -1.263  4.226   7.079   1.00 31.82 ? 132 ALA A N   1 
ATOM   949  C  CA  . ALA A 1 132 ? -1.776  4.061   8.426   1.00 30.83 ? 132 ALA A CA  1 
ATOM   950  C  C   . ALA A 1 132 ? -2.160  2.588   8.632   1.00 31.14 ? 132 ALA A C   1 
ATOM   951  O  O   . ALA A 1 132 ? -2.834  1.991   7.786   1.00 30.32 ? 132 ALA A O   1 
ATOM   952  C  CB  . ALA A 1 132 ? -2.963  4.961   8.637   1.00 29.91 ? 132 ALA A CB  1 
ATOM   953  N  N   . LEU A 1 133 ? -1.735  2.010   9.755   1.00 31.06 ? 133 LEU A N   1 
ATOM   954  C  CA  . LEU A 1 133 ? -2.029  0.598   10.038  1.00 31.97 ? 133 LEU A CA  1 
ATOM   955  C  C   . LEU A 1 133 ? -2.770  0.425   11.343  1.00 31.78 ? 133 LEU A C   1 
ATOM   956  O  O   . LEU A 1 133 ? -2.465  1.089   12.323  1.00 32.21 ? 133 LEU A O   1 
ATOM   957  C  CB  . LEU A 1 133 ? -0.746  -0.232  10.087  1.00 32.07 ? 133 LEU A CB  1 
ATOM   958  C  CG  . LEU A 1 133 ? 0.079   -0.364  8.802   1.00 33.31 ? 133 LEU A CG  1 
ATOM   959  C  CD1 . LEU A 1 133 ? 1.031   0.793   8.647   1.00 34.16 ? 133 LEU A CD1 1 
ATOM   960  C  CD2 . LEU A 1 133 ? 0.861   -1.642  8.884   1.00 34.32 ? 133 LEU A CD2 1 
ATOM   961  N  N   . CYS A 1 134 ? -3.747  -0.474  11.352  1.00 32.84 ? 134 CYS A N   1 
ATOM   962  C  CA  . CYS A 1 134 ? -4.421  -0.823  12.586  1.00 32.17 ? 134 CYS A CA  1 
ATOM   963  C  C   . CYS A 1 134 ? -4.556  -2.339  12.715  1.00 31.40 ? 134 CYS A C   1 
ATOM   964  O  O   . CYS A 1 134 ? -5.286  -2.947  11.942  1.00 30.15 ? 134 CYS A O   1 
ATOM   965  C  CB  . CYS A 1 134 ? -5.794  -0.170  12.654  1.00 32.08 ? 134 CYS A CB  1 
ATOM   966  S  SG  . CYS A 1 134 ? -6.541  -0.392  14.267  1.00 37.10 ? 134 CYS A SG  1 
ATOM   967  N  N   . PRO A 1 135 ? -3.859  -2.945  13.701  1.00 31.53 ? 135 PRO A N   1 
ATOM   968  C  CA  . PRO A 1 135 ? -3.923  -4.404  13.869  1.00 31.56 ? 135 PRO A CA  1 
ATOM   969  C  C   . PRO A 1 135 ? -5.064  -4.816  14.782  1.00 31.74 ? 135 PRO A C   1 
ATOM   970  O  O   . PRO A 1 135 ? -5.473  -4.029  15.643  1.00 31.93 ? 135 PRO A O   1 
ATOM   971  C  CB  . PRO A 1 135 ? -2.595  -4.727  14.546  1.00 31.00 ? 135 PRO A CB  1 
ATOM   972  C  CG  . PRO A 1 135 ? -2.280  -3.502  15.365  1.00 32.05 ? 135 PRO A CG  1 
ATOM   973  C  CD  . PRO A 1 135 ? -2.971  -2.320  14.702  1.00 31.79 ? 135 PRO A CD  1 
ATOM   974  N  N   . ASN A 1 136 ? -5.565  -6.037  14.612  1.00 32.52 ? 136 ASN A N   1 
ATOM   975  C  CA  . ASN A 1 136 ? -6.463  -6.618  15.607  1.00 32.92 ? 136 ASN A CA  1 
ATOM   976  C  C   . ASN A 1 136 ? -5.682  -7.343  16.717  1.00 33.73 ? 136 ASN A C   1 
ATOM   977  O  O   . ASN A 1 136 ? -4.457  -7.401  16.682  1.00 33.71 ? 136 ASN A O   1 
ATOM   978  C  CB  . ASN A 1 136 ? -7.545  -7.487  14.949  1.00 32.66 ? 136 ASN A CB  1 
ATOM   979  C  CG  . ASN A 1 136 ? -7.052  -8.860  14.539  1.00 31.84 ? 136 ASN A CG  1 
ATOM   980  O  OD1 . ASN A 1 136 ? -5.855  -9.141  14.543  1.00 32.39 ? 136 ASN A OD1 1 
ATOM   981  N  ND2 . ASN A 1 136 ? -7.985  -9.726  14.175  1.00 31.33 ? 136 ASN A ND2 1 
ATOM   982  N  N   . GLU A 1 137 ? -6.394  -7.895  17.696  1.00 34.64 ? 137 GLU A N   1 
ATOM   983  C  CA  . GLU A 1 137 ? -5.760  -8.458  18.888  1.00 35.71 ? 137 GLU A CA  1 
ATOM   984  C  C   . GLU A 1 137 ? -5.055  -9.801  18.649  1.00 35.86 ? 137 GLU A C   1 
ATOM   985  O  O   . GLU A 1 137 ? -4.360  -10.304 19.534  1.00 36.27 ? 137 GLU A O   1 
ATOM   986  C  CB  . GLU A 1 137 ? -6.790  -8.596  20.020  1.00 36.16 ? 137 GLU A CB  1 
ATOM   987  C  CG  . GLU A 1 137 ? -7.787  -9.732  19.818  1.00 38.10 ? 137 GLU A CG  1 
ATOM   988  C  CD  . GLU A 1 137 ? -8.824  -9.456  18.731  1.00 40.90 ? 137 GLU A CD  1 
ATOM   989  O  OE1 . GLU A 1 137 ? -9.039  -8.272  18.366  1.00 41.18 ? 137 GLU A OE1 1 
ATOM   990  O  OE2 . GLU A 1 137 ? -9.427  -10.441 18.249  1.00 42.37 ? 137 GLU A OE2 1 
HETATM 991  N  N   . MSE A 1 138 ? -5.241  -10.377 17.464  1.00 35.64 ? 138 MSE A N   1 
HETATM 992  C  CA  . MSE A 1 138 ? -4.646  -11.671 17.134  1.00 35.91 ? 138 MSE A CA  1 
HETATM 993  C  C   . MSE A 1 138 ? -3.233  -11.507 16.602  1.00 34.84 ? 138 MSE A C   1 
HETATM 994  O  O   . MSE A 1 138 ? -2.424  -12.435 16.666  1.00 34.10 ? 138 MSE A O   1 
HETATM 995  C  CB  . MSE A 1 138 ? -5.512  -12.417 16.121  1.00 36.89 ? 138 MSE A CB  1 
HETATM 996  C  CG  . MSE A 1 138 ? -6.913  -12.732 16.615  1.00 40.85 ? 138 MSE A CG  1 
HETATM 997  SE SE  . MSE A 1 138 ? -6.891  -13.947 18.143  1.00 54.28 ? 138 MSE A SE  1 
HETATM 998  C  CE  . MSE A 1 138 ? -5.953  -15.435 17.302  1.00 48.04 ? 138 MSE A CE  1 
ATOM   999  N  N   . VAL A 1 139 ? -2.946  -10.317 16.070  1.00 33.85 ? 139 VAL A N   1 
ATOM   1000 C  CA  . VAL A 1 139 ? -1.654  -10.000 15.488  1.00 33.38 ? 139 VAL A CA  1 
ATOM   1001 C  C   . VAL A 1 139 ? -0.604  -9.882  16.593  1.00 33.31 ? 139 VAL A C   1 
ATOM   1002 O  O   . VAL A 1 139 ? -0.815  -9.182  17.569  1.00 33.19 ? 139 VAL A O   1 
ATOM   1003 C  CB  . VAL A 1 139 ? -1.737  -8.677  14.641  1.00 33.34 ? 139 VAL A CB  1 
ATOM   1004 C  CG1 . VAL A 1 139 ? -0.363  -8.190  14.222  1.00 33.06 ? 139 VAL A CG1 1 
ATOM   1005 C  CG2 . VAL A 1 139 ? -2.633  -8.882  13.425  1.00 32.13 ? 139 VAL A CG2 1 
ATOM   1006 N  N   . THR A 1 140 ? 0.518   -10.585 16.454  1.00 33.11 ? 140 THR A N   1 
ATOM   1007 C  CA  . THR A 1 140 ? 1.588   -10.492 17.454  1.00 33.01 ? 140 THR A CA  1 
ATOM   1008 C  C   . THR A 1 140 ? 2.498   -9.297  17.141  1.00 32.96 ? 140 THR A C   1 
ATOM   1009 O  O   . THR A 1 140 ? 2.353   -8.659  16.105  1.00 33.13 ? 140 THR A O   1 
ATOM   1010 C  CB  . THR A 1 140 ? 2.441   -11.791 17.556  1.00 32.74 ? 140 THR A CB  1 
ATOM   1011 O  OG1 . THR A 1 140 ? 3.272   -11.920 16.398  1.00 31.76 ? 140 THR A OG1 1 
ATOM   1012 C  CG2 . THR A 1 140 ? 1.562   -13.023 17.707  1.00 32.75 ? 140 THR A CG2 1 
ATOM   1013 N  N   . GLU A 1 141 ? 3.413   -8.997  18.054  1.00 33.15 ? 141 GLU A N   1 
ATOM   1014 C  CA  . GLU A 1 141 ? 4.409   -7.945  17.873  1.00 33.88 ? 141 GLU A CA  1 
ATOM   1015 C  C   . GLU A 1 141 ? 5.280   -8.221  16.651  1.00 33.18 ? 141 GLU A C   1 
ATOM   1016 O  O   . GLU A 1 141 ? 5.561   -7.322  15.853  1.00 32.72 ? 141 GLU A O   1 
ATOM   1017 C  CB  . GLU A 1 141 ? 5.277   -7.862  19.128  1.00 34.74 ? 141 GLU A CB  1 
ATOM   1018 C  CG  . GLU A 1 141 ? 6.027   -6.551  19.298  1.00 39.75 ? 141 GLU A CG  1 
ATOM   1019 C  CD  . GLU A 1 141 ? 7.141   -6.687  20.318  1.00 45.99 ? 141 GLU A CD  1 
ATOM   1020 O  OE1 . GLU A 1 141 ? 6.880   -6.478  21.524  1.00 47.78 ? 141 GLU A OE1 1 
ATOM   1021 O  OE2 . GLU A 1 141 ? 8.267   -7.050  19.915  1.00 49.37 ? 141 GLU A OE2 1 
ATOM   1022 N  N   . LYS A 1 142 ? 5.701   -9.475  16.498  1.00 32.64 ? 142 LYS A N   1 
ATOM   1023 C  CA  . LYS A 1 142 ? 6.516   -9.848  15.356  1.00 32.45 ? 142 LYS A CA  1 
ATOM   1024 C  C   . LYS A 1 142 ? 5.694   -9.803  14.071  1.00 32.08 ? 142 LYS A C   1 
ATOM   1025 O  O   . LYS A 1 142 ? 6.195   -9.339  13.052  1.00 31.82 ? 142 LYS A O   1 
ATOM   1026 C  CB  . LYS A 1 142 ? 7.192   -11.218 15.570  1.00 32.63 ? 142 LYS A CB  1 
ATOM   1027 C  CG  . LYS A 1 142 ? 7.980   -11.753 14.353  1.00 35.30 ? 142 LYS A CG  1 
ATOM   1028 C  CD  . LYS A 1 142 ? 9.213   -10.904 14.020  1.00 38.68 ? 142 LYS A CD  1 
ATOM   1029 C  CE  . LYS A 1 142 ? 9.968   -11.526 12.860  1.00 42.77 ? 142 LYS A CE  1 
ATOM   1030 N  NZ  . LYS A 1 142 ? 11.283  -10.882 12.648  1.00 46.26 ? 142 LYS A NZ  1 
ATOM   1031 N  N   . ASP A 1 143 ? 4.443   -10.276 14.113  1.00 32.06 ? 143 ASP A N   1 
ATOM   1032 C  CA  . ASP A 1 143 ? 3.536   -10.187 12.952  1.00 31.90 ? 143 ASP A CA  1 
ATOM   1033 C  C   . ASP A 1 143 ? 3.457   -8.741  12.486  1.00 31.80 ? 143 ASP A C   1 
ATOM   1034 O  O   . ASP A 1 143 ? 3.579   -8.465  11.304  1.00 31.85 ? 143 ASP A O   1 
ATOM   1035 C  CB  . ASP A 1 143 ? 2.106   -10.606 13.300  1.00 31.73 ? 143 ASP A CB  1 
ATOM   1036 C  CG  . ASP A 1 143 ? 1.977   -12.056 13.682  1.00 33.89 ? 143 ASP A CG  1 
ATOM   1037 O  OD1 . ASP A 1 143 ? 2.741   -12.902 13.174  1.00 35.35 ? 143 ASP A OD1 1 
ATOM   1038 O  OD2 . ASP A 1 143 ? 1.066   -12.339 14.490  1.00 35.66 ? 143 ASP A OD2 1 
ATOM   1039 N  N   . LEU A 1 144 ? 3.224   -7.821  13.424  1.00 32.19 ? 144 LEU A N   1 
ATOM   1040 C  CA  . LEU A 1 144 ? 3.082   -6.392  13.087  1.00 33.03 ? 144 LEU A CA  1 
ATOM   1041 C  C   . LEU A 1 144 ? 4.366   -5.824  12.504  1.00 33.50 ? 144 LEU A C   1 
ATOM   1042 O  O   . LEU A 1 144 ? 4.326   -5.092  11.520  1.00 34.35 ? 144 LEU A O   1 
ATOM   1043 C  CB  . LEU A 1 144 ? 2.644   -5.572  14.305  1.00 33.00 ? 144 LEU A CB  1 
ATOM   1044 C  CG  . LEU A 1 144 ? 2.379   -4.076  14.077  1.00 33.17 ? 144 LEU A CG  1 
ATOM   1045 C  CD1 . LEU A 1 144 ? 1.392   -3.874  12.934  1.00 33.56 ? 144 LEU A CD1 1 
ATOM   1046 C  CD2 . LEU A 1 144 ? 1.872   -3.444  15.374  1.00 33.51 ? 144 LEU A CD2 1 
ATOM   1047 N  N   . GLU A 1 145 ? 5.502   -6.188  13.092  1.00 34.22 ? 145 GLU A N   1 
ATOM   1048 C  CA  . GLU A 1 145 ? 6.806   -5.803  12.564  1.00 36.10 ? 145 GLU A CA  1 
ATOM   1049 C  C   . GLU A 1 145 ? 6.980   -6.196  11.099  1.00 35.50 ? 145 GLU A C   1 
ATOM   1050 O  O   . GLU A 1 145 ? 7.478   -5.392  10.305  1.00 35.33 ? 145 GLU A O   1 
ATOM   1051 C  CB  . GLU A 1 145 ? 7.912   -6.402  13.422  1.00 36.47 ? 145 GLU A CB  1 
ATOM   1052 C  CG  . GLU A 1 145 ? 9.346   -6.149  12.967  1.00 38.74 ? 145 GLU A CG  1 
ATOM   1053 C  CD  . GLU A 1 145 ? 10.316  -7.124  13.652  1.00 40.04 ? 145 GLU A CD  1 
ATOM   1054 O  OE1 . GLU A 1 145 ? 10.392  -7.116  14.906  1.00 45.59 ? 145 GLU A OE1 1 
ATOM   1055 O  OE2 . GLU A 1 145 ? 10.983  -7.912  12.945  1.00 44.48 ? 145 GLU A OE2 1 
ATOM   1056 N  N   . ASP A 1 146 ? 6.577   -7.425  10.742  1.00 35.18 ? 146 ASP A N   1 
ATOM   1057 C  CA  . ASP A 1 146 ? 6.656   -7.882  9.347   1.00 35.01 ? 146 ASP A CA  1 
ATOM   1058 C  C   . ASP A 1 146 ? 5.817   -7.028  8.387   1.00 34.33 ? 146 ASP A C   1 
ATOM   1059 O  O   . ASP A 1 146 ? 6.276   -6.684  7.289   1.00 34.67 ? 146 ASP A O   1 
ATOM   1060 C  CB  . ASP A 1 146 ? 6.240   -9.351  9.236   1.00 35.96 ? 146 ASP A CB  1 
ATOM   1061 C  CG  . ASP A 1 146 ? 7.250   -10.297 9.870   1.00 38.38 ? 146 ASP A CG  1 
ATOM   1062 O  OD1 . ASP A 1 146 ? 8.423   -9.896  10.045  1.00 41.61 ? 146 ASP A OD1 1 
ATOM   1063 O  OD2 . ASP A 1 146 ? 6.868   -11.446 10.187  1.00 42.11 ? 146 ASP A OD2 1 
ATOM   1064 N  N   . VAL A 1 147 ? 4.592   -6.692  8.800   1.00 33.43 ? 147 VAL A N   1 
ATOM   1065 C  CA  . VAL A 1 147 ? 3.704   -5.846  7.990   1.00 32.45 ? 147 VAL A CA  1 
ATOM   1066 C  C   . VAL A 1 147 ? 4.291   -4.428  7.875   1.00 32.53 ? 147 VAL A C   1 
ATOM   1067 O  O   . VAL A 1 147 ? 4.283   -3.841  6.799   1.00 32.73 ? 147 VAL A O   1 
ATOM   1068 C  CB  . VAL A 1 147 ? 2.247   -5.855  8.537   1.00 32.75 ? 147 VAL A CB  1 
ATOM   1069 C  CG1 . VAL A 1 147 ? 1.337   -4.926  7.735   1.00 32.58 ? 147 VAL A CG1 1 
ATOM   1070 C  CG2 . VAL A 1 147 ? 1.663   -7.299  8.510   1.00 30.44 ? 147 VAL A CG2 1 
ATOM   1071 N  N   . LEU A 1 148 ? 4.816   -3.896  8.977   1.00 32.75 ? 148 LEU A N   1 
ATOM   1072 C  CA  . LEU A 1 148 ? 5.479   -2.581  8.964   1.00 32.95 ? 148 LEU A CA  1 
ATOM   1073 C  C   . LEU A 1 148 ? 6.666   -2.533  8.029   1.00 33.34 ? 148 LEU A C   1 
ATOM   1074 O  O   . LEU A 1 148 ? 6.825   -1.552  7.323   1.00 34.05 ? 148 LEU A O   1 
ATOM   1075 C  CB  . LEU A 1 148 ? 5.911   -2.151  10.376  1.00 32.52 ? 148 LEU A CB  1 
ATOM   1076 C  CG  . LEU A 1 148 ? 4.794   -1.704  11.329  1.00 32.19 ? 148 LEU A CG  1 
ATOM   1077 C  CD1 . LEU A 1 148 ? 5.338   -1.548  12.752  1.00 31.95 ? 148 LEU A CD1 1 
ATOM   1078 C  CD2 . LEU A 1 148 ? 4.142   -0.384  10.867  1.00 30.57 ? 148 LEU A CD2 1 
ATOM   1079 N  N   . ASN A 1 149 ? 7.487   -3.586  8.030   1.00 34.01 ? 149 ASN A N   1 
ATOM   1080 C  CA  . ASN A 1 149 ? 8.640   -3.721  7.133   1.00 34.97 ? 149 ASN A CA  1 
ATOM   1081 C  C   . ASN A 1 149 ? 8.217   -3.656  5.669   1.00 34.88 ? 149 ASN A C   1 
ATOM   1082 O  O   . ASN A 1 149 ? 8.899   -3.042  4.841   1.00 34.90 ? 149 ASN A O   1 
ATOM   1083 C  CB  . ASN A 1 149 ? 9.366   -5.060  7.357   1.00 35.76 ? 149 ASN A CB  1 
ATOM   1084 C  CG  . ASN A 1 149 ? 10.196  -5.090  8.615   1.00 38.64 ? 149 ASN A CG  1 
ATOM   1085 O  OD1 . ASN A 1 149 ? 10.567  -4.057  9.164   1.00 44.81 ? 149 ASN A OD1 1 
ATOM   1086 N  ND2 . ASN A 1 149 ? 10.500  -6.299  9.085   1.00 43.40 ? 149 ASN A ND2 1 
ATOM   1087 N  N   . ILE A 1 150 ? 7.099   -4.302  5.354   1.00 33.46 ? 150 ILE A N   1 
ATOM   1088 C  CA  . ILE A 1 150 ? 6.536   -4.221  4.018   1.00 33.46 ? 150 ILE A CA  1 
ATOM   1089 C  C   . ILE A 1 150 ? 6.141   -2.774  3.679   1.00 32.89 ? 150 ILE A C   1 
ATOM   1090 O  O   . ILE A 1 150 ? 6.575   -2.241  2.647   1.00 33.52 ? 150 ILE A O   1 
ATOM   1091 C  CB  . ILE A 1 150 ? 5.309   -5.150  3.837   1.00 33.22 ? 150 ILE A CB  1 
ATOM   1092 C  CG1 . ILE A 1 150 ? 5.747   -6.619  3.852   1.00 34.59 ? 150 ILE A CG1 1 
ATOM   1093 C  CG2 . ILE A 1 150 ? 4.609   -4.825  2.515   1.00 34.08 ? 150 ILE A CG2 1 
ATOM   1094 C  CD1 . ILE A 1 150 ? 4.578   -7.631  4.029   1.00 34.49 ? 150 ILE A CD1 1 
ATOM   1095 N  N   . PHE A 1 151 ? 5.344   -2.133  4.533   1.00 32.03 ? 151 PHE A N   1 
ATOM   1096 C  CA  . PHE A 1 151 ? 4.860   -0.784  4.202   1.00 32.42 ? 151 PHE A CA  1 
ATOM   1097 C  C   . PHE A 1 151 ? 5.945   0.288   4.308   1.00 32.51 ? 151 PHE A C   1 
ATOM   1098 O  O   . PHE A 1 151 ? 5.881   1.324   3.629   1.00 33.29 ? 151 PHE A O   1 
ATOM   1099 C  CB  . PHE A 1 151 ? 3.576   -0.459  4.984   1.00 32.30 ? 151 PHE A CB  1 
ATOM   1100 C  CG  . PHE A 1 151 ? 2.374   -1.183  4.439   1.00 32.19 ? 151 PHE A CG  1 
ATOM   1101 C  CD1 . PHE A 1 151 ? 1.549   -0.572  3.493   1.00 32.58 ? 151 PHE A CD1 1 
ATOM   1102 C  CD2 . PHE A 1 151 ? 2.125   -2.508  4.788   1.00 31.14 ? 151 PHE A CD2 1 
ATOM   1103 C  CE1 . PHE A 1 151 ? 0.467   -1.271  2.935   1.00 32.23 ? 151 PHE A CE1 1 
ATOM   1104 C  CE2 . PHE A 1 151 ? 1.042   -3.203  4.247   1.00 31.62 ? 151 PHE A CE2 1 
ATOM   1105 C  CZ  . PHE A 1 151 ? 0.218   -2.585  3.323   1.00 32.29 ? 151 PHE A CZ  1 
ATOM   1106 N  N   . ASN A 1 152 ? 6.957   0.019   5.129   1.00 32.47 ? 152 ASN A N   1 
ATOM   1107 C  CA  . ASN A 1 152 ? 8.130   0.880   5.197   1.00 33.55 ? 152 ASN A CA  1 
ATOM   1108 C  C   . ASN A 1 152 ? 8.954   0.884   3.908   1.00 33.82 ? 152 ASN A C   1 
ATOM   1109 O  O   . ASN A 1 152 ? 9.762   1.788   3.696   1.00 33.91 ? 152 ASN A O   1 
ATOM   1110 C  CB  . ASN A 1 152 ? 9.012   0.540   6.407   1.00 34.09 ? 152 ASN A CB  1 
ATOM   1111 C  CG  . ASN A 1 152 ? 8.481   1.122   7.712   1.00 35.76 ? 152 ASN A CG  1 
ATOM   1112 O  OD1 . ASN A 1 152 ? 7.713   2.075   7.710   1.00 37.72 ? 152 ASN A OD1 1 
ATOM   1113 N  ND2 . ASN A 1 152 ? 8.911   0.550   8.837   1.00 36.41 ? 152 ASN A ND2 1 
ATOM   1114 N  N   . SER A 1 153 ? 8.755   -0.119  3.046   1.00 33.50 ? 153 SER A N   1 
ATOM   1115 C  CA  . SER A 1 153 ? 9.587   -0.261  1.862   1.00 33.27 ? 153 SER A CA  1 
ATOM   1116 C  C   . SER A 1 153 ? 9.185   0.695   0.721   1.00 33.95 ? 153 SER A C   1 
ATOM   1117 O  O   . SER A 1 153 ? 9.906   0.817   -0.260  1.00 34.08 ? 153 SER A O   1 
ATOM   1118 C  CB  . SER A 1 153 ? 9.600   -1.734  1.377   1.00 33.40 ? 153 SER A CB  1 
ATOM   1119 O  OG  . SER A 1 153 ? 8.403   -2.054  0.678   1.00 31.96 ? 153 SER A OG  1 
ATOM   1120 N  N   . PHE A 1 154 ? 8.027   1.342   0.832   1.00 33.26 ? 154 PHE A N   1 
ATOM   1121 C  CA  . PHE A 1 154 ? 7.585   2.312   -0.174  1.00 33.37 ? 154 PHE A CA  1 
ATOM   1122 C  C   . PHE A 1 154 ? 7.005   3.598   0.428   1.00 32.87 ? 154 PHE A C   1 
ATOM   1123 O  O   . PHE A 1 154 ? 6.248   4.344   -0.230  1.00 32.69 ? 154 PHE A O   1 
ATOM   1124 C  CB  . PHE A 1 154 ? 6.581   1.683   -1.154  1.00 33.84 ? 154 PHE A CB  1 
ATOM   1125 C  CG  . PHE A 1 154 ? 5.472   0.916   -0.490  1.00 34.90 ? 154 PHE A CG  1 
ATOM   1126 C  CD1 . PHE A 1 154 ? 4.351   1.567   0.016   1.00 36.37 ? 154 PHE A CD1 1 
ATOM   1127 C  CD2 . PHE A 1 154 ? 5.547   -0.475  -0.386  1.00 35.95 ? 154 PHE A CD2 1 
ATOM   1128 C  CE1 . PHE A 1 154 ? 3.329   0.843   0.623   1.00 37.19 ? 154 PHE A CE1 1 
ATOM   1129 C  CE2 . PHE A 1 154 ? 4.540   -1.197  0.229   1.00 37.10 ? 154 PHE A CE2 1 
ATOM   1130 C  CZ  . PHE A 1 154 ? 3.429   -0.535  0.728   1.00 37.02 ? 154 PHE A CZ  1 
ATOM   1131 N  N   . GLY A 1 155 ? 7.361   3.866   1.674   1.00 33.06 ? 155 GLY A N   1 
ATOM   1132 C  CA  . GLY A 1 155 ? 6.794   5.030   2.368   1.00 33.01 ? 155 GLY A CA  1 
ATOM   1133 C  C   . GLY A 1 155 ? 7.055   5.020   3.847   1.00 32.74 ? 155 GLY A C   1 
ATOM   1134 O  O   . GLY A 1 155 ? 7.913   4.282   4.322   1.00 32.90 ? 155 GLY A O   1 
ATOM   1135 N  N   . GLN A 1 156 ? 6.352   5.896   4.566   1.00 32.41 ? 156 GLN A N   1 
ATOM   1136 C  CA  . GLN A 1 156 ? 6.376   5.914   6.030   1.00 32.72 ? 156 GLN A CA  1 
ATOM   1137 C  C   . GLN A 1 156 ? 5.131   5.199   6.530   1.00 32.14 ? 156 GLN A C   1 
ATOM   1138 O  O   . GLN A 1 156 ? 4.194   4.965   5.763   1.00 32.05 ? 156 GLN A O   1 
ATOM   1139 C  CB  . GLN A 1 156 ? 6.347   7.354   6.557   1.00 33.21 ? 156 GLN A CB  1 
ATOM   1140 C  CG  . GLN A 1 156 ? 7.462   8.247   6.038   1.00 35.88 ? 156 GLN A CG  1 
ATOM   1141 C  CD  . GLN A 1 156 ? 8.791   7.913   6.652   1.00 40.87 ? 156 GLN A CD  1 
ATOM   1142 O  OE1 . GLN A 1 156 ? 8.879   7.661   7.851   1.00 42.13 ? 156 GLN A OE1 1 
ATOM   1143 N  NE2 . GLN A 1 156 ? 9.847   7.929   5.839   1.00 42.40 ? 156 GLN A NE2 1 
ATOM   1144 N  N   . THR A 1 157 ? 5.101   4.915   7.831   1.00 31.83 ? 157 THR A N   1 
ATOM   1145 C  CA  . THR A 1 157 ? 4.018   4.150   8.449   1.00 31.38 ? 157 THR A CA  1 
ATOM   1146 C  C   . THR A 1 157 ? 3.704   4.732   9.807   1.00 31.56 ? 157 THR A C   1 
ATOM   1147 O  O   . THR A 1 157 ? 4.577   5.327   10.447  1.00 30.99 ? 157 THR A O   1 
ATOM   1148 C  CB  . THR A 1 157 ? 4.423   2.668   8.669   1.00 31.66 ? 157 THR A CB  1 
ATOM   1149 O  OG1 . THR A 1 157 ? 5.682   2.608   9.373   1.00 29.39 ? 157 THR A OG1 1 
ATOM   1150 C  CG2 . THR A 1 157 ? 4.549   1.954   7.346   1.00 32.55 ? 157 THR A CG2 1 
ATOM   1151 N  N   . GLU A 1 158 ? 2.458   4.550   10.237  1.00 31.63 ? 158 GLU A N   1 
ATOM   1152 C  CA  . GLU A 1 158 ? 2.023   4.921   11.575  1.00 32.79 ? 158 GLU A CA  1 
ATOM   1153 C  C   . GLU A 1 158 ? 0.927   3.981   12.009  1.00 33.00 ? 158 GLU A C   1 
ATOM   1154 O  O   . GLU A 1 158 ? 0.070   3.618   11.207  1.00 33.26 ? 158 GLU A O   1 
ATOM   1155 C  CB  . GLU A 1 158 ? 1.456   6.335   11.596  1.00 32.87 ? 158 GLU A CB  1 
ATOM   1156 C  CG  . GLU A 1 158 ? 2.485   7.415   11.763  1.00 35.41 ? 158 GLU A CG  1 
ATOM   1157 C  CD  . GLU A 1 158 ? 3.084   7.425   13.158  1.00 39.15 ? 158 GLU A CD  1 
ATOM   1158 O  OE1 . GLU A 1 158 ? 2.314   7.451   14.140  1.00 40.68 ? 158 GLU A OE1 1 
ATOM   1159 O  OE2 . GLU A 1 158 ? 4.325   7.409   13.263  1.00 39.82 ? 158 GLU A OE2 1 
ATOM   1160 N  N   . ILE A 1 159 ? 0.968   3.592   13.277  1.00 32.89 ? 159 ILE A N   1 
ATOM   1161 C  CA  . ILE A 1 159 ? -0.100  2.814   13.886  1.00 33.79 ? 159 ILE A CA  1 
ATOM   1162 C  C   . ILE A 1 159 ? -1.171  3.822   14.335  1.00 33.60 ? 159 ILE A C   1 
ATOM   1163 O  O   . ILE A 1 159 ? -0.848  4.787   15.011  1.00 33.13 ? 159 ILE A O   1 
ATOM   1164 C  CB  . ILE A 1 159 ? 0.415   2.026   15.114  1.00 34.03 ? 159 ILE A CB  1 
ATOM   1165 C  CG1 . ILE A 1 159 ? 1.586   1.099   14.720  1.00 34.88 ? 159 ILE A CG1 1 
ATOM   1166 C  CG2 . ILE A 1 159 ? -0.724  1.260   15.786  1.00 35.04 ? 159 ILE A CG2 1 
ATOM   1167 C  CD1 . ILE A 1 159 ? 1.244   0.080   13.704  1.00 38.47 ? 159 ILE A CD1 1 
ATOM   1168 N  N   . VAL A 1 160 ? -2.420  3.620   13.917  1.00 33.61 ? 160 VAL A N   1 
ATOM   1169 C  CA  . VAL A 1 160 ? -3.528  4.511   14.328  1.00 34.91 ? 160 VAL A CA  1 
ATOM   1170 C  C   . VAL A 1 160 ? -4.723  3.684   14.763  1.00 34.65 ? 160 VAL A C   1 
ATOM   1171 O  O   . VAL A 1 160 ? -4.888  2.565   14.312  1.00 35.13 ? 160 VAL A O   1 
ATOM   1172 C  CB  . VAL A 1 160 ? -4.001  5.436   13.175  1.00 34.59 ? 160 VAL A CB  1 
ATOM   1173 C  CG1 . VAL A 1 160 ? -2.859  6.284   12.662  1.00 34.68 ? 160 VAL A CG1 1 
ATOM   1174 C  CG2 . VAL A 1 160 ? -4.618  4.607   12.039  1.00 36.61 ? 160 VAL A CG2 1 
ATOM   1175 N  N   . SER A 1 161 ? -5.568  4.242   15.620  1.00 35.43 ? 161 SER A N   1 
ATOM   1176 C  CA  . SER A 1 161 ? -6.820  3.593   15.955  1.00 35.49 ? 161 SER A CA  1 
ATOM   1177 C  C   . SER A 1 161 ? -7.703  3.647   14.719  1.00 35.79 ? 161 SER A C   1 
ATOM   1178 O  O   . SER A 1 161 ? -7.556  4.552   13.891  1.00 35.47 ? 161 SER A O   1 
ATOM   1179 C  CB  . SER A 1 161 ? -7.493  4.336   17.097  1.00 35.60 ? 161 SER A CB  1 
ATOM   1180 O  OG  . SER A 1 161 ? -7.718  5.675   16.710  1.00 36.77 ? 161 SER A OG  1 
ATOM   1181 N  N   . GLU A 1 162 ? -8.615  2.685   14.598  1.00 35.83 ? 162 GLU A N   1 
ATOM   1182 C  CA  . GLU A 1 162 ? -9.598  2.641   13.510  1.00 36.57 ? 162 GLU A CA  1 
ATOM   1183 C  C   . GLU A 1 162 ? -10.485 3.894   13.408  1.00 36.91 ? 162 GLU A C   1 
ATOM   1184 O  O   . GLU A 1 162 ? -10.945 4.249   12.321  1.00 37.15 ? 162 GLU A O   1 
ATOM   1185 C  CB  . GLU A 1 162 ? -10.506 1.426   13.677  1.00 36.79 ? 162 GLU A CB  1 
ATOM   1186 C  CG  . GLU A 1 162 ? -9.981  0.170   13.028  1.00 37.36 ? 162 GLU A CG  1 
ATOM   1187 C  CD  . GLU A 1 162 ? -11.073 -0.843  12.809  1.00 38.40 ? 162 GLU A CD  1 
ATOM   1188 O  OE1 . GLU A 1 162 ? -11.582 -1.414  13.803  1.00 39.36 ? 162 GLU A OE1 1 
ATOM   1189 O  OE2 . GLU A 1 162 ? -11.425 -1.069  11.637  1.00 39.09 ? 162 GLU A OE2 1 
ATOM   1190 N  N   . LYS A 1 163 ? -10.731 4.550   14.537  1.00 37.02 ? 163 LYS A N   1 
ATOM   1191 C  CA  . LYS A 1 163 ? -11.567 5.749   14.543  1.00 37.74 ? 163 LYS A CA  1 
ATOM   1192 C  C   . LYS A 1 163 ? -10.920 6.930   13.805  1.00 38.00 ? 163 LYS A C   1 
ATOM   1193 O  O   . LYS A 1 163 ? -11.615 7.839   13.360  1.00 38.35 ? 163 LYS A O   1 
ATOM   1194 C  CB  . LYS A 1 163 ? -11.977 6.132   15.969  1.00 37.84 ? 163 LYS A CB  1 
ATOM   1195 C  CG  . LYS A 1 163 ? -10.863 6.589   16.914  1.00 38.09 ? 163 LYS A CG  1 
ATOM   1196 C  CD  . LYS A 1 163 ? -11.395 6.596   18.359  1.00 38.43 ? 163 LYS A CD  1 
ATOM   1197 C  CE  . LYS A 1 163 ? -10.758 7.695   19.206  1.00 39.86 ? 163 LYS A CE  1 
ATOM   1198 N  NZ  . LYS A 1 163 ? -11.445 7.839   20.532  1.00 40.12 ? 163 LYS A NZ  1 
ATOM   1199 N  N   . LEU A 1 164 ? -9.594  6.899   13.677  1.00 37.98 ? 164 LEU A N   1 
ATOM   1200 C  CA  . LEU A 1 164 ? -8.853  7.969   13.011  1.00 38.59 ? 164 LEU A CA  1 
ATOM   1201 C  C   . LEU A 1 164 ? -8.615  7.708   11.525  1.00 39.09 ? 164 LEU A C   1 
ATOM   1202 O  O   . LEU A 1 164 ? -8.002  8.535   10.844  1.00 38.20 ? 164 LEU A O   1 
ATOM   1203 C  CB  . LEU A 1 164 ? -7.502  8.210   13.701  1.00 38.44 ? 164 LEU A CB  1 
ATOM   1204 C  CG  . LEU A 1 164 ? -7.479  8.655   15.166  1.00 38.92 ? 164 LEU A CG  1 
ATOM   1205 C  CD1 . LEU A 1 164 ? -6.048  8.665   15.658  1.00 39.56 ? 164 LEU A CD1 1 
ATOM   1206 C  CD2 . LEU A 1 164 ? -8.126  10.020  15.362  1.00 38.95 ? 164 LEU A CD2 1 
HETATM 1207 N  N   . MSE A 1 165 ? -9.099  6.571   11.021  1.00 40.06 ? 165 MSE A N   1 
HETATM 1208 C  CA  . MSE A 1 165 ? -8.851  6.197   9.620   1.00 41.27 ? 165 MSE A CA  1 
HETATM 1209 C  C   . MSE A 1 165 ? -9.554  7.164   8.674   1.00 40.66 ? 165 MSE A C   1 
HETATM 1210 O  O   . MSE A 1 165 ? -9.052  7.446   7.578   1.00 40.19 ? 165 MSE A O   1 
HETATM 1211 C  CB  . MSE A 1 165 ? -9.275  4.752   9.339   1.00 42.04 ? 165 MSE A CB  1 
HETATM 1212 C  CG  . MSE A 1 165 ? -8.430  3.711   10.061  1.00 46.35 ? 165 MSE A CG  1 
HETATM 1213 SE SE  . MSE A 1 165 ? -6.682  3.419   9.236   1.00 59.96 ? 165 MSE A SE  1 
HETATM 1214 C  CE  . MSE A 1 165 ? -7.101  1.948   8.065   1.00 55.80 ? 165 MSE A CE  1 
ATOM   1215 N  N   . ASP A 1 166 ? -10.710 7.661   9.119   1.00 40.21 ? 166 ASP A N   1 
ATOM   1216 C  CA  . ASP A 1 166 ? -11.453 8.717   8.430   1.00 40.27 ? 166 ASP A CA  1 
ATOM   1217 C  C   . ASP A 1 166 ? -10.599 9.968   8.277   1.00 39.70 ? 166 ASP A C   1 
ATOM   1218 O  O   . ASP A 1 166 ? -10.581 10.596  7.214   1.00 39.69 ? 166 ASP A O   1 
ATOM   1219 C  CB  . ASP A 1 166 ? -12.725 9.076   9.216   1.00 40.75 ? 166 ASP A CB  1 
ATOM   1220 C  CG  . ASP A 1 166 ? -13.695 7.913   9.334   1.00 42.74 ? 166 ASP A CG  1 
ATOM   1221 O  OD1 . ASP A 1 166 ? -13.241 6.743   9.341   1.00 45.94 ? 166 ASP A OD1 1 
ATOM   1222 O  OD2 . ASP A 1 166 ? -14.918 8.177   9.438   1.00 44.55 ? 166 ASP A OD2 1 
ATOM   1223 N  N   . VAL A 1 167 ? -9.895  10.320  9.351   1.00 38.99 ? 167 VAL A N   1 
ATOM   1224 C  CA  . VAL A 1 167 ? -9.008  11.483  9.373   1.00 38.30 ? 167 VAL A CA  1 
ATOM   1225 C  C   . VAL A 1 167 ? -7.831  11.235  8.427   1.00 37.97 ? 167 VAL A C   1 
ATOM   1226 O  O   . VAL A 1 167 ? -7.384  12.145  7.717   1.00 37.33 ? 167 VAL A O   1 
ATOM   1227 C  CB  . VAL A 1 167 ? -8.498  11.772  10.809  1.00 38.28 ? 167 VAL A CB  1 
ATOM   1228 C  CG1 . VAL A 1 167 ? -7.558  12.960  10.825  1.00 38.35 ? 167 VAL A CG1 1 
ATOM   1229 C  CG2 . VAL A 1 167 ? -9.657  12.006  11.752  1.00 38.22 ? 167 VAL A CG2 1 
ATOM   1230 N  N   . VAL A 1 168 ? -7.341  9.995   8.420   1.00 37.52 ? 168 VAL A N   1 
ATOM   1231 C  CA  . VAL A 1 168 ? -6.266  9.586   7.507   1.00 37.69 ? 168 VAL A CA  1 
ATOM   1232 C  C   . VAL A 1 168 ? -6.645  9.787   6.031   1.00 38.22 ? 168 VAL A C   1 
ATOM   1233 O  O   . VAL A 1 168 ? -5.856  10.339  5.258   1.00 38.29 ? 168 VAL A O   1 
ATOM   1234 C  CB  . VAL A 1 168 ? -5.799  8.124   7.789   1.00 37.64 ? 168 VAL A CB  1 
ATOM   1235 C  CG1 . VAL A 1 168 ? -4.897  7.591   6.664   1.00 37.61 ? 168 VAL A CG1 1 
ATOM   1236 C  CG2 . VAL A 1 168 ? -5.082  8.047   9.134   1.00 36.64 ? 168 VAL A CG2 1 
ATOM   1237 N  N   . THR A 1 169 ? -7.840  9.331   5.649   1.00 38.81 ? 169 THR A N   1 
ATOM   1238 C  CA  . THR A 1 169 ? -8.374  9.519   4.292   1.00 40.05 ? 169 THR A CA  1 
ATOM   1239 C  C   . THR A 1 169 ? -8.467  11.009  3.913   1.00 40.68 ? 169 THR A C   1 
ATOM   1240 O  O   . THR A 1 169 ? -8.108  11.398  2.800   1.00 40.72 ? 169 THR A O   1 
ATOM   1241 C  CB  . THR A 1 169 ? -9.780  8.887   4.154   1.00 40.44 ? 169 THR A CB  1 
ATOM   1242 O  OG1 . THR A 1 169 ? -9.725  7.517   4.566   1.00 41.07 ? 169 THR A OG1 1 
ATOM   1243 C  CG2 . THR A 1 169 ? -10.282 8.969   2.714   1.00 40.73 ? 169 THR A CG2 1 
ATOM   1244 N  N   . SER A 1 170 ? -8.964  11.817  4.848   1.00 41.07 ? 170 SER A N   1 
ATOM   1245 C  CA  . SER A 1 170 ? -9.075  13.267  4.684   1.00 41.82 ? 170 SER A CA  1 
ATOM   1246 C  C   . SER A 1 170 ? -7.728  13.919  4.335   1.00 41.82 ? 170 SER A C   1 
ATOM   1247 O  O   . SER A 1 170 ? -7.638  14.656  3.357   1.00 42.07 ? 170 SER A O   1 
ATOM   1248 C  CB  . SER A 1 170 ? -9.654  13.881  5.958   1.00 42.06 ? 170 SER A CB  1 
ATOM   1249 O  OG  . SER A 1 170 ? -10.094 15.214  5.747   1.00 45.23 ? 170 SER A OG  1 
ATOM   1250 N  N   . VAL A 1 171 ? -6.691  13.633  5.123   1.00 41.62 ? 171 VAL A N   1 
ATOM   1251 C  CA  . VAL A 1 171 ? -5.350  14.194  4.900   1.00 42.09 ? 171 VAL A CA  1 
ATOM   1252 C  C   . VAL A 1 171 ? -4.855  13.882  3.491   1.00 42.11 ? 171 VAL A C   1 
ATOM   1253 O  O   . VAL A 1 171 ? -4.513  14.791  2.729   1.00 41.71 ? 171 VAL A O   1 
ATOM   1254 C  CB  . VAL A 1 171 ? -4.310  13.694  5.962   1.00 41.91 ? 171 VAL A CB  1 
ATOM   1255 C  CG1 . VAL A 1 171 ? -2.874  14.113  5.589   1.00 42.59 ? 171 VAL A CG1 1 
ATOM   1256 C  CG2 . VAL A 1 171 ? -4.675  14.195  7.365   1.00 42.97 ? 171 VAL A CG2 1 
ATOM   1257 N  N   . SER A 1 172 ? -4.828  12.598  3.144   1.00 42.65 ? 172 SER A N   1 
ATOM   1258 C  CA  . SER A 1 172 ? -4.309  12.170  1.846   1.00 43.37 ? 172 SER A CA  1 
ATOM   1259 C  C   . SER A 1 172 ? -5.202  12.530  0.666   1.00 43.59 ? 172 SER A C   1 
ATOM   1260 O  O   . SER A 1 172 ? -4.729  12.616  -0.469  1.00 44.04 ? 172 SER A O   1 
ATOM   1261 C  CB  . SER A 1 172 ? -4.001  10.677  1.852   1.00 43.50 ? 172 SER A CB  1 
ATOM   1262 O  OG  . SER A 1 172 ? -2.626  10.488  2.168   1.00 45.73 ? 172 SER A OG  1 
ATOM   1263 N  N   . GLY A 1 173 ? -6.485  12.742  0.934   1.00 43.50 ? 173 GLY A N   1 
ATOM   1264 C  CA  . GLY A 1 173 ? -7.420  13.185  -0.091  1.00 43.74 ? 173 GLY A CA  1 
ATOM   1265 C  C   . GLY A 1 173 ? -7.301  14.669  -0.412  1.00 43.92 ? 173 GLY A C   1 
ATOM   1266 O  O   . GLY A 1 173 ? -7.658  15.097  -1.510  1.00 44.13 ? 173 GLY A O   1 
ATOM   1267 N  N   . SER A 1 174 ? -6.806  15.448  0.551   1.00 43.31 ? 174 SER A N   1 
ATOM   1268 C  CA  . SER A 1 174 ? -6.672  16.904  0.419   1.00 42.34 ? 174 SER A CA  1 
ATOM   1269 C  C   . SER A 1 174 ? -5.313  17.335  -0.104  1.00 41.45 ? 174 SER A C   1 
ATOM   1270 O  O   . SER A 1 174 ? -5.200  18.347  -0.796  1.00 41.55 ? 174 SER A O   1 
ATOM   1271 C  CB  . SER A 1 174 ? -6.861  17.570  1.773   1.00 42.62 ? 174 SER A CB  1 
ATOM   1272 O  OG  . SER A 1 174 ? -8.215  17.780  2.053   1.00 42.67 ? 174 SER A OG  1 
ATOM   1273 N  N   . SER A 1 175 ? -4.282  16.582  0.262   1.00 40.24 ? 175 SER A N   1 
ATOM   1274 C  CA  . SER A 1 175 ? -2.901  16.916  -0.064  1.00 39.68 ? 175 SER A CA  1 
ATOM   1275 C  C   . SER A 1 175 ? -2.649  17.225  -1.545  1.00 38.92 ? 175 SER A C   1 
ATOM   1276 O  O   . SER A 1 175 ? -2.006  18.231  -1.850  1.00 38.72 ? 175 SER A O   1 
ATOM   1277 C  CB  . SER A 1 175 ? -1.949  15.799  0.388   1.00 39.68 ? 175 SER A CB  1 
ATOM   1278 O  OG  . SER A 1 175 ? -0.614  16.111  0.012   1.00 41.57 ? 175 SER A OG  1 
ATOM   1279 N  N   . PRO A 1 176 ? -3.137  16.367  -2.466  1.00 38.37 ? 176 PRO A N   1 
ATOM   1280 C  CA  . PRO A 1 176 ? -2.805  16.573  -3.874  1.00 37.96 ? 176 PRO A CA  1 
ATOM   1281 C  C   . PRO A 1 176 ? -3.188  17.972  -4.377  1.00 37.26 ? 176 PRO A C   1 
ATOM   1282 O  O   . PRO A 1 176 ? -2.355  18.639  -4.976  1.00 36.79 ? 176 PRO A O   1 
ATOM   1283 C  CB  . PRO A 1 176 ? -3.626  15.493  -4.578  1.00 38.91 ? 176 PRO A CB  1 
ATOM   1284 C  CG  . PRO A 1 176 ? -3.732  14.400  -3.540  1.00 39.17 ? 176 PRO A CG  1 
ATOM   1285 C  CD  . PRO A 1 176 ? -4.009  15.185  -2.300  1.00 38.10 ? 176 PRO A CD  1 
ATOM   1286 N  N   . ALA A 1 177 ? -4.410  18.421  -4.102  1.00 36.48 ? 177 ALA A N   1 
ATOM   1287 C  CA  . ALA A 1 177 ? -4.848  19.759  -4.511  1.00 36.32 ? 177 ALA A CA  1 
ATOM   1288 C  C   . ALA A 1 177 ? -4.014  20.888  -3.891  1.00 35.93 ? 177 ALA A C   1 
ATOM   1289 O  O   . ALA A 1 177 ? -3.639  21.826  -4.583  1.00 35.80 ? 177 ALA A O   1 
ATOM   1290 C  CB  . ALA A 1 177 ? -6.335  19.963  -4.218  1.00 36.61 ? 177 ALA A CB  1 
ATOM   1291 N  N   . TYR A 1 178 ? -3.732  20.786  -2.594  1.00 35.62 ? 178 TYR A N   1 
ATOM   1292 C  CA  . TYR A 1 178 ? -2.906  21.765  -1.878  1.00 35.36 ? 178 TYR A CA  1 
ATOM   1293 C  C   . TYR A 1 178 ? -1.508  21.841  -2.500  1.00 33.85 ? 178 TYR A C   1 
ATOM   1294 O  O   . TYR A 1 178 ? -0.988  22.926  -2.749  1.00 32.88 ? 178 TYR A O   1 
ATOM   1295 C  CB  . TYR A 1 178 ? -2.798  21.389  -0.389  1.00 36.12 ? 178 TYR A CB  1 
ATOM   1296 C  CG  . TYR A 1 178 ? -4.063  21.642  0.416   1.00 38.22 ? 178 TYR A CG  1 
ATOM   1297 C  CD1 . TYR A 1 178 ? -5.321  21.657  -0.195  1.00 38.17 ? 178 TYR A CD1 1 
ATOM   1298 C  CD2 . TYR A 1 178 ? -3.999  21.861  1.788   1.00 39.47 ? 178 TYR A CD2 1 
ATOM   1299 C  CE1 . TYR A 1 178 ? -6.473  21.883  0.540   1.00 39.27 ? 178 TYR A CE1 1 
ATOM   1300 C  CE2 . TYR A 1 178 ? -5.141  22.098  2.532   1.00 37.97 ? 178 TYR A CE2 1 
ATOM   1301 C  CZ  . TYR A 1 178 ? -6.374  22.108  1.906   1.00 39.10 ? 178 TYR A CZ  1 
ATOM   1302 O  OH  . TYR A 1 178 ? -7.516  22.351  2.637   1.00 39.13 ? 178 TYR A OH  1 
ATOM   1303 N  N   . VAL A 1 179 ? -0.923  20.680  -2.766  1.00 33.07 ? 179 VAL A N   1 
ATOM   1304 C  CA  . VAL A 1 179 ? 0.426   20.589  -3.306  1.00 33.00 ? 179 VAL A CA  1 
ATOM   1305 C  C   . VAL A 1 179 ? 0.499   21.091  -4.747  1.00 33.84 ? 179 VAL A C   1 
ATOM   1306 O  O   . VAL A 1 179 ? 1.422   21.848  -5.111  1.00 32.32 ? 179 VAL A O   1 
ATOM   1307 C  CB  . VAL A 1 179 ? 0.981   19.159  -3.199  1.00 33.15 ? 179 VAL A CB  1 
ATOM   1308 C  CG1 . VAL A 1 179 ? 2.343   19.058  -3.869  1.00 32.18 ? 179 VAL A CG1 1 
ATOM   1309 C  CG2 . VAL A 1 179 ? 1.119   18.781  -1.732  1.00 33.16 ? 179 VAL A CG2 1 
ATOM   1310 N  N   . TYR A 1 180 ? -0.470  20.670  -5.558  1.00 34.58 ? 180 TYR A N   1 
ATOM   1311 C  CA  . TYR A 1 180 ? -0.506  21.057  -6.963  1.00 37.30 ? 180 TYR A CA  1 
ATOM   1312 C  C   . TYR A 1 180 ? -0.626  22.564  -7.048  1.00 37.25 ? 180 TYR A C   1 
ATOM   1313 O  O   . TYR A 1 180 ? 0.021   23.185  -7.881  1.00 37.96 ? 180 TYR A O   1 
ATOM   1314 C  CB  . TYR A 1 180 ? -1.628  20.327  -7.740  1.00 39.30 ? 180 TYR A CB  1 
ATOM   1315 C  CG  . TYR A 1 180 ? -1.421  18.817  -7.798  1.00 43.03 ? 180 TYR A CG  1 
ATOM   1316 C  CD1 . TYR A 1 180 ? -0.180  18.263  -7.513  1.00 45.71 ? 180 TYR A CD1 1 
ATOM   1317 C  CD2 . TYR A 1 180 ? -2.468  17.943  -8.132  1.00 46.97 ? 180 TYR A CD2 1 
ATOM   1318 C  CE1 . TYR A 1 180 ? 0.030   16.909  -7.545  1.00 47.38 ? 180 TYR A CE1 1 
ATOM   1319 C  CE2 . TYR A 1 180 ? -2.258  16.562  -8.174  1.00 47.01 ? 180 TYR A CE2 1 
ATOM   1320 C  CZ  . TYR A 1 180 ? -0.996  16.063  -7.882  1.00 46.52 ? 180 TYR A CZ  1 
ATOM   1321 O  OH  . TYR A 1 180 ? -0.710  14.712  -7.895  1.00 47.94 ? 180 TYR A OH  1 
HETATM 1322 N  N   . MSE A 1 181 ? -1.404  23.158  -6.148  1.00 37.09 ? 181 MSE A N   1 
HETATM 1323 C  CA  . MSE A 1 181 ? -1.557  24.601  -6.143  1.00 38.00 ? 181 MSE A CA  1 
HETATM 1324 C  C   . MSE A 1 181 ? -0.262  25.373  -5.828  1.00 36.56 ? 181 MSE A C   1 
HETATM 1325 O  O   . MSE A 1 181 ? 0.007   26.389  -6.466  1.00 36.32 ? 181 MSE A O   1 
HETATM 1326 C  CB  . MSE A 1 181 ? -2.710  25.029  -5.229  1.00 39.50 ? 181 MSE A CB  1 
HETATM 1327 C  CG  . MSE A 1 181 ? -2.250  25.613  -3.924  1.00 45.26 ? 181 MSE A CG  1 
HETATM 1328 SE SE  . MSE A 1 181 ? -1.846  27.503  -4.177  1.00 62.85 ? 181 MSE A SE  1 
HETATM 1329 C  CE  . MSE A 1 181 ? -3.475  28.055  -3.248  1.00 57.10 ? 181 MSE A CE  1 
ATOM   1330 N  N   . ILE A 1 182 ? 0.530   24.914  -4.856  1.00 34.86 ? 182 ILE A N   1 
ATOM   1331 C  CA  . ILE A 1 182 ? 1.771   25.623  -4.522  1.00 34.01 ? 182 ILE A CA  1 
ATOM   1332 C  C   . ILE A 1 182 ? 2.898   25.338  -5.515  1.00 33.17 ? 182 ILE A C   1 
ATOM   1333 O  O   . ILE A 1 182 ? 3.723   26.204  -5.776  1.00 33.51 ? 182 ILE A O   1 
ATOM   1334 C  CB  . ILE A 1 182 ? 2.261   25.430  -3.045  1.00 33.29 ? 182 ILE A CB  1 
ATOM   1335 C  CG1 . ILE A 1 182 ? 2.730   23.999  -2.778  1.00 34.83 ? 182 ILE A CG1 1 
ATOM   1336 C  CG2 . ILE A 1 182 ? 1.199   25.884  -2.041  1.00 32.27 ? 182 ILE A CG2 1 
ATOM   1337 C  CD1 . ILE A 1 182 ? 3.432   23.852  -1.430  1.00 34.12 ? 182 ILE A CD1 1 
ATOM   1338 N  N   . ILE A 1 183 ? 2.912   24.146  -6.092  1.00 33.00 ? 183 ILE A N   1 
ATOM   1339 C  CA  . ILE A 1 183 ? 3.907   23.818  -7.116  1.00 32.91 ? 183 ILE A CA  1 
ATOM   1340 C  C   . ILE A 1 183 ? 3.670   24.642  -8.393  1.00 33.44 ? 183 ILE A C   1 
ATOM   1341 O  O   . ILE A 1 183 ? 4.607   25.213  -8.951  1.00 33.85 ? 183 ILE A O   1 
ATOM   1342 C  CB  . ILE A 1 183 ? 3.928   22.324  -7.445  1.00 32.84 ? 183 ILE A CB  1 
ATOM   1343 C  CG1 . ILE A 1 183 ? 4.483   21.536  -6.239  1.00 31.55 ? 183 ILE A CG1 1 
ATOM   1344 C  CG2 . ILE A 1 183 ? 4.818   22.082  -8.675  1.00 34.11 ? 183 ILE A CG2 1 
ATOM   1345 C  CD1 . ILE A 1 183 ? 4.593   20.041  -6.446  1.00 32.85 ? 183 ILE A CD1 1 
ATOM   1346 N  N   . GLU A 1 184 ? 2.421   24.686  -8.842  1.00 33.64 ? 184 GLU A N   1 
ATOM   1347 C  CA  . GLU A 1 184 ? 2.029   25.502  -9.999  1.00 34.82 ? 184 GLU A CA  1 
ATOM   1348 C  C   . GLU A 1 184 ? 2.371   26.980  -9.773  1.00 34.67 ? 184 GLU A C   1 
ATOM   1349 O  O   . GLU A 1 184 ? 2.943   27.609  -10.655 1.00 35.48 ? 184 GLU A O   1 
ATOM   1350 C  CB  . GLU A 1 184 ? 0.541   25.307  -10.314 1.00 34.71 ? 184 GLU A CB  1 
ATOM   1351 C  CG  . GLU A 1 184 ? 0.060   25.808  -11.702 1.00 39.12 ? 184 GLU A CG  1 
ATOM   1352 C  CD  . GLU A 1 184 ? 0.689   25.040  -12.861 1.00 43.81 ? 184 GLU A CD  1 
ATOM   1353 O  OE1 . GLU A 1 184 ? 0.948   23.828  -12.719 1.00 44.03 ? 184 GLU A OE1 1 
ATOM   1354 O  OE2 . GLU A 1 184 ? 0.936   25.659  -13.920 1.00 47.78 ? 184 GLU A OE2 1 
ATOM   1355 N  N   . ALA A 1 185 ? 2.055   27.514  -8.592  1.00 34.42 ? 185 ALA A N   1 
ATOM   1356 C  CA  . ALA A 1 185 ? 2.377   28.909  -8.231  1.00 34.62 ? 185 ALA A CA  1 
ATOM   1357 C  C   . ALA A 1 185 ? 3.879   29.216  -8.357  1.00 35.48 ? 185 ALA A C   1 
ATOM   1358 O  O   . ALA A 1 185 ? 4.279   30.176  -9.026  1.00 33.50 ? 185 ALA A O   1 
ATOM   1359 C  CB  . ALA A 1 185 ? 1.912   29.216  -6.812  1.00 33.69 ? 185 ALA A CB  1 
HETATM 1360 N  N   . MSE A 1 186 ? 4.693   28.399  -7.693  1.00 35.52 ? 186 MSE A N   1 
HETATM 1361 C  CA  . MSE A 1 186 ? 6.144   28.529  -7.752  1.00 40.07 ? 186 MSE A CA  1 
HETATM 1362 C  C   . MSE A 1 186 ? 6.683   28.348  -9.166  1.00 36.57 ? 186 MSE A C   1 
HETATM 1363 O  O   . MSE A 1 186 ? 7.552   29.102  -9.597  1.00 36.01 ? 186 MSE A O   1 
HETATM 1364 C  CB  . MSE A 1 186 ? 6.817   27.539  -6.789  1.00 38.31 ? 186 MSE A CB  1 
HETATM 1365 C  CG  . MSE A 1 186 ? 6.703   27.937  -5.311  1.00 43.49 ? 186 MSE A CG  1 
HETATM 1366 SE SE  . MSE A 1 186 ? 6.982   26.394  -4.106  1.00 55.83 ? 186 MSE A SE  1 
HETATM 1367 C  CE  . MSE A 1 186 ? 8.756   25.915  -4.691  1.00 52.74 ? 186 MSE A CE  1 
ATOM   1368 N  N   . ALA A 1 187 ? 6.162   27.358  -9.886  1.00 35.37 ? 187 ALA A N   1 
ATOM   1369 C  CA  . ALA A 1 187 ? 6.624   27.086  -11.248 1.00 34.27 ? 187 ALA A CA  1 
ATOM   1370 C  C   . ALA A 1 187 ? 6.251   28.214  -12.216 1.00 34.06 ? 187 ALA A C   1 
ATOM   1371 O  O   . ALA A 1 187 ? 7.079   28.610  -13.043 1.00 33.96 ? 187 ALA A O   1 
ATOM   1372 C  CB  . ALA A 1 187 ? 6.104   25.741  -11.758 1.00 33.97 ? 187 ALA A CB  1 
ATOM   1373 N  N   . ASP A 1 188 ? 5.025   28.731  -12.113 1.00 33.68 ? 188 ASP A N   1 
ATOM   1374 C  CA  . ASP A 1 188 ? 4.597   29.857  -12.952 1.00 33.56 ? 188 ASP A CA  1 
ATOM   1375 C  C   . ASP A 1 188 ? 5.436   31.122  -12.734 1.00 33.50 ? 188 ASP A C   1 
ATOM   1376 O  O   . ASP A 1 188 ? 5.759   31.817  -13.688 1.00 33.14 ? 188 ASP A O   1 
ATOM   1377 C  CB  . ASP A 1 188 ? 3.112   30.185  -12.745 1.00 33.60 ? 188 ASP A CB  1 
ATOM   1378 C  CG  . ASP A 1 188 ? 2.183   29.096  -13.278 1.00 34.70 ? 188 ASP A CG  1 
ATOM   1379 O  OD1 . ASP A 1 188 ? 2.656   28.159  -13.968 1.00 36.26 ? 188 ASP A OD1 1 
ATOM   1380 O  OD2 . ASP A 1 188 ? 0.971   29.179  -12.999 1.00 32.22 ? 188 ASP A OD2 1 
ATOM   1381 N  N   . ALA A 1 189 ? 5.758   31.427  -11.477 1.00 33.48 ? 189 ALA A N   1 
ATOM   1382 C  CA  . ALA A 1 189 ? 6.575   32.591  -11.155 1.00 33.44 ? 189 ALA A CA  1 
ATOM   1383 C  C   . ALA A 1 189 ? 7.956   32.443  -11.789 1.00 33.49 ? 189 ALA A C   1 
ATOM   1384 O  O   . ALA A 1 189 ? 8.475   33.383  -12.371 1.00 33.43 ? 189 ALA A O   1 
ATOM   1385 C  CB  . ALA A 1 189 ? 6.677   32.791  -9.643  1.00 34.03 ? 189 ALA A CB  1 
ATOM   1386 N  N   . ALA A 1 190 ? 8.520   31.241  -11.713 1.00 33.33 ? 190 ALA A N   1 
ATOM   1387 C  CA  . ALA A 1 190 ? 9.805   30.931  -12.341 1.00 33.76 ? 190 ALA A CA  1 
ATOM   1388 C  C   . ALA A 1 190 ? 9.754   31.044  -13.871 1.00 34.26 ? 190 ALA A C   1 
ATOM   1389 O  O   . ALA A 1 190 ? 10.629  31.661  -14.477 1.00 34.85 ? 190 ALA A O   1 
ATOM   1390 C  CB  . ALA A 1 190 ? 10.288  29.541  -11.918 1.00 33.11 ? 190 ALA A CB  1 
ATOM   1391 N  N   . VAL A 1 191 ? 8.735   30.459  -14.494 1.00 34.35 ? 191 VAL A N   1 
ATOM   1392 C  CA  . VAL A 1 191 ? 8.564   30.583  -15.953 1.00 34.77 ? 191 VAL A CA  1 
ATOM   1393 C  C   . VAL A 1 191 ? 8.439   32.033  -16.441 1.00 34.96 ? 191 VAL A C   1 
ATOM   1394 O  O   . VAL A 1 191 ? 9.002   32.391  -17.489 1.00 34.22 ? 191 VAL A O   1 
ATOM   1395 C  CB  . VAL A 1 191 ? 7.389   29.728  -16.484 1.00 34.40 ? 191 VAL A CB  1 
ATOM   1396 C  CG1 . VAL A 1 191 ? 7.152   30.000  -17.978 1.00 34.98 ? 191 VAL A CG1 1 
ATOM   1397 C  CG2 . VAL A 1 191 ? 7.669   28.269  -16.248 1.00 34.95 ? 191 VAL A CG2 1 
ATOM   1398 N  N   . LEU A 1 192 ? 7.715   32.862  -15.686 1.00 35.34 ? 192 LEU A N   1 
ATOM   1399 C  CA  . LEU A 1 192 ? 7.563   34.271  -16.043 1.00 36.24 ? 192 LEU A CA  1 
ATOM   1400 C  C   . LEU A 1 192 ? 8.897   34.997  -15.964 1.00 37.01 ? 192 LEU A C   1 
ATOM   1401 O  O   . LEU A 1 192 ? 9.125   35.969  -16.670 1.00 36.16 ? 192 LEU A O   1 
ATOM   1402 C  CB  . LEU A 1 192 ? 6.550   34.962  -15.138 1.00 36.02 ? 192 LEU A CB  1 
ATOM   1403 C  CG  . LEU A 1 192 ? 5.090   34.719  -15.511 1.00 36.51 ? 192 LEU A CG  1 
ATOM   1404 C  CD1 . LEU A 1 192 ? 4.219   35.010  -14.327 1.00 37.00 ? 192 LEU A CD1 1 
ATOM   1405 C  CD2 . LEU A 1 192 ? 4.675   35.577  -16.699 1.00 36.98 ? 192 LEU A CD2 1 
ATOM   1406 N  N   . ASP A 1 193 ? 9.769   34.508  -15.092 1.00 37.42 ? 193 ASP A N   1 
ATOM   1407 C  CA  . ASP A 1 193 ? 11.100  35.066  -14.923 1.00 38.84 ? 193 ASP A CA  1 
ATOM   1408 C  C   . ASP A 1 193 ? 12.143  34.420  -15.846 1.00 38.78 ? 193 ASP A C   1 
ATOM   1409 O  O   . ASP A 1 193 ? 13.334  34.641  -15.673 1.00 39.50 ? 193 ASP A O   1 
ATOM   1410 C  CB  . ASP A 1 193 ? 11.527  34.971  -13.453 1.00 39.28 ? 193 ASP A CB  1 
ATOM   1411 C  CG  . ASP A 1 193 ? 10.907  36.063  -12.590 1.00 41.87 ? 193 ASP A CG  1 
ATOM   1412 O  OD1 . ASP A 1 193 ? 10.452  37.086  -13.136 1.00 45.12 ? 193 ASP A OD1 1 
ATOM   1413 O  OD2 . ASP A 1 193 ? 10.874  35.902  -11.354 1.00 44.91 ? 193 ASP A OD2 1 
ATOM   1414 N  N   . GLY A 1 194 ? 11.701  33.626  -16.821 1.00 39.10 ? 194 GLY A N   1 
ATOM   1415 C  CA  . GLY A 1 194 ? 12.609  33.100  -17.846 1.00 39.62 ? 194 GLY A CA  1 
ATOM   1416 C  C   . GLY A 1 194 ? 13.020  31.632  -17.787 1.00 40.32 ? 194 GLY A C   1 
ATOM   1417 O  O   . GLY A 1 194 ? 13.694  31.134  -18.698 1.00 39.31 ? 194 GLY A O   1 
HETATM 1418 N  N   . MSE A 1 195 ? 12.631  30.924  -16.729 1.00 41.04 ? 195 MSE A N   1 
HETATM 1419 C  CA  . MSE A 1 195 ? 12.960  29.509  -16.628 1.00 42.97 ? 195 MSE A CA  1 
HETATM 1420 C  C   . MSE A 1 195 ? 12.055  28.624  -17.500 1.00 41.88 ? 195 MSE A C   1 
HETATM 1421 O  O   . MSE A 1 195 ? 10.834  28.781  -17.473 1.00 42.11 ? 195 MSE A O   1 
HETATM 1422 C  CB  . MSE A 1 195 ? 12.914  29.050  -15.164 1.00 42.34 ? 195 MSE A CB  1 
HETATM 1423 C  CG  . MSE A 1 195 ? 13.178  27.573  -14.994 1.00 44.32 ? 195 MSE A CG  1 
HETATM 1424 SE SE  . MSE A 1 195 ? 13.526  27.115  -13.140 1.00 50.53 ? 195 MSE A SE  1 
HETATM 1425 C  CE  . MSE A 1 195 ? 15.403  27.694  -13.027 1.00 46.83 ? 195 MSE A CE  1 
ATOM   1426 N  N   . PRO A 1 196 ? 12.647  27.685  -18.273 1.00 41.80 ? 196 PRO A N   1 
ATOM   1427 C  CA  . PRO A 1 196 ? 11.883  26.692  -19.050 1.00 41.51 ? 196 PRO A CA  1 
ATOM   1428 C  C   . PRO A 1 196 ? 10.899  25.893  -18.190 1.00 41.43 ? 196 PRO A C   1 
ATOM   1429 O  O   . PRO A 1 196 ? 11.256  25.493  -17.070 1.00 40.18 ? 196 PRO A O   1 
ATOM   1430 C  CB  . PRO A 1 196 ? 12.975  25.759  -19.576 1.00 41.94 ? 196 PRO A CB  1 
ATOM   1431 C  CG  . PRO A 1 196 ? 14.177  26.628  -19.674 1.00 42.63 ? 196 PRO A CG  1 
ATOM   1432 C  CD  . PRO A 1 196 ? 14.099  27.531  -18.484 1.00 41.78 ? 196 PRO A CD  1 
ATOM   1433 N  N   . ARG A 1 197 ? 9.695   25.637  -18.717 1.00 40.64 ? 197 ARG A N   1 
ATOM   1434 C  CA  . ARG A 1 197 ? 8.619   25.036  -17.914 1.00 40.97 ? 197 ARG A CA  1 
ATOM   1435 C  C   . ARG A 1 197 ? 8.950   23.682  -17.260 1.00 40.49 ? 197 ARG A C   1 
ATOM   1436 O  O   . ARG A 1 197 ? 8.706   23.517  -16.059 1.00 39.86 ? 197 ARG A O   1 
ATOM   1437 C  CB  . ARG A 1 197 ? 7.276   24.968  -18.656 1.00 41.08 ? 197 ARG A CB  1 
ATOM   1438 C  CG  . ARG A 1 197 ? 6.131   24.552  -17.711 1.00 42.77 ? 197 ARG A CG  1 
ATOM   1439 C  CD  . ARG A 1 197 ? 4.724   24.762  -18.255 1.00 42.28 ? 197 ARG A CD  1 
ATOM   1440 N  NE  . ARG A 1 197 ? 4.310   26.167  -18.230 1.00 47.26 ? 197 ARG A NE  1 
ATOM   1441 C  CZ  . ARG A 1 197 ? 3.744   26.796  -17.196 1.00 47.56 ? 197 ARG A CZ  1 
ATOM   1442 N  NH1 . ARG A 1 197 ? 3.419   28.069  -17.314 1.00 48.44 ? 197 ARG A NH1 1 
ATOM   1443 N  NH2 . ARG A 1 197 ? 3.498   26.176  -16.052 1.00 49.48 ? 197 ARG A NH2 1 
ATOM   1444 N  N   . ASN A 1 198 ? 9.488   22.728  -18.022 1.00 40.02 ? 198 ASN A N   1 
ATOM   1445 C  CA  . ASN A 1 198 ? 9.894   21.433  -17.439 1.00 40.33 ? 198 ASN A CA  1 
ATOM   1446 C  C   . ASN A 1 198 ? 10.913  21.577  -16.304 1.00 39.53 ? 198 ASN A C   1 
ATOM   1447 O  O   . ASN A 1 198 ? 10.770  20.937  -15.257 1.00 39.43 ? 198 ASN A O   1 
ATOM   1448 C  CB  . ASN A 1 198 ? 10.400  20.448  -18.512 1.00 41.20 ? 198 ASN A CB  1 
ATOM   1449 C  CG  . ASN A 1 198 ? 9.263   19.834  -19.338 1.00 44.13 ? 198 ASN A CG  1 
ATOM   1450 O  OD1 . ASN A 1 198 ? 8.077   20.021  -19.035 1.00 48.20 ? 198 ASN A OD1 1 
ATOM   1451 N  ND2 . ASN A 1 198 ? 9.624   19.103  -20.391 1.00 46.69 ? 198 ASN A ND2 1 
ATOM   1452 N  N   . GLN A 1 199 ? 11.931  22.416  -16.510 1.00 38.63 ? 199 GLN A N   1 
ATOM   1453 C  CA  . GLN A 1 199 ? 12.890  22.762  -15.446 1.00 37.79 ? 199 GLN A CA  1 
ATOM   1454 C  C   . GLN A 1 199 ? 12.188  23.427  -14.259 1.00 37.04 ? 199 GLN A C   1 
ATOM   1455 O  O   . GLN A 1 199 ? 12.470  23.099  -13.100 1.00 36.36 ? 199 GLN A O   1 
ATOM   1456 C  CB  . GLN A 1 199 ? 13.982  23.696  -15.974 1.00 38.18 ? 199 GLN A CB  1 
ATOM   1457 C  CG  . GLN A 1 199 ? 15.192  23.839  -15.043 1.00 37.91 ? 199 GLN A CG  1 
ATOM   1458 C  CD  . GLN A 1 199 ? 16.409  24.434  -15.741 1.00 38.85 ? 199 GLN A CD  1 
ATOM   1459 O  OE1 . GLN A 1 199 ? 16.425  25.618  -16.061 1.00 39.32 ? 199 GLN A OE1 1 
ATOM   1460 N  NE2 . GLN A 1 199 ? 17.451  23.614  -15.953 1.00 37.64 ? 199 GLN A NE2 1 
ATOM   1461 N  N   . ALA A 1 200 ? 11.275  24.354  -14.547 1.00 35.75 ? 200 ALA A N   1 
ATOM   1462 C  CA  . ALA A 1 200 ? 10.545  25.073  -13.491 1.00 35.27 ? 200 ALA A CA  1 
ATOM   1463 C  C   . ALA A 1 200 ? 9.756   24.136  -12.564 1.00 35.21 ? 200 ALA A C   1 
ATOM   1464 O  O   . ALA A 1 200 ? 9.787   24.294  -11.333 1.00 34.64 ? 200 ALA A O   1 
ATOM   1465 C  CB  . ALA A 1 200 ? 9.622   26.134  -14.100 1.00 34.92 ? 200 ALA A CB  1 
ATOM   1466 N  N   . TYR A 1 201 ? 9.056   23.161  -13.150 1.00 35.34 ? 201 TYR A N   1 
ATOM   1467 C  CA  . TYR A 1 201 ? 8.322   22.169  -12.364 1.00 35.85 ? 201 TYR A CA  1 
ATOM   1468 C  C   . TYR A 1 201 ? 9.238   21.292  -11.526 1.00 35.46 ? 201 TYR A C   1 
ATOM   1469 O  O   . TYR A 1 201 ? 8.880   20.903  -10.420 1.00 35.39 ? 201 TYR A O   1 
ATOM   1470 C  CB  . TYR A 1 201 ? 7.478   21.262  -13.256 1.00 37.01 ? 201 TYR A CB  1 
ATOM   1471 C  CG  . TYR A 1 201 ? 6.165   21.849  -13.664 1.00 39.97 ? 201 TYR A CG  1 
ATOM   1472 C  CD1 . TYR A 1 201 ? 5.834   21.958  -15.012 1.00 42.13 ? 201 TYR A CD1 1 
ATOM   1473 C  CD2 . TYR A 1 201 ? 5.243   22.287  -12.710 1.00 40.26 ? 201 TYR A CD2 1 
ATOM   1474 C  CE1 . TYR A 1 201 ? 4.616   22.495  -15.413 1.00 43.37 ? 201 TYR A CE1 1 
ATOM   1475 C  CE2 . TYR A 1 201 ? 4.014   22.839  -13.105 1.00 41.40 ? 201 TYR A CE2 1 
ATOM   1476 C  CZ  . TYR A 1 201 ? 3.717   22.936  -14.457 1.00 41.72 ? 201 TYR A CZ  1 
ATOM   1477 O  OH  . TYR A 1 201 ? 2.520   23.457  -14.884 1.00 42.35 ? 201 TYR A OH  1 
ATOM   1478 N  N   . LYS A 1 202 ? 10.407  20.956  -12.065 1.00 34.06 ? 202 LYS A N   1 
ATOM   1479 C  CA  . LYS A 1 202 ? 11.365  20.144  -11.308 1.00 33.80 ? 202 LYS A CA  1 
ATOM   1480 C  C   . LYS A 1 202 ? 11.860  20.896  -10.075 1.00 33.30 ? 202 LYS A C   1 
ATOM   1481 O  O   . LYS A 1 202 ? 11.887  20.340  -8.969  1.00 33.78 ? 202 LYS A O   1 
ATOM   1482 C  CB  . LYS A 1 202 ? 12.559  19.741  -12.185 1.00 33.44 ? 202 LYS A CB  1 
ATOM   1483 C  CG  . LYS A 1 202 ? 13.541  18.823  -11.457 1.00 32.87 ? 202 LYS A CG  1 
ATOM   1484 C  CD  . LYS A 1 202 ? 14.665  18.343  -12.359 1.00 34.17 ? 202 LYS A CD  1 
ATOM   1485 C  CE  . LYS A 1 202 ? 15.692  17.524  -11.558 1.00 33.28 ? 202 LYS A CE  1 
ATOM   1486 N  NZ  . LYS A 1 202 ? 16.744  16.947  -12.471 1.00 36.32 ? 202 LYS A NZ  1 
ATOM   1487 N  N   . PHE A 1 203 ? 12.283  22.143  -10.266 1.00 32.51 ? 203 PHE A N   1 
ATOM   1488 C  CA  . PHE A 1 203 ? 12.714  22.964  -9.139  1.00 32.81 ? 203 PHE A CA  1 
ATOM   1489 C  C   . PHE A 1 203 ? 11.616  23.135  -8.116  1.00 32.28 ? 203 PHE A C   1 
ATOM   1490 O  O   . PHE A 1 203 ? 11.854  22.976  -6.936  1.00 32.33 ? 203 PHE A O   1 
ATOM   1491 C  CB  . PHE A 1 203 ? 13.205  24.333  -9.587  1.00 32.91 ? 203 PHE A CB  1 
ATOM   1492 C  CG  . PHE A 1 203 ? 14.656  24.362  -9.930  1.00 33.70 ? 203 PHE A CG  1 
ATOM   1493 C  CD1 . PHE A 1 203 ? 15.612  24.630  -8.953  1.00 35.11 ? 203 PHE A CD1 1 
ATOM   1494 C  CD2 . PHE A 1 203 ? 15.077  24.106  -11.226 1.00 36.46 ? 203 PHE A CD2 1 
ATOM   1495 C  CE1 . PHE A 1 203 ? 16.972  24.645  -9.262  1.00 36.24 ? 203 PHE A CE1 1 
ATOM   1496 C  CE2 . PHE A 1 203 ? 16.436  24.123  -11.548 1.00 36.66 ? 203 PHE A CE2 1 
ATOM   1497 C  CZ  . PHE A 1 203 ? 17.380  24.400  -10.559 1.00 37.22 ? 203 PHE A CZ  1 
ATOM   1498 N  N   . ALA A 1 204 ? 10.418  23.470  -8.574  1.00 32.00 ? 204 ALA A N   1 
ATOM   1499 C  CA  . ALA A 1 204 ? 9.293   23.696  -7.656  1.00 32.84 ? 204 ALA A CA  1 
ATOM   1500 C  C   . ALA A 1 204 ? 8.929   22.435  -6.858  1.00 32.56 ? 204 ALA A C   1 
ATOM   1501 O  O   . ALA A 1 204 ? 8.729   22.502  -5.646  1.00 32.41 ? 204 ALA A O   1 
ATOM   1502 C  CB  . ALA A 1 204 ? 8.094   24.219  -8.398  1.00 31.78 ? 204 ALA A CB  1 
ATOM   1503 N  N   . ALA A 1 205 ? 8.820   21.295  -7.545  1.00 32.77 ? 205 ALA A N   1 
ATOM   1504 C  CA  . ALA A 1 205 ? 8.422   20.059  -6.893  1.00 32.28 ? 205 ALA A CA  1 
ATOM   1505 C  C   . ALA A 1 205 ? 9.465   19.634  -5.869  1.00 32.06 ? 205 ALA A C   1 
ATOM   1506 O  O   . ALA A 1 205 ? 9.116   19.236  -4.746  1.00 32.32 ? 205 ALA A O   1 
ATOM   1507 C  CB  . ALA A 1 205 ? 8.202   18.936  -7.930  1.00 33.14 ? 205 ALA A CB  1 
ATOM   1508 N  N   . GLN A 1 206 ? 10.744  19.719  -6.240  1.00 31.81 ? 206 GLN A N   1 
ATOM   1509 C  CA  . GLN A 1 206 ? 11.810  19.300  -5.335  1.00 32.35 ? 206 GLN A CA  1 
ATOM   1510 C  C   . GLN A 1 206 ? 11.961  20.270  -4.176  1.00 32.13 ? 206 GLN A C   1 
ATOM   1511 O  O   . GLN A 1 206 ? 12.259  19.863  -3.050  1.00 32.62 ? 206 GLN A O   1 
ATOM   1512 C  CB  . GLN A 1 206 ? 13.149  19.051  -6.072  1.00 32.93 ? 206 GLN A CB  1 
ATOM   1513 C  CG  . GLN A 1 206 ? 14.283  18.510  -5.165  1.00 34.38 ? 206 GLN A CG  1 
ATOM   1514 C  CD  . GLN A 1 206 ? 14.004  17.125  -4.628  1.00 36.19 ? 206 GLN A CD  1 
ATOM   1515 O  OE1 . GLN A 1 206 ? 13.219  16.380  -5.201  1.00 35.70 ? 206 GLN A OE1 1 
ATOM   1516 N  NE2 . GLN A 1 206 ? 14.671  16.758  -3.526  1.00 37.96 ? 206 GLN A NE2 1 
ATOM   1517 N  N   . ALA A 1 207 ? 11.709  21.553  -4.424  1.00 31.84 ? 207 ALA A N   1 
ATOM   1518 C  CA  . ALA A 1 207 ? 11.681  22.516  -3.332  1.00 31.47 ? 207 ALA A CA  1 
ATOM   1519 C  C   . ALA A 1 207 ? 10.588  22.155  -2.316  1.00 31.28 ? 207 ALA A C   1 
ATOM   1520 O  O   . ALA A 1 207 ? 10.820  22.158  -1.110  1.00 30.44 ? 207 ALA A O   1 
ATOM   1521 C  CB  . ALA A 1 207 ? 11.451  23.940  -3.885  1.00 31.83 ? 207 ALA A CB  1 
ATOM   1522 N  N   . VAL A 1 208 ? 9.388   21.835  -2.807  1.00 30.47 ? 208 VAL A N   1 
ATOM   1523 C  CA  . VAL A 1 208 ? 8.306   21.448  -1.917  1.00 29.48 ? 208 VAL A CA  1 
ATOM   1524 C  C   . VAL A 1 208 ? 8.660   20.158  -1.164  1.00 29.56 ? 208 VAL A C   1 
ATOM   1525 O  O   . VAL A 1 208 ? 8.499   20.088  0.056   1.00 29.27 ? 208 VAL A O   1 
ATOM   1526 C  CB  . VAL A 1 208 ? 6.958   21.303  -2.673  1.00 30.19 ? 208 VAL A CB  1 
ATOM   1527 C  CG1 . VAL A 1 208 ? 5.912   20.619  -1.775  1.00 29.86 ? 208 VAL A CG1 1 
ATOM   1528 C  CG2 . VAL A 1 208 ? 6.453   22.706  -3.159  1.00 29.31 ? 208 VAL A CG2 1 
ATOM   1529 N  N   . LEU A 1 209 ? 9.110   19.141  -1.897  1.00 28.73 ? 209 LEU A N   1 
ATOM   1530 C  CA  . LEU A 1 209 ? 9.506   17.852  -1.303  1.00 29.71 ? 209 LEU A CA  1 
ATOM   1531 C  C   . LEU A 1 209 ? 10.555  18.046  -0.181  1.00 30.15 ? 209 LEU A C   1 
ATOM   1532 O  O   . LEU A 1 209 ? 10.435  17.476  0.899   1.00 30.59 ? 209 LEU A O   1 
ATOM   1533 C  CB  . LEU A 1 209 ? 10.050  16.930  -2.415  1.00 29.38 ? 209 LEU A CB  1 
ATOM   1534 C  CG  . LEU A 1 209 ? 10.243  15.425  -2.219  1.00 30.79 ? 209 LEU A CG  1 
ATOM   1535 C  CD1 . LEU A 1 209 ? 10.395  14.755  -3.564  1.00 31.57 ? 209 LEU A CD1 1 
ATOM   1536 C  CD2 . LEU A 1 209 ? 11.445  15.117  -1.336  1.00 30.30 ? 209 LEU A CD2 1 
ATOM   1537 N  N   . GLY A 1 210 ? 11.560  18.889  -0.433  1.00 30.27 ? 210 GLY A N   1 
ATOM   1538 C  CA  . GLY A 1 210 ? 12.626  19.128  0.541   1.00 29.83 ? 210 GLY A CA  1 
ATOM   1539 C  C   . GLY A 1 210 ? 12.121  19.827  1.798   1.00 30.18 ? 210 GLY A C   1 
ATOM   1540 O  O   . GLY A 1 210 ? 12.453  19.429  2.908   1.00 29.17 ? 210 GLY A O   1 
ATOM   1541 N  N   . SER A 1 211 ? 11.304  20.869  1.645   1.00 30.47 ? 211 SER A N   1 
ATOM   1542 C  CA  . SER A 1 211 ? 10.704  21.500  2.819   1.00 30.76 ? 211 SER A CA  1 
ATOM   1543 C  C   . SER A 1 211 ? 9.843   20.543  3.666   1.00 30.05 ? 211 SER A C   1 
ATOM   1544 O  O   . SER A 1 211 ? 9.835   20.620  4.898   1.00 29.41 ? 211 SER A O   1 
ATOM   1545 C  CB  . SER A 1 211 ? 9.902   22.736  2.417   1.00 31.89 ? 211 SER A CB  1 
ATOM   1546 O  OG  . SER A 1 211 ? 10.775  23.744  1.944   1.00 34.89 ? 211 SER A OG  1 
ATOM   1547 N  N   . ALA A 1 212 ? 9.113   19.659  3.002   1.00 29.76 ? 212 ALA A N   1 
ATOM   1548 C  CA  . ALA A 1 212 ? 8.268   18.702  3.694   1.00 30.11 ? 212 ALA A CA  1 
ATOM   1549 C  C   . ALA A 1 212 ? 9.148   17.708  4.462   1.00 30.81 ? 212 ALA A C   1 
ATOM   1550 O  O   . ALA A 1 212 ? 8.849   17.363  5.605   1.00 30.68 ? 212 ALA A O   1 
ATOM   1551 C  CB  . ALA A 1 212 ? 7.377   17.983  2.703   1.00 29.86 ? 212 ALA A CB  1 
ATOM   1552 N  N   . LYS A 1 213 ? 10.244  17.279  3.834   1.00 30.96 ? 213 LYS A N   1 
ATOM   1553 C  CA  . LYS A 1 213 ? 11.199  16.370  4.476   1.00 32.33 ? 213 LYS A CA  1 
ATOM   1554 C  C   . LYS A 1 213 ? 11.820  17.026  5.705   1.00 33.02 ? 213 LYS A C   1 
ATOM   1555 O  O   . LYS A 1 213 ? 12.027  16.361  6.719   1.00 33.27 ? 213 LYS A O   1 
ATOM   1556 C  CB  . LYS A 1 213 ? 12.284  15.902  3.485   1.00 32.99 ? 213 LYS A CB  1 
ATOM   1557 C  CG  . LYS A 1 213 ? 13.215  14.788  4.043   1.00 33.18 ? 213 LYS A CG  1 
ATOM   1558 C  CD  . LYS A 1 213 ? 12.499  13.449  4.094   1.00 37.65 ? 213 LYS A CD  1 
ATOM   1559 C  CE  . LYS A 1 213 ? 13.420  12.273  4.508   1.00 39.34 ? 213 LYS A CE  1 
ATOM   1560 N  NZ  . LYS A 1 213 ? 12.624  11.015  4.252   1.00 43.95 ? 213 LYS A NZ  1 
HETATM 1561 N  N   . MSE A 1 214 ? 12.096  18.326  5.629   1.00 33.51 ? 214 MSE A N   1 
HETATM 1562 C  CA  . MSE A 1 214 ? 12.614  19.068  6.784   1.00 35.86 ? 214 MSE A CA  1 
HETATM 1563 C  C   . MSE A 1 214 ? 11.661  19.016  7.970   1.00 36.09 ? 214 MSE A C   1 
HETATM 1564 O  O   . MSE A 1 214 ? 12.098  18.852  9.116   1.00 36.02 ? 214 MSE A O   1 
HETATM 1565 C  CB  . MSE A 1 214 ? 12.865  20.533  6.428   1.00 35.99 ? 214 MSE A CB  1 
HETATM 1566 C  CG  . MSE A 1 214 ? 14.051  20.749  5.510   1.00 41.13 ? 214 MSE A CG  1 
HETATM 1567 SE SE  . MSE A 1 214 ? 15.736  20.606  6.486   1.00 52.55 ? 214 MSE A SE  1 
HETATM 1568 C  CE  . MSE A 1 214 ? 15.554  22.177  7.611   1.00 47.25 ? 214 MSE A CE  1 
ATOM   1569 N  N   . VAL A 1 215 ? 10.370  19.198  7.692   1.00 36.53 ? 215 VAL A N   1 
ATOM   1570 C  CA  . VAL A 1 215 ? 9.326   19.150  8.726   1.00 37.42 ? 215 VAL A CA  1 
ATOM   1571 C  C   . VAL A 1 215 ? 9.230   17.724  9.270   1.00 38.45 ? 215 VAL A C   1 
ATOM   1572 O  O   . VAL A 1 215 ? 9.207   17.526  10.480  1.00 38.60 ? 215 VAL A O   1 
ATOM   1573 C  CB  . VAL A 1 215 ? 7.942   19.611  8.186   1.00 36.84 ? 215 VAL A CB  1 
ATOM   1574 C  CG1 . VAL A 1 215 ? 6.859   19.476  9.265   1.00 36.79 ? 215 VAL A CG1 1 
ATOM   1575 C  CG2 . VAL A 1 215 ? 8.022   21.036  7.715   1.00 36.10 ? 215 VAL A CG2 1 
ATOM   1576 N  N   . LEU A 1 216 ? 9.195   16.751  8.366   1.00 40.01 ? 216 LEU A N   1 
ATOM   1577 C  CA  . LEU A 1 216 ? 9.148   15.333  8.737   1.00 43.01 ? 216 LEU A CA  1 
ATOM   1578 C  C   . LEU A 1 216 ? 10.291  14.935  9.681   1.00 44.71 ? 216 LEU A C   1 
ATOM   1579 O  O   . LEU A 1 216 ? 10.062  14.231  10.670  1.00 45.15 ? 216 LEU A O   1 
ATOM   1580 C  CB  . LEU A 1 216 ? 9.131   14.444  7.477   1.00 42.19 ? 216 LEU A CB  1 
ATOM   1581 C  CG  . LEU A 1 216 ? 8.885   12.946  7.628   1.00 44.30 ? 216 LEU A CG  1 
ATOM   1582 C  CD1 . LEU A 1 216 ? 7.441   12.643  8.080   1.00 43.07 ? 216 LEU A CD1 1 
ATOM   1583 C  CD2 . LEU A 1 216 ? 9.231   12.224  6.331   1.00 43.83 ? 216 LEU A CD2 1 
ATOM   1584 N  N   . GLU A 1 217 ? 11.506  15.404  9.390   1.00 46.70 ? 217 GLU A N   1 
ATOM   1585 C  CA  . GLU A 1 217 ? 12.704  14.960  10.112  1.00 49.04 ? 217 GLU A CA  1 
ATOM   1586 C  C   . GLU A 1 217 ? 13.097  15.850  11.295  1.00 50.41 ? 217 GLU A C   1 
ATOM   1587 O  O   . GLU A 1 217 ? 13.562  15.346  12.315  1.00 50.57 ? 217 GLU A O   1 
ATOM   1588 C  CB  . GLU A 1 217 ? 13.899  14.778  9.158   1.00 48.97 ? 217 GLU A CB  1 
ATOM   1589 C  CG  . GLU A 1 217 ? 13.655  13.791  7.988   1.00 50.43 ? 217 GLU A CG  1 
ATOM   1590 C  CD  . GLU A 1 217 ? 13.549  12.320  8.413   1.00 53.64 ? 217 GLU A CD  1 
ATOM   1591 O  OE1 . GLU A 1 217 ? 14.369  11.881  9.243   1.00 55.35 ? 217 GLU A OE1 1 
ATOM   1592 O  OE2 . GLU A 1 217 ? 12.654  11.594  7.901   1.00 53.91 ? 217 GLU A OE2 1 
ATOM   1593 N  N   . THR A 1 218 ? 12.918  17.161  11.150  1.00 52.48 ? 218 THR A N   1 
ATOM   1594 C  CA  . THR A 1 218 ? 13.349  18.137  12.162  1.00 54.42 ? 218 THR A CA  1 
ATOM   1595 C  C   . THR A 1 218 ? 12.160  18.951  12.651  1.00 55.93 ? 218 THR A C   1 
ATOM   1596 O  O   . THR A 1 218 ? 11.299  19.312  11.856  1.00 56.41 ? 218 THR A O   1 
ATOM   1597 C  CB  . THR A 1 218 ? 14.409  19.126  11.607  1.00 54.39 ? 218 THR A CB  1 
ATOM   1598 O  OG1 . THR A 1 218 ? 13.758  20.248  11.002  1.00 54.17 ? 218 THR A OG1 1 
ATOM   1599 C  CG2 . THR A 1 218 ? 15.327  18.456  10.581  1.00 54.63 ? 218 THR A CG2 1 
ATOM   1600 N  N   . GLY A 1 219 ? 12.125  19.263  13.948  1.00 57.73 ? 219 GLY A N   1 
ATOM   1601 C  CA  . GLY A 1 219 ? 10.997  19.995  14.543  1.00 59.57 ? 219 GLY A CA  1 
ATOM   1602 C  C   . GLY A 1 219 ? 9.702   19.214  14.379  1.00 60.92 ? 219 GLY A C   1 
ATOM   1603 O  O   . GLY A 1 219 ? 9.116   19.193  13.287  1.00 61.33 ? 219 GLY A O   1 
ATOM   1604 N  N   . ILE A 1 220 ? 9.254   18.578  15.464  1.00 61.80 ? 220 ILE A N   1 
ATOM   1605 C  CA  . ILE A 1 220 ? 8.163   17.588  15.416  1.00 62.58 ? 220 ILE A CA  1 
ATOM   1606 C  C   . ILE A 1 220 ? 6.772   18.229  15.224  1.00 62.87 ? 220 ILE A C   1 
ATOM   1607 O  O   . ILE A 1 220 ? 6.639   19.418  14.913  1.00 63.00 ? 220 ILE A O   1 
ATOM   1608 C  CB  . ILE A 1 220 ? 8.153   16.655  16.688  1.00 62.70 ? 220 ILE A CB  1 
ATOM   1609 C  CG1 . ILE A 1 220 ? 9.523   16.611  17.396  1.00 63.12 ? 220 ILE A CG1 1 
ATOM   1610 C  CG2 . ILE A 1 220 ? 7.625   15.256  16.342  1.00 62.46 ? 220 ILE A CG2 1 
ATOM   1611 C  CD1 . ILE A 1 220 ? 10.608  15.767  16.704  1.00 64.64 ? 220 ILE A CD1 1 
HETATM 1612 O  O   . HOH B 2 .   ? -13.645 -2.980  13.703  1.00 30.34 ? 301 HOH A O   1 
HETATM 1613 O  O   . HOH B 2 .   ? 6.018   -11.595 18.742  1.00 31.38 ? 302 HOH A O   1 
HETATM 1614 O  O   . HOH B 2 .   ? -8.791  -8.200  -8.679  1.00 33.04 ? 303 HOH A O   1 
HETATM 1615 O  O   . HOH B 2 .   ? 2.682   10.328  1.048   1.00 33.99 ? 304 HOH A O   1 
HETATM 1616 O  O   . HOH B 2 .   ? -4.052  -3.446  -6.680  1.00 35.01 ? 305 HOH A O   1 
HETATM 1617 O  O   . HOH B 2 .   ? 11.294  -1.996  5.463   1.00 35.35 ? 306 HOH A O   1 
HETATM 1618 O  O   . HOH B 2 .   ? 2.970   -10.076 20.994  1.00 35.47 ? 307 HOH A O   1 
HETATM 1619 O  O   . HOH B 2 .   ? 4.058   3.343   3.439   1.00 35.48 ? 308 HOH A O   1 
HETATM 1620 O  O   . HOH B 2 .   ? 2.700   -17.717 -13.121 1.00 35.59 ? 309 HOH A O   1 
HETATM 1621 O  O   . HOH B 2 .   ? -1.569  -23.749 8.934   1.00 36.19 ? 310 HOH A O   1 
HETATM 1622 O  O   . HOH B 2 .   ? 7.566   5.687   9.296   1.00 36.32 ? 311 HOH A O   1 
HETATM 1623 O  O   . HOH B 2 .   ? -3.239  -17.815 3.726   1.00 37.51 ? 312 HOH A O   1 
HETATM 1624 O  O   . HOH B 2 .   ? 14.306  -9.100  -3.667  1.00 37.67 ? 313 HOH A O   1 
HETATM 1625 O  O   . HOH B 2 .   ? -0.071  29.660  -10.559 1.00 37.90 ? 314 HOH A O   1 
HETATM 1626 O  O   . HOH B 2 .   ? -8.645  -24.103 8.393   1.00 37.98 ? 315 HOH A O   1 
HETATM 1627 O  O   . HOH B 2 .   ? 6.204   2.943   12.090  1.00 39.23 ? 316 HOH A O   1 
HETATM 1628 O  O   . HOH B 2 .   ? -2.392  7.226   4.315   1.00 39.37 ? 317 HOH A O   1 
HETATM 1629 O  O   . HOH B 2 .   ? 36.191  -35.580 23.608  1.00 40.32 ? 318 HOH A O   1 
HETATM 1630 O  O   . HOH B 2 .   ? -9.918  -12.404 15.164  1.00 41.24 ? 319 HOH A O   1 
HETATM 1631 O  O   . HOH B 2 .   ? -6.779  -20.092 -16.056 1.00 41.84 ? 320 HOH A O   1 
HETATM 1632 O  O   . HOH B 2 .   ? -1.408  27.850  -8.383  1.00 42.48 ? 321 HOH A O   1 
HETATM 1633 O  O   . HOH B 2 .   ? 13.606  13.754  -4.872  1.00 42.53 ? 322 HOH A O   1 
HETATM 1634 O  O   . HOH B 2 .   ? -12.322 -17.093 -5.699  1.00 43.78 ? 323 HOH A O   1 
HETATM 1635 O  O   . HOH B 2 .   ? 17.624  26.364  -18.113 1.00 45.65 ? 324 HOH A O   1 
HETATM 1636 O  O   . HOH B 2 .   ? 6.618   1.435   -4.870  1.00 46.37 ? 325 HOH A O   1 
HETATM 1637 O  O   . HOH B 2 .   ? 3.078   4.302   14.999  1.00 47.29 ? 326 HOH A O   1 
HETATM 1638 O  O   . HOH B 2 .   ? 1.054   4.335   1.098   1.00 47.33 ? 327 HOH A O   1 
HETATM 1639 O  O   . HOH B 2 .   ? 15.365  14.876  -13.776 1.00 47.98 ? 328 HOH A O   1 
HETATM 1640 O  O   . HOH B 2 .   ? -0.531  -5.500  17.756  1.00 48.02 ? 329 HOH A O   1 
HETATM 1641 O  O   . HOH B 2 .   ? 5.641   -13.225 12.090  1.00 48.59 ? 330 HOH A O   1 
HETATM 1642 O  O   . HOH B 2 .   ? -1.487  -10.310 20.305  1.00 50.31 ? 331 HOH A O   1 
HETATM 1643 O  O   . HOH B 2 .   ? 10.545  1.921   -2.501  1.00 50.47 ? 332 HOH A O   1 
HETATM 1644 O  O   . HOH B 2 .   ? 10.916  4.400   -0.511  1.00 51.24 ? 333 HOH A O   1 
HETATM 1645 O  O   . HOH B 2 .   ? 11.417  3.447   1.931   1.00 52.22 ? 334 HOH A O   1 
HETATM 1646 O  O   . HOH B 2 .   ? 10.153  3.955   5.596   1.00 54.00 ? 335 HOH A O   1 
HETATM 1647 O  O   . HOH B 2 .   ? 9.415   7.394   2.741   1.00 55.78 ? 336 HOH A O   1 
HETATM 1648 O  O   . HOH B 2 .   ? 36.013  -33.727 8.861   1.00 55.95 ? 337 HOH A O   1 
HETATM 1649 O  O   . HOH B 2 .   ? -2.697  9.934   5.045   1.00 57.90 ? 338 HOH A O   1 
# 
